data_2PEO
# 
_entry.id   2PEO 
# 
_audit_conform.dict_name       mmcif_pdbx.dic 
_audit_conform.dict_version    5.377 
_audit_conform.dict_location   http://mmcif.pdb.org/dictionaries/ascii/mmcif_pdbx.dic 
# 
loop_
_database_2.database_id 
_database_2.database_code 
_database_2.pdbx_database_accession 
_database_2.pdbx_DOI 
PDB   2PEO         pdb_00002peo 10.2210/pdb2peo/pdb 
RCSB  RCSB042293   ?            ?                   
WWPDB D_1000042293 ?            ?                   
# 
loop_
_pdbx_database_related.db_name 
_pdbx_database_related.db_id 
_pdbx_database_related.details 
_pdbx_database_related.content_type 
PDB 2PEI 'Crystal structure of selenomethionine-labeled RbcX'  unspecified 
PDB 2PEJ 'Crystal structure of RbcX double mutant Y17A/Y20L'   unspecified 
PDB 2PEK 'Crystal structure of RbcX mutant Q29A'               unspecified 
PDB 2PEM 'Crystal structure of RbcX in complex with substrate' unspecified 
PDB 2PEN 'Crystal structure of RbcX, crystal form I'           unspecified 
PDB 2PEQ 'Crystal structure of RbcX, crystal form II'          unspecified 
# 
_pdbx_database_status.entry_id                        2PEO 
_pdbx_database_status.deposit_site                    RCSB 
_pdbx_database_status.process_site                    RCSB 
_pdbx_database_status.recvd_initial_deposition_date   2007-04-03 
_pdbx_database_status.status_code                     REL 
_pdbx_database_status.status_code_sf                  REL 
_pdbx_database_status.status_code_mr                  ? 
_pdbx_database_status.SG_entry                        ? 
_pdbx_database_status.pdb_format_compatible           Y 
_pdbx_database_status.status_code_cs                  ? 
_pdbx_database_status.methods_development_category    ? 
_pdbx_database_status.status_code_nmr_data            ? 
# 
loop_
_audit_author.name 
_audit_author.pdbx_ordinal 
'Saschenbrecker, S.' 1 
'Bracher, A.'        2 
'Vasudeva Rao, K.'   3 
'Vasudeva Rao, B.'   4 
'Hartl, F.U.'        5 
'Hayer-Hartl, M.'    6 
# 
_citation.id                        primary 
_citation.title                     'Structure and Function of RbcX, an Assembly Chaperone for Hexadecameric Rubisco.' 
_citation.journal_abbrev            'Cell(Cambridge,Mass.)' 
_citation.journal_volume            129 
_citation.page_first                1189 
_citation.page_last                 1200 
_citation.year                      2007 
_citation.journal_id_ASTM           CELLB5 
_citation.country                   US 
_citation.journal_id_ISSN           0092-8674 
_citation.journal_id_CSD            0998 
_citation.book_publisher            ? 
_citation.pdbx_database_id_PubMed   17574029 
_citation.pdbx_database_id_DOI      10.1016/j.cell.2007.04.025 
# 
loop_
_citation_author.citation_id 
_citation_author.name 
_citation_author.ordinal 
_citation_author.identifier_ORCID 
primary 'Saschenbrecker, S.' 1 ? 
primary 'Bracher, A.'        2 ? 
primary 'Rao, K.V.'          3 ? 
primary 'Rao, B.V.'          4 ? 
primary 'Hartl, F.U.'        5 ? 
primary 'Hayer-Hartl, M.'    6 ? 
# 
_cell.length_a           69.021 
_cell.length_b           69.021 
_cell.length_c           113.805 
_cell.angle_alpha        90.000 
_cell.angle_beta         90.000 
_cell.angle_gamma        120.000 
_cell.entry_id           2PEO 
_cell.pdbx_unique_axis   ? 
_cell.Z_PDB              12 
_cell.length_a_esd       ? 
_cell.length_b_esd       ? 
_cell.length_c_esd       ? 
_cell.angle_alpha_esd    ? 
_cell.angle_beta_esd     ? 
_cell.angle_gamma_esd    ? 
# 
_symmetry.space_group_name_H-M             'P 65' 
_symmetry.entry_id                         2PEO 
_symmetry.Int_Tables_number                170 
_symmetry.pdbx_full_space_group_name_H-M   ? 
_symmetry.cell_setting                     ? 
_symmetry.space_group_name_Hall            ? 
# 
loop_
_entity.id 
_entity.type 
_entity.src_method 
_entity.pdbx_description 
_entity.formula_weight 
_entity.pdbx_number_of_molecules 
_entity.pdbx_ec 
_entity.pdbx_mutation 
_entity.pdbx_fragment 
_entity.details 
1 polymer man 'RbcX protein' 17694.930 2  ? ? ? ? 
2 water   nat water          18.015    14 ? ? ? ? 
# 
_entity_poly.entity_id                      1 
_entity_poly.type                           'polypeptide(L)' 
_entity_poly.nstd_linkage                   no 
_entity_poly.nstd_monomer                   no 
_entity_poly.pdbx_seq_one_letter_code       
;MGSSHHHHHHSSGLVPRGSHMNLKQIAKDTAKTLQSYLTYQALRTVLAQLGETNPPLALWLHNFSAGKVQDGEKYIEELF
LEKPDLALRIMTVREHIAEEIAEFLPEMVVTGIQQANMEKRRQHLERMTQVSLSHPSPESEQQQFSDPDWDNLAS
;
_entity_poly.pdbx_seq_one_letter_code_can   
;MGSSHHHHHHSSGLVPRGSHMNLKQIAKDTAKTLQSYLTYQALRTVLAQLGETNPPLALWLHNFSAGKVQDGEKYIEELF
LEKPDLALRIMTVREHIAEEIAEFLPEMVVTGIQQANMEKRRQHLERMTQVSLSHPSPESEQQQFSDPDWDNLAS
;
_entity_poly.pdbx_strand_id                 A,B 
_entity_poly.pdbx_target_identifier         ? 
# 
loop_
_entity_poly_seq.entity_id 
_entity_poly_seq.num 
_entity_poly_seq.mon_id 
_entity_poly_seq.hetero 
1 1   MET n 
1 2   GLY n 
1 3   SER n 
1 4   SER n 
1 5   HIS n 
1 6   HIS n 
1 7   HIS n 
1 8   HIS n 
1 9   HIS n 
1 10  HIS n 
1 11  SER n 
1 12  SER n 
1 13  GLY n 
1 14  LEU n 
1 15  VAL n 
1 16  PRO n 
1 17  ARG n 
1 18  GLY n 
1 19  SER n 
1 20  HIS n 
1 21  MET n 
1 22  ASN n 
1 23  LEU n 
1 24  LYS n 
1 25  GLN n 
1 26  ILE n 
1 27  ALA n 
1 28  LYS n 
1 29  ASP n 
1 30  THR n 
1 31  ALA n 
1 32  LYS n 
1 33  THR n 
1 34  LEU n 
1 35  GLN n 
1 36  SER n 
1 37  TYR n 
1 38  LEU n 
1 39  THR n 
1 40  TYR n 
1 41  GLN n 
1 42  ALA n 
1 43  LEU n 
1 44  ARG n 
1 45  THR n 
1 46  VAL n 
1 47  LEU n 
1 48  ALA n 
1 49  GLN n 
1 50  LEU n 
1 51  GLY n 
1 52  GLU n 
1 53  THR n 
1 54  ASN n 
1 55  PRO n 
1 56  PRO n 
1 57  LEU n 
1 58  ALA n 
1 59  LEU n 
1 60  TRP n 
1 61  LEU n 
1 62  HIS n 
1 63  ASN n 
1 64  PHE n 
1 65  SER n 
1 66  ALA n 
1 67  GLY n 
1 68  LYS n 
1 69  VAL n 
1 70  GLN n 
1 71  ASP n 
1 72  GLY n 
1 73  GLU n 
1 74  LYS n 
1 75  TYR n 
1 76  ILE n 
1 77  GLU n 
1 78  GLU n 
1 79  LEU n 
1 80  PHE n 
1 81  LEU n 
1 82  GLU n 
1 83  LYS n 
1 84  PRO n 
1 85  ASP n 
1 86  LEU n 
1 87  ALA n 
1 88  LEU n 
1 89  ARG n 
1 90  ILE n 
1 91  MET n 
1 92  THR n 
1 93  VAL n 
1 94  ARG n 
1 95  GLU n 
1 96  HIS n 
1 97  ILE n 
1 98  ALA n 
1 99  GLU n 
1 100 GLU n 
1 101 ILE n 
1 102 ALA n 
1 103 GLU n 
1 104 PHE n 
1 105 LEU n 
1 106 PRO n 
1 107 GLU n 
1 108 MET n 
1 109 VAL n 
1 110 VAL n 
1 111 THR n 
1 112 GLY n 
1 113 ILE n 
1 114 GLN n 
1 115 GLN n 
1 116 ALA n 
1 117 ASN n 
1 118 MET n 
1 119 GLU n 
1 120 LYS n 
1 121 ARG n 
1 122 ARG n 
1 123 GLN n 
1 124 HIS n 
1 125 LEU n 
1 126 GLU n 
1 127 ARG n 
1 128 MET n 
1 129 THR n 
1 130 GLN n 
1 131 VAL n 
1 132 SER n 
1 133 LEU n 
1 134 SER n 
1 135 HIS n 
1 136 PRO n 
1 137 SER n 
1 138 PRO n 
1 139 GLU n 
1 140 SER n 
1 141 GLU n 
1 142 GLN n 
1 143 GLN n 
1 144 GLN n 
1 145 PHE n 
1 146 SER n 
1 147 ASP n 
1 148 PRO n 
1 149 ASP n 
1 150 TRP n 
1 151 ASP n 
1 152 ASN n 
1 153 LEU n 
1 154 ALA n 
1 155 SER n 
# 
_entity_src_gen.entity_id                          1 
_entity_src_gen.pdbx_src_id                        1 
_entity_src_gen.pdbx_alt_source_flag               sample 
_entity_src_gen.pdbx_seq_type                      ? 
_entity_src_gen.pdbx_beg_seq_num                   ? 
_entity_src_gen.pdbx_end_seq_num                   ? 
_entity_src_gen.gene_src_common_name               ? 
_entity_src_gen.gene_src_genus                     Anabaena 
_entity_src_gen.pdbx_gene_src_gene                 rbcX 
_entity_src_gen.gene_src_species                   ? 
_entity_src_gen.gene_src_strain                    CA 
_entity_src_gen.gene_src_tissue                    ? 
_entity_src_gen.gene_src_tissue_fraction           ? 
_entity_src_gen.gene_src_details                   ? 
_entity_src_gen.pdbx_gene_src_fragment             ? 
_entity_src_gen.pdbx_gene_src_scientific_name      'Anabaena sp.' 
_entity_src_gen.pdbx_gene_src_ncbi_taxonomy_id     52271 
_entity_src_gen.pdbx_gene_src_variant              ? 
_entity_src_gen.pdbx_gene_src_cell_line            ? 
_entity_src_gen.pdbx_gene_src_atcc                 33047 
_entity_src_gen.pdbx_gene_src_organ                ? 
_entity_src_gen.pdbx_gene_src_organelle            ? 
_entity_src_gen.pdbx_gene_src_cell                 ? 
_entity_src_gen.pdbx_gene_src_cellular_location    ? 
_entity_src_gen.host_org_common_name               ? 
_entity_src_gen.pdbx_host_org_scientific_name      'Escherichia coli BL21(DE3)' 
_entity_src_gen.pdbx_host_org_ncbi_taxonomy_id     469008 
_entity_src_gen.host_org_genus                     Escherichia 
_entity_src_gen.pdbx_host_org_gene                 ? 
_entity_src_gen.pdbx_host_org_organ                ? 
_entity_src_gen.host_org_species                   'Escherichia coli' 
_entity_src_gen.pdbx_host_org_tissue               ? 
_entity_src_gen.pdbx_host_org_tissue_fraction      ? 
_entity_src_gen.pdbx_host_org_strain               'BL21(DE3)' 
_entity_src_gen.pdbx_host_org_variant              ? 
_entity_src_gen.pdbx_host_org_cell_line            ? 
_entity_src_gen.pdbx_host_org_atcc                 ? 
_entity_src_gen.pdbx_host_org_culture_collection   ? 
_entity_src_gen.pdbx_host_org_cell                 ? 
_entity_src_gen.pdbx_host_org_organelle            ? 
_entity_src_gen.pdbx_host_org_cellular_location    ? 
_entity_src_gen.pdbx_host_org_vector_type          plasmid 
_entity_src_gen.pdbx_host_org_vector               ? 
_entity_src_gen.host_org_details                   ? 
_entity_src_gen.expression_system_id               ? 
_entity_src_gen.plasmid_name                       pET28b 
_entity_src_gen.plasmid_details                    ? 
_entity_src_gen.pdbx_description                   ? 
# 
_struct_ref.id                         1 
_struct_ref.db_name                    UNP 
_struct_ref.db_code                    Q44212_9NOST 
_struct_ref.pdbx_db_accession          Q44212 
_struct_ref.entity_id                  1 
_struct_ref.pdbx_seq_one_letter_code   
;MNLKQIAKDTAKTLQSYLTYQALRTVLAQLGETNPPLALWLHNFSAGKVQDGEKYIEELFLEKPDLALRIMTVREHIAEE
IAEFLPEMVVTGIQQANMEKRRQHLERMTQVSLSHPSPESEQQQFSDPDWDNLAS
;
_struct_ref.pdbx_align_begin           1 
_struct_ref.pdbx_db_isoform            ? 
# 
loop_
_struct_ref_seq.align_id 
_struct_ref_seq.ref_id 
_struct_ref_seq.pdbx_PDB_id_code 
_struct_ref_seq.pdbx_strand_id 
_struct_ref_seq.seq_align_beg 
_struct_ref_seq.pdbx_seq_align_beg_ins_code 
_struct_ref_seq.seq_align_end 
_struct_ref_seq.pdbx_seq_align_end_ins_code 
_struct_ref_seq.pdbx_db_accession 
_struct_ref_seq.db_align_beg 
_struct_ref_seq.pdbx_db_align_beg_ins_code 
_struct_ref_seq.db_align_end 
_struct_ref_seq.pdbx_db_align_end_ins_code 
_struct_ref_seq.pdbx_auth_seq_align_beg 
_struct_ref_seq.pdbx_auth_seq_align_end 
1 1 2PEO A 21 ? 155 ? Q44212 1 ? 135 ? 1 135 
2 1 2PEO B 21 ? 155 ? Q44212 1 ? 135 ? 1 135 
# 
loop_
_struct_ref_seq_dif.align_id 
_struct_ref_seq_dif.pdbx_pdb_id_code 
_struct_ref_seq_dif.mon_id 
_struct_ref_seq_dif.pdbx_pdb_strand_id 
_struct_ref_seq_dif.seq_num 
_struct_ref_seq_dif.pdbx_pdb_ins_code 
_struct_ref_seq_dif.pdbx_seq_db_name 
_struct_ref_seq_dif.pdbx_seq_db_accession_code 
_struct_ref_seq_dif.db_mon_id 
_struct_ref_seq_dif.pdbx_seq_db_seq_num 
_struct_ref_seq_dif.details 
_struct_ref_seq_dif.pdbx_auth_seq_num 
_struct_ref_seq_dif.pdbx_ordinal 
1 2PEO MET A 1  ? UNP Q44212 ? ? 'cloning artifact' -19 1  
1 2PEO GLY A 2  ? UNP Q44212 ? ? 'cloning artifact' -18 2  
1 2PEO SER A 3  ? UNP Q44212 ? ? 'cloning artifact' -17 3  
1 2PEO SER A 4  ? UNP Q44212 ? ? 'cloning artifact' -16 4  
1 2PEO HIS A 5  ? UNP Q44212 ? ? 'cloning artifact' -15 5  
1 2PEO HIS A 6  ? UNP Q44212 ? ? 'cloning artifact' -14 6  
1 2PEO HIS A 7  ? UNP Q44212 ? ? 'cloning artifact' -13 7  
1 2PEO HIS A 8  ? UNP Q44212 ? ? 'cloning artifact' -12 8  
1 2PEO HIS A 9  ? UNP Q44212 ? ? 'cloning artifact' -11 9  
1 2PEO HIS A 10 ? UNP Q44212 ? ? 'cloning artifact' -10 10 
1 2PEO SER A 11 ? UNP Q44212 ? ? 'cloning artifact' -9  11 
1 2PEO SER A 12 ? UNP Q44212 ? ? 'cloning artifact' -8  12 
1 2PEO GLY A 13 ? UNP Q44212 ? ? 'cloning artifact' -7  13 
1 2PEO LEU A 14 ? UNP Q44212 ? ? 'cloning artifact' -6  14 
1 2PEO VAL A 15 ? UNP Q44212 ? ? 'cloning artifact' -5  15 
1 2PEO PRO A 16 ? UNP Q44212 ? ? 'cloning artifact' -4  16 
1 2PEO ARG A 17 ? UNP Q44212 ? ? 'cloning artifact' -3  17 
1 2PEO GLY A 18 ? UNP Q44212 ? ? 'cloning artifact' -2  18 
1 2PEO SER A 19 ? UNP Q44212 ? ? 'cloning artifact' -1  19 
1 2PEO HIS A 20 ? UNP Q44212 ? ? 'cloning artifact' 0   20 
2 2PEO MET B 1  ? UNP Q44212 ? ? 'cloning artifact' -19 21 
2 2PEO GLY B 2  ? UNP Q44212 ? ? 'cloning artifact' -18 22 
2 2PEO SER B 3  ? UNP Q44212 ? ? 'cloning artifact' -17 23 
2 2PEO SER B 4  ? UNP Q44212 ? ? 'cloning artifact' -16 24 
2 2PEO HIS B 5  ? UNP Q44212 ? ? 'cloning artifact' -15 25 
2 2PEO HIS B 6  ? UNP Q44212 ? ? 'cloning artifact' -14 26 
2 2PEO HIS B 7  ? UNP Q44212 ? ? 'cloning artifact' -13 27 
2 2PEO HIS B 8  ? UNP Q44212 ? ? 'cloning artifact' -12 28 
2 2PEO HIS B 9  ? UNP Q44212 ? ? 'cloning artifact' -11 29 
2 2PEO HIS B 10 ? UNP Q44212 ? ? 'cloning artifact' -10 30 
2 2PEO SER B 11 ? UNP Q44212 ? ? 'cloning artifact' -9  31 
2 2PEO SER B 12 ? UNP Q44212 ? ? 'cloning artifact' -8  32 
2 2PEO GLY B 13 ? UNP Q44212 ? ? 'cloning artifact' -7  33 
2 2PEO LEU B 14 ? UNP Q44212 ? ? 'cloning artifact' -6  34 
2 2PEO VAL B 15 ? UNP Q44212 ? ? 'cloning artifact' -5  35 
2 2PEO PRO B 16 ? UNP Q44212 ? ? 'cloning artifact' -4  36 
2 2PEO ARG B 17 ? UNP Q44212 ? ? 'cloning artifact' -3  37 
2 2PEO GLY B 18 ? UNP Q44212 ? ? 'cloning artifact' -2  38 
2 2PEO SER B 19 ? UNP Q44212 ? ? 'cloning artifact' -1  39 
2 2PEO HIS B 20 ? UNP Q44212 ? ? 'cloning artifact' 0   40 
# 
loop_
_chem_comp.id 
_chem_comp.type 
_chem_comp.mon_nstd_flag 
_chem_comp.name 
_chem_comp.pdbx_synonyms 
_chem_comp.formula 
_chem_comp.formula_weight 
ALA 'L-peptide linking' y ALANINE         ? 'C3 H7 N O2'     89.093  
ARG 'L-peptide linking' y ARGININE        ? 'C6 H15 N4 O2 1' 175.209 
ASN 'L-peptide linking' y ASPARAGINE      ? 'C4 H8 N2 O3'    132.118 
ASP 'L-peptide linking' y 'ASPARTIC ACID' ? 'C4 H7 N O4'     133.103 
GLN 'L-peptide linking' y GLUTAMINE       ? 'C5 H10 N2 O3'   146.144 
GLU 'L-peptide linking' y 'GLUTAMIC ACID' ? 'C5 H9 N O4'     147.129 
GLY 'peptide linking'   y GLYCINE         ? 'C2 H5 N O2'     75.067  
HIS 'L-peptide linking' y HISTIDINE       ? 'C6 H10 N3 O2 1' 156.162 
HOH non-polymer         . WATER           ? 'H2 O'           18.015  
ILE 'L-peptide linking' y ISOLEUCINE      ? 'C6 H13 N O2'    131.173 
LEU 'L-peptide linking' y LEUCINE         ? 'C6 H13 N O2'    131.173 
LYS 'L-peptide linking' y LYSINE          ? 'C6 H15 N2 O2 1' 147.195 
MET 'L-peptide linking' y METHIONINE      ? 'C5 H11 N O2 S'  149.211 
PHE 'L-peptide linking' y PHENYLALANINE   ? 'C9 H11 N O2'    165.189 
PRO 'L-peptide linking' y PROLINE         ? 'C5 H9 N O2'     115.130 
SER 'L-peptide linking' y SERINE          ? 'C3 H7 N O3'     105.093 
THR 'L-peptide linking' y THREONINE       ? 'C4 H9 N O3'     119.119 
TRP 'L-peptide linking' y TRYPTOPHAN      ? 'C11 H12 N2 O2'  204.225 
TYR 'L-peptide linking' y TYROSINE        ? 'C9 H11 N O3'    181.189 
VAL 'L-peptide linking' y VALINE          ? 'C5 H11 N O2'    117.146 
# 
_exptl.crystals_number   1 
_exptl.entry_id          2PEO 
_exptl.method            'X-RAY DIFFRACTION' 
# 
_exptl_crystal.id                    1 
_exptl_crystal.density_percent_sol   44.35 
_exptl_crystal.density_Matthews      2.21 
_exptl_crystal.density_meas          ? 
_exptl_crystal.description           ? 
_exptl_crystal.F_000                 ? 
_exptl_crystal.preparation           ? 
# 
_exptl_crystal_grow.crystal_id      1 
_exptl_crystal_grow.method          'VAPOR DIFFUSION, HANGING DROP' 
_exptl_crystal_grow.pH              5.6 
_exptl_crystal_grow.temp            293 
_exptl_crystal_grow.pdbx_details    
'1.0 M Ammonium phosphate, 0.1 M Sodium citrate pH 5.6, VAPOR DIFFUSION, HANGING DROP, temperature 293K' 
_exptl_crystal_grow.temp_details    ? 
_exptl_crystal_grow.pdbx_pH_range   . 
# 
_diffrn.id                     1 
_diffrn.ambient_temp           100 
_diffrn.ambient_temp_details   ? 
_diffrn.crystal_id             1 
# 
_diffrn_detector.diffrn_id              1 
_diffrn_detector.detector               CCD 
_diffrn_detector.type                   'MARMOSAIC 225 mm CCD' 
_diffrn_detector.pdbx_collection_date   2006-03-18 
_diffrn_detector.details                ? 
# 
_diffrn_radiation.diffrn_id                        1 
_diffrn_radiation.pdbx_diffrn_protocol             'SINGLE WAVELENGTH' 
_diffrn_radiation.monochromator                    ? 
_diffrn_radiation.wavelength_id                    1 
_diffrn_radiation.pdbx_monochromatic_or_laue_m_l   M 
_diffrn_radiation.pdbx_scattering_type             x-ray 
# 
_diffrn_radiation_wavelength.id           1 
_diffrn_radiation_wavelength.wavelength   1.07200 
_diffrn_radiation_wavelength.wt           1.0 
# 
_diffrn_source.diffrn_id                   1 
_diffrn_source.source                      SYNCHROTRON 
_diffrn_source.type                        'SLS BEAMLINE X10SA' 
_diffrn_source.pdbx_wavelength_list        1.07200 
_diffrn_source.pdbx_wavelength             ? 
_diffrn_source.pdbx_synchrotron_site       SLS 
_diffrn_source.pdbx_synchrotron_beamline   X10SA 
# 
_reflns.entry_id                     2PEO 
_reflns.d_resolution_high            2.400 
_reflns.d_resolution_low             59.774 
_reflns.number_obs                   11805 
_reflns.pdbx_Rmerge_I_obs            0.078 
_reflns.pdbx_netI_over_sigmaI        8.300 
_reflns.pdbx_Rsym_value              0.078 
_reflns.pdbx_redundancy              3.600 
_reflns.percent_possible_obs         98.100 
_reflns.observed_criterion_sigma_F   ? 
_reflns.observed_criterion_sigma_I   ? 
_reflns.number_all                   ? 
_reflns.B_iso_Wilson_estimate        41.512 
_reflns.R_free_details               ? 
_reflns.limit_h_max                  ? 
_reflns.limit_h_min                  ? 
_reflns.limit_k_max                  ? 
_reflns.limit_k_min                  ? 
_reflns.limit_l_max                  ? 
_reflns.limit_l_min                  ? 
_reflns.observed_criterion_F_max     ? 
_reflns.observed_criterion_F_min     ? 
_reflns.pdbx_chi_squared             ? 
_reflns.pdbx_scaling_rejects         ? 
_reflns.pdbx_ordinal                 1 
_reflns.pdbx_diffrn_id               1 
# 
loop_
_reflns_shell.d_res_high 
_reflns_shell.d_res_low 
_reflns_shell.number_measured_obs 
_reflns_shell.number_measured_all 
_reflns_shell.number_unique_obs 
_reflns_shell.Rmerge_I_obs 
_reflns_shell.meanI_over_sigI_obs 
_reflns_shell.pdbx_Rsym_value 
_reflns_shell.pdbx_chi_squared 
_reflns_shell.pdbx_redundancy 
_reflns_shell.percent_possible_obs 
_reflns_shell.number_unique_all 
_reflns_shell.percent_possible_all 
_reflns_shell.pdbx_ordinal 
_reflns_shell.pdbx_diffrn_id 
2.40 2.53  ? 4442 ? 0.444 1.7  0.444 ? 2.90 ? 1542 88.20  1  1 
2.53 2.68  ? 5539 ? 0.336 2.3  0.336 ? 3.40 ? 1645 99.90  2  1 
2.68 2.87  ? 5922 ? 0.308 2.4  0.308 ? 3.80 ? 1563 99.90  3  1 
2.87 3.10  ? 5522 ? 0.201 3.6  0.201 ? 3.80 ? 1450 100.00 4  1 
3.10 3.39  ? 5060 ? 0.120 6.2  0.120 ? 3.80 ? 1331 100.00 5  1 
3.39 3.79  ? 4639 ? 0.075 9.0  0.075 ? 3.80 ? 1213 99.90  6  1 
3.79 4.38  ? 4094 ? 0.047 14.7 0.047 ? 3.80 ? 1069 99.90  7  1 
4.38 5.37  ? 3509 ? 0.039 15.1 0.039 ? 3.80 ? 914  99.90  8  1 
5.37 7.59  ? 2660 ? 0.051 12.2 0.051 ? 3.80 ? 699  99.80  9  1 
7.59 59.76 ? 1427 ? 0.027 19.3 0.027 ? 3.80 ? 379  96.60  10 1 
# 
_refine.entry_id                                 2PEO 
_refine.ls_d_res_high                            2.500 
_refine.ls_d_res_low                             20.000 
_refine.pdbx_ls_sigma_F                          0.00 
_refine.ls_percent_reflns_obs                    99.840 
_refine.ls_number_reflns_obs                     10630 
_refine.pdbx_ls_cross_valid_method               THROUGHOUT 
_refine.pdbx_R_Free_selection_details            RANDOM 
_refine.details                                  'HYDROGENS HAVE BEEN ADDED IN THE RIDING POSITIONS' 
_refine.ls_R_factor_obs                          0.244 
_refine.ls_R_factor_R_work                       0.241 
_refine.ls_R_factor_R_free                       0.298 
_refine.ls_percent_reflns_R_free                 4.700 
_refine.ls_number_reflns_R_free                  502 
_refine.B_iso_mean                               41.152 
_refine.aniso_B[1][1]                            2.310 
_refine.aniso_B[2][2]                            2.310 
_refine.aniso_B[3][3]                            -3.470 
_refine.aniso_B[1][2]                            1.160 
_refine.aniso_B[1][3]                            0.000 
_refine.aniso_B[2][3]                            0.000 
_refine.correlation_coeff_Fo_to_Fc               0.920 
_refine.correlation_coeff_Fo_to_Fc_free          0.876 
_refine.pdbx_overall_ESU_R                       0.467 
_refine.pdbx_overall_ESU_R_Free                  0.317 
_refine.overall_SU_ML                            0.257 
_refine.overall_SU_B                             11.201 
_refine.solvent_model_details                    MASK 
_refine.pdbx_solvent_vdw_probe_radii             1.200 
_refine.pdbx_solvent_ion_probe_radii             0.800 
_refine.pdbx_solvent_shrinkage_radii             0.800 
_refine.pdbx_stereochemistry_target_values       'MAXIMUM LIKELIHOOD' 
_refine.pdbx_ls_sigma_I                          ? 
_refine.ls_number_reflns_all                     ? 
_refine.ls_R_factor_all                          ? 
_refine.ls_redundancy_reflns_obs                 ? 
_refine.pdbx_data_cutoff_high_absF               ? 
_refine.pdbx_data_cutoff_low_absF                ? 
_refine.ls_number_parameters                     ? 
_refine.ls_number_restraints                     ? 
_refine.ls_R_factor_R_free_error                 ? 
_refine.ls_R_factor_R_free_error_details         ? 
_refine.pdbx_method_to_determine_struct          'MOLECULAR REPLACEMENT' 
_refine.pdbx_starting_model                      'PDB entry 2PEN' 
_refine.pdbx_stereochem_target_val_spec_case     ? 
_refine.solvent_model_param_bsol                 ? 
_refine.solvent_model_param_ksol                 ? 
_refine.occupancy_max                            ? 
_refine.occupancy_min                            ? 
_refine.pdbx_isotropic_thermal_model             ? 
_refine.B_iso_min                                ? 
_refine.B_iso_max                                ? 
_refine.overall_SU_R_Cruickshank_DPI             ? 
_refine.overall_SU_R_free                        ? 
_refine.pdbx_data_cutoff_high_rms_absF           ? 
_refine.ls_wR_factor_R_free                      ? 
_refine.ls_wR_factor_R_work                      ? 
_refine.overall_FOM_free_R_set                   ? 
_refine.overall_FOM_work_R_set                   ? 
_refine.pdbx_refine_id                           'X-RAY DIFFRACTION' 
_refine.pdbx_diffrn_id                           1 
_refine.pdbx_TLS_residual_ADP_flag               ? 
_refine.pdbx_overall_phase_error                 ? 
_refine.pdbx_overall_SU_R_free_Cruickshank_DPI   ? 
_refine.pdbx_overall_SU_R_Blow_DPI               ? 
_refine.pdbx_overall_SU_R_free_Blow_DPI          ? 
# 
_refine_hist.pdbx_refine_id                   'X-RAY DIFFRACTION' 
_refine_hist.cycle_id                         LAST 
_refine_hist.pdbx_number_atoms_protein        1755 
_refine_hist.pdbx_number_atoms_nucleic_acid   0 
_refine_hist.pdbx_number_atoms_ligand         0 
_refine_hist.number_atoms_solvent             14 
_refine_hist.number_atoms_total               1769 
_refine_hist.d_res_high                       2.500 
_refine_hist.d_res_low                        20.000 
# 
loop_
_refine_ls_restr.type 
_refine_ls_restr.number 
_refine_ls_restr.dev_ideal 
_refine_ls_restr.dev_ideal_target 
_refine_ls_restr.weight 
_refine_ls_restr.pdbx_refine_id 
_refine_ls_restr.pdbx_restraint_function 
r_bond_refined_d         1782 0.012  0.022  ? 'X-RAY DIFFRACTION' ? 
r_angle_refined_deg      2412 1.448  1.967  ? 'X-RAY DIFFRACTION' ? 
r_dihedral_angle_1_deg   221  6.571  5.000  ? 'X-RAY DIFFRACTION' ? 
r_dihedral_angle_2_deg   80   34.735 24.625 ? 'X-RAY DIFFRACTION' ? 
r_dihedral_angle_3_deg   316  21.533 15.000 ? 'X-RAY DIFFRACTION' ? 
r_dihedral_angle_4_deg   11   28.005 15.000 ? 'X-RAY DIFFRACTION' ? 
r_chiral_restr           284  0.096  0.200  ? 'X-RAY DIFFRACTION' ? 
r_gen_planes_refined     1315 0.005  0.020  ? 'X-RAY DIFFRACTION' ? 
r_nbd_refined            857  0.246  0.200  ? 'X-RAY DIFFRACTION' ? 
r_nbtor_refined          1240 0.304  0.200  ? 'X-RAY DIFFRACTION' ? 
r_xyhbond_nbd_refined    66   0.169  0.200  ? 'X-RAY DIFFRACTION' ? 
r_symmetry_vdw_refined   59   0.226  0.200  ? 'X-RAY DIFFRACTION' ? 
r_symmetry_hbond_refined 3    0.125  0.200  ? 'X-RAY DIFFRACTION' ? 
r_mcbond_it              1164 0.726  1.500  ? 'X-RAY DIFFRACTION' ? 
r_mcangle_it             1789 1.259  2.000  ? 'X-RAY DIFFRACTION' ? 
r_scbond_it              699  2.067  3.000  ? 'X-RAY DIFFRACTION' ? 
r_scangle_it             623  3.432  4.500  ? 'X-RAY DIFFRACTION' ? 
# 
_refine_ls_shell.d_res_high                       2.500 
_refine_ls_shell.d_res_low                        2.564 
_refine_ls_shell.pdbx_total_number_of_bins_used   20 
_refine_ls_shell.percent_reflns_obs               98.860 
_refine_ls_shell.number_reflns_R_work             736 
_refine_ls_shell.R_factor_all                     ? 
_refine_ls_shell.R_factor_R_work                  0.257 
_refine_ls_shell.R_factor_R_free                  0.286 
_refine_ls_shell.percent_reflns_R_free            ? 
_refine_ls_shell.number_reflns_R_free             42 
_refine_ls_shell.R_factor_R_free_error            ? 
_refine_ls_shell.number_reflns_all                ? 
_refine_ls_shell.number_reflns_obs                778 
_refine_ls_shell.redundancy_reflns_obs            ? 
_refine_ls_shell.pdbx_refine_id                   'X-RAY DIFFRACTION' 
# 
_struct.entry_id                  2PEO 
_struct.title                     'Crystal structure of RbcX from Anabaena CA' 
_struct.pdbx_model_details        ? 
_struct.pdbx_CASP_flag            ? 
_struct.pdbx_model_type_details   ? 
# 
_struct_keywords.entry_id        2PEO 
_struct_keywords.text            'helix bundle, protein complex assembly, chaperone' 
_struct_keywords.pdbx_keywords   CHAPERONE 
# 
loop_
_struct_asym.id 
_struct_asym.pdbx_blank_PDB_chainid_flag 
_struct_asym.pdbx_modified 
_struct_asym.entity_id 
_struct_asym.details 
A N N 1 ? 
B N N 1 ? 
C N N 2 ? 
D N N 2 ? 
# 
_struct_biol.id                    1 
_struct_biol.details               'The biological unit of RbcX is a dimer. There is 1 biological unit in the asymmetric unit.' 
_struct_biol.pdbx_parent_biol_id   ? 
# 
loop_
_struct_conf.conf_type_id 
_struct_conf.id 
_struct_conf.pdbx_PDB_helix_id 
_struct_conf.beg_label_comp_id 
_struct_conf.beg_label_asym_id 
_struct_conf.beg_label_seq_id 
_struct_conf.pdbx_beg_PDB_ins_code 
_struct_conf.end_label_comp_id 
_struct_conf.end_label_asym_id 
_struct_conf.end_label_seq_id 
_struct_conf.pdbx_end_PDB_ins_code 
_struct_conf.beg_auth_comp_id 
_struct_conf.beg_auth_asym_id 
_struct_conf.beg_auth_seq_id 
_struct_conf.end_auth_comp_id 
_struct_conf.end_auth_asym_id 
_struct_conf.end_auth_seq_id 
_struct_conf.pdbx_PDB_helix_class 
_struct_conf.details 
_struct_conf.pdbx_PDB_helix_length 
HELX_P HELX_P1  1  ASN A 22  ? ASN A 54  ? ASN A 2  ASN A 34  1 ? 33 
HELX_P HELX_P2  2  ASN A 54  ? ALA A 66  ? ASN A 34 ALA A 46  1 ? 13 
HELX_P HELX_P3  3  ASP A 71  ? LYS A 83  ? ASP A 51 LYS A 63  1 ? 13 
HELX_P HELX_P4  4  LYS A 83  ? ALA A 102 ? LYS A 63 ALA A 82  1 ? 20 
HELX_P HELX_P5  5  PHE A 104 ? SER A 134 ? PHE A 84 SER A 114 1 ? 31 
HELX_P HELX_P6  6  ASN B 22  ? THR B 53  ? ASN B 2  THR B 33  1 ? 32 
HELX_P HELX_P7  7  ASN B 54  ? ALA B 66  ? ASN B 34 ALA B 46  1 ? 13 
HELX_P HELX_P8  8  ASP B 71  ? LYS B 83  ? ASP B 51 LYS B 63  1 ? 13 
HELX_P HELX_P9  9  LYS B 83  ? ALA B 102 ? LYS B 63 ALA B 82  1 ? 20 
HELX_P HELX_P10 10 PHE B 104 ? LEU B 133 ? PHE B 84 LEU B 113 1 ? 30 
# 
_struct_conf_type.id          HELX_P 
_struct_conf_type.criteria    ? 
_struct_conf_type.reference   ? 
# 
_atom_sites.entry_id                    2PEO 
_atom_sites.fract_transf_matrix[1][1]   0.00378703 
_atom_sites.fract_transf_matrix[1][2]   -0.00910591 
_atom_sites.fract_transf_matrix[1][3]   0.01351355 
_atom_sites.fract_transf_matrix[2][1]   -0.00910213 
_atom_sites.fract_transf_matrix[2][2]   -0.01351270 
_atom_sites.fract_transf_matrix[2][3]   0.00380144 
_atom_sites.fract_transf_matrix[3][1]   0.00536495 
_atom_sites.fract_transf_matrix[3][2]   -0.00498101 
_atom_sites.fract_transf_matrix[3][3]   -0.00485985 
_atom_sites.fract_transf_vector[1]      0.554624 
_atom_sites.fract_transf_vector[2]      0.444043 
_atom_sites.fract_transf_vector[3]      0.244548 
# 
loop_
_atom_type.symbol 
C 
N 
O 
S 
# 
loop_
_atom_site.group_PDB 
_atom_site.id 
_atom_site.type_symbol 
_atom_site.label_atom_id 
_atom_site.label_alt_id 
_atom_site.label_comp_id 
_atom_site.label_asym_id 
_atom_site.label_entity_id 
_atom_site.label_seq_id 
_atom_site.pdbx_PDB_ins_code 
_atom_site.Cartn_x 
_atom_site.Cartn_y 
_atom_site.Cartn_z 
_atom_site.occupancy 
_atom_site.B_iso_or_equiv 
_atom_site.pdbx_formal_charge 
_atom_site.auth_seq_id 
_atom_site.auth_comp_id 
_atom_site.auth_asym_id 
_atom_site.auth_atom_id 
_atom_site.pdbx_PDB_model_num 
ATOM   1    N N   . MET A 1 21  ? -4.765  -5.682  16.057  1.00 51.57 ? 1   MET A N   1 
ATOM   2    C CA  . MET A 1 21  ? -4.773  -7.051  16.666  1.00 51.74 ? 1   MET A CA  1 
ATOM   3    C C   . MET A 1 21  ? -3.523  -7.835  16.302  1.00 50.34 ? 1   MET A C   1 
ATOM   4    O O   . MET A 1 21  ? -2.516  -7.692  16.992  1.00 50.37 ? 1   MET A O   1 
ATOM   5    C CB  . MET A 1 21  ? -6.041  -7.838  16.320  1.00 51.68 ? 1   MET A CB  1 
ATOM   6    C CG  . MET A 1 21  ? -7.213  -7.483  17.209  1.00 53.47 ? 1   MET A CG  1 
ATOM   7    S SD  . MET A 1 21  ? -8.555  -8.670  17.101  1.00 54.49 ? 1   MET A SD  1 
ATOM   8    C CE  . MET A 1 21  ? -8.142  -9.731  18.509  1.00 55.15 ? 1   MET A CE  1 
ATOM   9    N N   . ASN A 1 22  ? -3.571  -8.654  15.242  1.00 48.91 ? 2   ASN A N   1 
ATOM   10   C CA  . ASN A 1 22  ? -2.374  -9.409  14.826  1.00 47.23 ? 2   ASN A CA  1 
ATOM   11   C C   . ASN A 1 22  ? -1.407  -8.541  14.044  1.00 45.83 ? 2   ASN A C   1 
ATOM   12   O O   . ASN A 1 22  ? -1.311  -8.592  12.809  1.00 45.35 ? 2   ASN A O   1 
ATOM   13   C CB  . ASN A 1 22  ? -2.687  -10.716 14.086  1.00 47.21 ? 2   ASN A CB  1 
ATOM   14   C CG  . ASN A 1 22  ? -1.439  -11.593 13.891  1.00 48.11 ? 2   ASN A CG  1 
ATOM   15   O OD1 . ASN A 1 22  ? -0.405  -11.405 14.551  1.00 48.13 ? 2   ASN A OD1 1 
ATOM   16   N ND2 . ASN A 1 22  ? -1.535  -12.558 12.978  1.00 49.38 ? 2   ASN A ND2 1 
ATOM   17   N N   . LEU A 1 23  ? -0.704  -7.739  14.822  1.00 44.49 ? 3   LEU A N   1 
ATOM   18   C CA  . LEU A 1 23  ? 0.337   -6.835  14.382  1.00 44.06 ? 3   LEU A CA  1 
ATOM   19   C C   . LEU A 1 23  ? 1.384   -7.454  13.466  1.00 43.44 ? 3   LEU A C   1 
ATOM   20   O O   . LEU A 1 23  ? 1.782   -6.835  12.474  1.00 43.51 ? 3   LEU A O   1 
ATOM   21   C CB  . LEU A 1 23  ? 1.021   -6.282  15.619  1.00 44.11 ? 3   LEU A CB  1 
ATOM   22   C CG  . LEU A 1 23  ? 0.640   -4.876  16.006  1.00 43.44 ? 3   LEU A CG  1 
ATOM   23   C CD1 . LEU A 1 23  ? 0.081   -4.852  17.389  1.00 41.00 ? 3   LEU A CD1 1 
ATOM   24   C CD2 . LEU A 1 23  ? 1.943   -4.126  15.915  1.00 45.53 ? 3   LEU A CD2 1 
ATOM   25   N N   . LYS A 1 24  ? 1.839   -8.659  13.811  1.00 42.75 ? 4   LYS A N   1 
ATOM   26   C CA  . LYS A 1 24  ? 2.824   -9.362  12.998  1.00 41.95 ? 4   LYS A CA  1 
ATOM   27   C C   . LYS A 1 24  ? 2.291   -9.617  11.573  1.00 41.07 ? 4   LYS A C   1 
ATOM   28   O O   . LYS A 1 24  ? 2.997   -9.333  10.604  1.00 40.98 ? 4   LYS A O   1 
ATOM   29   C CB  . LYS A 1 24  ? 3.312   -10.645 13.703  1.00 42.06 ? 4   LYS A CB  1 
ATOM   30   N N   . GLN A 1 25  ? 1.053   -10.109 11.449  1.00 40.38 ? 5   GLN A N   1 
ATOM   31   C CA  . GLN A 1 25  ? 0.410   -10.320 10.118  1.00 39.84 ? 5   GLN A CA  1 
ATOM   32   C C   . GLN A 1 25  ? 0.204   -9.015  9.364   1.00 38.45 ? 5   GLN A C   1 
ATOM   33   O O   . GLN A 1 25  ? 0.391   -8.944  8.156   1.00 38.36 ? 5   GLN A O   1 
ATOM   34   C CB  . GLN A 1 25  ? -0.970  -11.005 10.239  1.00 40.21 ? 5   GLN A CB  1 
ATOM   35   C CG  . GLN A 1 25  ? -1.085  -12.462 9.728   1.00 42.82 ? 5   GLN A CG  1 
ATOM   36   C CD  . GLN A 1 25  ? 0.084   -12.930 8.835   1.00 45.58 ? 5   GLN A CD  1 
ATOM   37   O OE1 . GLN A 1 25  ? 0.117   -12.662 7.628   1.00 47.43 ? 5   GLN A OE1 1 
ATOM   38   N NE2 . GLN A 1 25  ? 1.034   -13.655 9.437   1.00 44.66 ? 5   GLN A NE2 1 
ATOM   39   N N   . ILE A 1 26  ? -0.242  -8.003  10.095  1.00 37.29 ? 6   ILE A N   1 
ATOM   40   C CA  . ILE A 1 26  ? -0.481  -6.676  9.548   1.00 36.30 ? 6   ILE A CA  1 
ATOM   41   C C   . ILE A 1 26  ? 0.785   -6.090  8.918   1.00 35.45 ? 6   ILE A C   1 
ATOM   42   O O   . ILE A 1 26  ? 0.747   -5.591  7.786   1.00 34.65 ? 6   ILE A O   1 
ATOM   43   C CB  . ILE A 1 26  ? -1.063  -5.721  10.625  1.00 36.12 ? 6   ILE A CB  1 
ATOM   44   C CG1 . ILE A 1 26  ? -2.340  -6.317  11.221  1.00 36.36 ? 6   ILE A CG1 1 
ATOM   45   C CG2 . ILE A 1 26  ? -1.330  -4.341  10.031  1.00 35.50 ? 6   ILE A CG2 1 
ATOM   46   C CD1 . ILE A 1 26  ? -2.826  -5.614  12.468  1.00 37.75 ? 6   ILE A CD1 1 
ATOM   47   N N   . ALA A 1 27  ? 1.896   -6.160  9.650   1.00 35.11 ? 7   ALA A N   1 
ATOM   48   C CA  . ALA A 1 27  ? 3.184   -5.711  9.119   1.00 35.74 ? 7   ALA A CA  1 
ATOM   49   C C   . ALA A 1 27  ? 3.591   -6.494  7.857   1.00 35.76 ? 7   ALA A C   1 
ATOM   50   O O   . ALA A 1 27  ? 3.991   -5.904  6.850   1.00 35.42 ? 7   ALA A O   1 
ATOM   51   C CB  . ALA A 1 27  ? 4.272   -5.786  10.183  1.00 35.84 ? 7   ALA A CB  1 
ATOM   52   N N   . LYS A 1 28  ? 3.450   -7.815  7.907   1.00 35.73 ? 8   LYS A N   1 
ATOM   53   C CA  . LYS A 1 28  ? 3.810   -8.648  6.765   1.00 36.14 ? 8   LYS A CA  1 
ATOM   54   C C   . LYS A 1 28  ? 2.936   -8.290  5.565   1.00 35.21 ? 8   LYS A C   1 
ATOM   55   O O   . LYS A 1 28  ? 3.458   -7.961  4.494   1.00 35.57 ? 8   LYS A O   1 
ATOM   56   C CB  . LYS A 1 28  ? 3.761   -10.151 7.113   1.00 35.75 ? 8   LYS A CB  1 
ATOM   57   C CG  . LYS A 1 28  ? 3.947   -11.081 5.898   1.00 37.90 ? 8   LYS A CG  1 
ATOM   58   C CD  . LYS A 1 28  ? 3.726   -12.564 6.258   1.00 38.11 ? 8   LYS A CD  1 
ATOM   59   C CE  . LYS A 1 28  ? 4.715   -13.467 5.515   1.00 39.63 ? 8   LYS A CE  1 
ATOM   60   N NZ  . LYS A 1 28  ? 4.757   -14.865 6.083   1.00 41.67 ? 8   LYS A NZ  1 
ATOM   61   N N   . ASP A 1 29  ? 1.616   -8.323  5.753   1.00 34.01 ? 9   ASP A N   1 
ATOM   62   C CA  . ASP A 1 29  ? 0.680   -7.949  4.697   1.00 32.69 ? 9   ASP A CA  1 
ATOM   63   C C   . ASP A 1 29  ? 0.830   -6.523  4.137   1.00 31.51 ? 9   ASP A C   1 
ATOM   64   O O   . ASP A 1 29  ? 0.672   -6.323  2.921   1.00 31.48 ? 9   ASP A O   1 
ATOM   65   C CB  . ASP A 1 29  ? -0.737  -8.215  5.157   1.00 33.55 ? 9   ASP A CB  1 
ATOM   66   C CG  . ASP A 1 29  ? -1.061  -9.706  5.188   1.00 35.46 ? 9   ASP A CG  1 
ATOM   67   O OD1 . ASP A 1 29  ? -0.434  -10.497 4.446   1.00 38.25 ? 9   ASP A OD1 1 
ATOM   68   O OD2 . ASP A 1 29  ? -1.963  -10.088 5.934   1.00 38.11 ? 9   ASP A OD2 1 
ATOM   69   N N   . THR A 1 30  ? 1.136   -5.559  5.010   1.00 29.82 ? 10  THR A N   1 
ATOM   70   C CA  . THR A 1 30  ? 1.463   -4.182  4.615   1.00 28.60 ? 10  THR A CA  1 
ATOM   71   C C   . THR A 1 30  ? 2.727   -4.136  3.750   1.00 27.60 ? 10  THR A C   1 
ATOM   72   O O   . THR A 1 30  ? 2.708   -3.575  2.667   1.00 27.36 ? 10  THR A O   1 
ATOM   73   C CB  . THR A 1 30  ? 1.715   -3.280  5.845   1.00 28.36 ? 10  THR A CB  1 
ATOM   74   O OG1 . THR A 1 30  ? 0.574   -3.298  6.699   1.00 28.83 ? 10  THR A OG1 1 
ATOM   75   C CG2 . THR A 1 30  ? 1.995   -1.869  5.432   1.00 26.94 ? 10  THR A CG2 1 
ATOM   76   N N   . ALA A 1 31  ? 3.815   -4.727  4.238   1.00 26.60 ? 11  ALA A N   1 
ATOM   77   C CA  . ALA A 1 31  ? 5.066   -4.835  3.476   1.00 25.84 ? 11  ALA A CA  1 
ATOM   78   C C   . ALA A 1 31  ? 4.818   -5.417  2.084   1.00 25.57 ? 11  ALA A C   1 
ATOM   79   O O   . ALA A 1 31  ? 5.231   -4.827  1.079   1.00 25.03 ? 11  ALA A O   1 
ATOM   80   C CB  . ALA A 1 31  ? 6.076   -5.663  4.223   1.00 24.85 ? 11  ALA A CB  1 
ATOM   81   N N   . LYS A 1 32  ? 4.109   -6.546  2.035   1.00 25.60 ? 12  LYS A N   1 
ATOM   82   C CA  . LYS A 1 32  ? 3.811   -7.234  0.779   1.00 25.27 ? 12  LYS A CA  1 
ATOM   83   C C   . LYS A 1 32  ? 3.002   -6.364  -0.192  1.00 25.76 ? 12  LYS A C   1 
ATOM   84   O O   . LYS A 1 32  ? 3.266   -6.365  -1.389  1.00 26.51 ? 12  LYS A O   1 
ATOM   85   C CB  . LYS A 1 32  ? 3.124   -8.563  1.050   1.00 24.68 ? 12  LYS A CB  1 
ATOM   86   N N   . THR A 1 33  ? 2.050   -5.599  0.326   1.00 26.32 ? 13  THR A N   1 
ATOM   87   C CA  . THR A 1 33  ? 1.243   -4.679  -0.479  1.00 26.78 ? 13  THR A CA  1 
ATOM   88   C C   . THR A 1 33  ? 2.114   -3.561  -1.007  1.00 27.88 ? 13  THR A C   1 
ATOM   89   O O   . THR A 1 33  ? 2.090   -3.235  -2.195  1.00 29.27 ? 13  THR A O   1 
ATOM   90   C CB  . THR A 1 33  ? 0.144   -4.062  0.395   1.00 26.52 ? 13  THR A CB  1 
ATOM   91   O OG1 . THR A 1 33  ? -0.673  -5.112  0.905   1.00 24.93 ? 13  THR A OG1 1 
ATOM   92   C CG2 . THR A 1 33  ? -0.695  -3.080  -0.374  1.00 26.12 ? 13  THR A CG2 1 
ATOM   93   N N   . LEU A 1 34  ? 2.876   -2.957  -0.109  1.00 28.37 ? 14  LEU A N   1 
ATOM   94   C CA  . LEU A 1 34  ? 3.882   -1.972  -0.473  1.00 29.36 ? 14  LEU A CA  1 
ATOM   95   C C   . LEU A 1 34  ? 4.793   -2.442  -1.610  1.00 28.32 ? 14  LEU A C   1 
ATOM   96   O O   . LEU A 1 34  ? 5.001   -1.723  -2.590  1.00 27.70 ? 14  LEU A O   1 
ATOM   97   C CB  . LEU A 1 34  ? 4.738   -1.674  0.746   1.00 29.54 ? 14  LEU A CB  1 
ATOM   98   C CG  . LEU A 1 34  ? 5.137   -0.208  0.903   1.00 32.70 ? 14  LEU A CG  1 
ATOM   99   C CD1 . LEU A 1 34  ? 3.910   0.669   0.618   1.00 34.36 ? 14  LEU A CD1 1 
ATOM   100  C CD2 . LEU A 1 34  ? 5.711   0.070   2.331   1.00 31.76 ? 14  LEU A CD2 1 
ATOM   101  N N   . GLN A 1 35  ? 5.328   -3.648  -1.449  1.00 27.64 ? 15  GLN A N   1 
ATOM   102  C CA  . GLN A 1 35  ? 6.287   -4.245  -2.373  1.00 28.11 ? 15  GLN A CA  1 
ATOM   103  C C   . GLN A 1 35  ? 5.640   -4.441  -3.745  1.00 27.64 ? 15  GLN A C   1 
ATOM   104  O O   . GLN A 1 35  ? 6.254   -4.251  -4.792  1.00 26.84 ? 15  GLN A O   1 
ATOM   105  C CB  . GLN A 1 35  ? 6.760   -5.583  -1.806  1.00 27.79 ? 15  GLN A CB  1 
ATOM   106  C CG  . GLN A 1 35  ? 7.800   -6.298  -2.625  1.00 29.62 ? 15  GLN A CG  1 
ATOM   107  C CD  . GLN A 1 35  ? 8.485   -7.425  -1.859  1.00 31.56 ? 15  GLN A CD  1 
ATOM   108  O OE1 . GLN A 1 35  ? 8.482   -7.450  -0.629  1.00 32.49 ? 15  GLN A OE1 1 
ATOM   109  N NE2 . GLN A 1 35  ? 9.096   -8.352  -2.591  1.00 32.17 ? 15  GLN A NE2 1 
ATOM   110  N N   . SER A 1 36  ? 4.373   -4.789  -3.715  1.00 27.74 ? 16  SER A N   1 
ATOM   111  C CA  . SER A 1 36  ? 3.621   -4.957  -4.918  1.00 27.86 ? 16  SER A CA  1 
ATOM   112  C C   . SER A 1 36  ? 3.365   -3.620  -5.595  1.00 27.97 ? 16  SER A C   1 
ATOM   113  O O   . SER A 1 36  ? 3.539   -3.497  -6.812  1.00 28.40 ? 16  SER A O   1 
ATOM   114  C CB  . SER A 1 36  ? 2.334   -5.634  -4.574  1.00 27.04 ? 16  SER A CB  1 
ATOM   115  O OG  . SER A 1 36  ? 1.883   -6.248  -5.731  1.00 30.66 ? 16  SER A OG  1 
ATOM   116  N N   . TYR A 1 37  ? 2.980   -2.617  -4.803  1.00 27.81 ? 17  TYR A N   1 
ATOM   117  C CA  . TYR A 1 37  ? 2.746   -1.262  -5.286  1.00 27.90 ? 17  TYR A CA  1 
ATOM   118  C C   . TYR A 1 37  ? 3.974   -0.603  -5.921  1.00 28.07 ? 17  TYR A C   1 
ATOM   119  O O   . TYR A 1 37  ? 3.862   0.152   -6.893  1.00 28.18 ? 17  TYR A O   1 
ATOM   120  C CB  . TYR A 1 37  ? 2.224   -0.394  -4.121  1.00 28.99 ? 17  TYR A CB  1 
ATOM   121  C CG  . TYR A 1 37  ? 1.825   0.990   -4.556  1.00 28.74 ? 17  TYR A CG  1 
ATOM   122  C CD1 . TYR A 1 37  ? 0.590   1.214   -5.161  1.00 27.63 ? 17  TYR A CD1 1 
ATOM   123  C CD2 . TYR A 1 37  ? 2.709   2.074   -4.403  1.00 28.51 ? 17  TYR A CD2 1 
ATOM   124  C CE1 . TYR A 1 37  ? 0.231   2.495   -5.593  1.00 30.36 ? 17  TYR A CE1 1 
ATOM   125  C CE2 . TYR A 1 37  ? 2.377   3.351   -4.829  1.00 28.19 ? 17  TYR A CE2 1 
ATOM   126  C CZ  . TYR A 1 37  ? 1.135   3.570   -5.425  1.00 30.85 ? 17  TYR A CZ  1 
ATOM   127  O OH  . TYR A 1 37  ? 0.787   4.860   -5.862  1.00 31.75 ? 17  TYR A OH  1 
ATOM   128  N N   . LEU A 1 38  ? 5.146   -0.845  -5.342  1.00 28.49 ? 18  LEU A N   1 
ATOM   129  C CA  . LEU A 1 38  ? 6.389   -0.311  -5.876  1.00 28.67 ? 18  LEU A CA  1 
ATOM   130  C C   . LEU A 1 38  ? 6.817   -1.010  -7.166  1.00 29.04 ? 18  LEU A C   1 
ATOM   131  O O   . LEU A 1 38  ? 7.387   -0.376  -8.044  1.00 28.30 ? 18  LEU A O   1 
ATOM   132  C CB  . LEU A 1 38  ? 7.503   -0.368  -4.831  1.00 29.06 ? 18  LEU A CB  1 
ATOM   133  C CG  . LEU A 1 38  ? 7.332   0.538   -3.585  1.00 29.56 ? 18  LEU A CG  1 
ATOM   134  C CD1 . LEU A 1 38  ? 8.614   0.604   -2.801  1.00 26.46 ? 18  LEU A CD1 1 
ATOM   135  C CD2 . LEU A 1 38  ? 6.844   1.959   -3.937  1.00 28.76 ? 18  LEU A CD2 1 
ATOM   136  N N   . THR A 1 39  ? 6.531   -2.306  -7.292  1.00 30.01 ? 19  THR A N   1 
ATOM   137  C CA  . THR A 1 39  ? 6.682   -2.985  -8.582  1.00 31.67 ? 19  THR A CA  1 
ATOM   138  C C   . THR A 1 39  ? 5.805   -2.298  -9.648  1.00 33.05 ? 19  THR A C   1 
ATOM   139  O O   . THR A 1 39  ? 6.272   -1.934  -10.720 1.00 32.90 ? 19  THR A O   1 
ATOM   140  C CB  . THR A 1 39  ? 6.252   -4.440  -8.518  1.00 31.76 ? 19  THR A CB  1 
ATOM   141  O OG1 . THR A 1 39  ? 6.833   -5.082  -7.380  1.00 30.43 ? 19  THR A OG1 1 
ATOM   142  C CG2 . THR A 1 39  ? 6.678   -5.150  -9.787  1.00 32.82 ? 19  THR A CG2 1 
ATOM   143  N N   . TYR A 1 40  ? 4.530   -2.111  -9.322  1.00 34.91 ? 20  TYR A N   1 
ATOM   144  C CA  . TYR A 1 40  ? 3.585   -1.443  -10.196 1.00 36.95 ? 20  TYR A CA  1 
ATOM   145  C C   . TYR A 1 40  ? 4.137   -0.075  -10.647 1.00 37.11 ? 20  TYR A C   1 
ATOM   146  O O   . TYR A 1 40  ? 4.061   0.305   -11.828 1.00 37.70 ? 20  TYR A O   1 
ATOM   147  C CB  . TYR A 1 40  ? 2.247   -1.329  -9.449  1.00 38.57 ? 20  TYR A CB  1 
ATOM   148  C CG  . TYR A 1 40  ? 1.302   -0.290  -9.989  1.00 41.15 ? 20  TYR A CG  1 
ATOM   149  C CD1 . TYR A 1 40  ? 0.254   -0.660  -10.820 1.00 44.09 ? 20  TYR A CD1 1 
ATOM   150  C CD2 . TYR A 1 40  ? 1.439   1.064   -9.653  1.00 43.63 ? 20  TYR A CD2 1 
ATOM   151  C CE1 . TYR A 1 40  ? -0.633  0.295   -11.333 1.00 45.65 ? 20  TYR A CE1 1 
ATOM   152  C CE2 . TYR A 1 40  ? 0.561   2.033   -10.171 1.00 44.89 ? 20  TYR A CE2 1 
ATOM   153  C CZ  . TYR A 1 40  ? -0.471  1.627   -11.008 1.00 43.88 ? 20  TYR A CZ  1 
ATOM   154  O OH  . TYR A 1 40  ? -1.354  2.533   -11.535 1.00 44.73 ? 20  TYR A OH  1 
ATOM   155  N N   . GLN A 1 41  ? 4.715   0.642   -9.691  1.00 36.75 ? 21  GLN A N   1 
ATOM   156  C CA  . GLN A 1 41  ? 5.253   1.973   -9.881  1.00 36.06 ? 21  GLN A CA  1 
ATOM   157  C C   . GLN A 1 41  ? 6.584   1.916   -10.649 1.00 35.95 ? 21  GLN A C   1 
ATOM   158  O O   . GLN A 1 41  ? 6.902   2.804   -11.461 1.00 35.53 ? 21  GLN A O   1 
ATOM   159  C CB  . GLN A 1 41  ? 5.435   2.584   -8.490  1.00 36.28 ? 21  GLN A CB  1 
ATOM   160  C CG  . GLN A 1 41  ? 5.614   4.055   -8.439  1.00 36.50 ? 21  GLN A CG  1 
ATOM   161  C CD  . GLN A 1 41  ? 4.315   4.830   -8.613  1.00 37.79 ? 21  GLN A CD  1 
ATOM   162  O OE1 . GLN A 1 41  ? 3.257   4.421   -8.132  1.00 38.63 ? 21  GLN A OE1 1 
ATOM   163  N NE2 . GLN A 1 41  ? 4.404   5.972   -9.297  1.00 37.46 ? 21  GLN A NE2 1 
ATOM   164  N N   . ALA A 1 42  ? 7.359   0.859   -10.416 1.00 35.32 ? 22  ALA A N   1 
ATOM   165  C CA  . ALA A 1 42  ? 8.516   0.586   -11.272 1.00 34.95 ? 22  ALA A CA  1 
ATOM   166  C C   . ALA A 1 42  ? 8.111   0.411   -12.754 1.00 34.92 ? 22  ALA A C   1 
ATOM   167  O O   . ALA A 1 42  ? 8.741   0.998   -13.644 1.00 34.03 ? 22  ALA A O   1 
ATOM   168  C CB  . ALA A 1 42  ? 9.283   -0.628  -10.779 1.00 34.43 ? 22  ALA A CB  1 
ATOM   169  N N   . LEU A 1 43  ? 7.076   -0.401  -12.994 1.00 34.98 ? 23  LEU A N   1 
ATOM   170  C CA  . LEU A 1 43  ? 6.504   -0.601  -14.339 1.00 36.20 ? 23  LEU A CA  1 
ATOM   171  C C   . LEU A 1 43  ? 6.153   0.711   -15.067 1.00 37.41 ? 23  LEU A C   1 
ATOM   172  O O   . LEU A 1 43  ? 6.521   0.880   -16.229 1.00 37.49 ? 23  LEU A O   1 
ATOM   173  C CB  . LEU A 1 43  ? 5.284   -1.536  -14.296 1.00 36.01 ? 23  LEU A CB  1 
ATOM   174  C CG  . LEU A 1 43  ? 4.363   -1.582  -15.524 1.00 35.84 ? 23  LEU A CG  1 
ATOM   175  C CD1 . LEU A 1 43  ? 5.120   -1.875  -16.803 1.00 38.44 ? 23  LEU A CD1 1 
ATOM   176  C CD2 . LEU A 1 43  ? 3.283   -2.608  -15.324 1.00 35.58 ? 23  LEU A CD2 1 
ATOM   177  N N   . ARG A 1 44  ? 5.468   1.622   -14.371 1.00 38.54 ? 24  ARG A N   1 
ATOM   178  C CA  . ARG A 1 44  ? 5.115   2.939   -14.905 1.00 40.11 ? 24  ARG A CA  1 
ATOM   179  C C   . ARG A 1 44  ? 6.300   3.752   -15.410 1.00 40.65 ? 24  ARG A C   1 
ATOM   180  O O   . ARG A 1 44  ? 6.193   4.392   -16.455 1.00 41.76 ? 24  ARG A O   1 
ATOM   181  C CB  . ARG A 1 44  ? 4.352   3.770   -13.859 1.00 40.50 ? 24  ARG A CB  1 
ATOM   182  C CG  . ARG A 1 44  ? 2.922   3.325   -13.620 1.00 43.19 ? 24  ARG A CG  1 
ATOM   183  C CD  . ARG A 1 44  ? 2.145   4.364   -12.820 1.00 50.45 ? 24  ARG A CD  1 
ATOM   184  N NE  . ARG A 1 44  ? 2.230   5.693   -13.442 1.00 54.84 ? 24  ARG A NE  1 
ATOM   185  C CZ  . ARG A 1 44  ? 1.371   6.694   -13.243 1.00 56.43 ? 24  ARG A CZ  1 
ATOM   186  N NH1 . ARG A 1 44  ? 0.325   6.539   -12.438 1.00 56.83 ? 24  ARG A NH1 1 
ATOM   187  N NH2 . ARG A 1 44  ? 1.557   7.853   -13.870 1.00 57.15 ? 24  ARG A NH2 1 
ATOM   188  N N   . THR A 1 45  ? 7.417   3.754   -14.683 1.00 40.71 ? 25  THR A N   1 
ATOM   189  C CA  . THR A 1 45  ? 8.559   4.570   -15.103 1.00 41.00 ? 25  THR A CA  1 
ATOM   190  C C   . THR A 1 45  ? 9.429   3.934   -16.215 1.00 41.90 ? 25  THR A C   1 
ATOM   191  O O   . THR A 1 45  ? 10.068  4.642   -16.994 1.00 41.16 ? 25  THR A O   1 
ATOM   192  C CB  . THR A 1 45  ? 9.450   5.082   -13.901 1.00 40.98 ? 25  THR A CB  1 
ATOM   193  O OG1 . THR A 1 45  ? 10.630  4.294   -13.772 1.00 38.59 ? 25  THR A OG1 1 
ATOM   194  C CG2 . THR A 1 45  ? 8.689   5.085   -12.571 1.00 41.39 ? 25  THR A CG2 1 
ATOM   195  N N   . VAL A 1 46  ? 9.481   2.603   -16.275 1.00 42.99 ? 26  VAL A N   1 
ATOM   196  C CA  . VAL A 1 46  ? 10.208  1.952   -17.373 1.00 44.12 ? 26  VAL A CA  1 
ATOM   197  C C   . VAL A 1 46  ? 9.319   1.996   -18.623 1.00 44.93 ? 26  VAL A C   1 
ATOM   198  O O   . VAL A 1 46  ? 9.786   2.356   -19.707 1.00 44.19 ? 26  VAL A O   1 
ATOM   199  C CB  . VAL A 1 46  ? 10.745  0.522   -17.016 1.00 43.95 ? 26  VAL A CB  1 
ATOM   200  C CG1 . VAL A 1 46  ? 9.721   -0.265  -16.258 1.00 43.68 ? 26  VAL A CG1 1 
ATOM   201  C CG2 . VAL A 1 46  ? 11.186  -0.246  -18.280 1.00 43.88 ? 26  VAL A CG2 1 
ATOM   202  N N   . LEU A 1 47  ? 8.031   1.689   -18.432 1.00 46.45 ? 27  LEU A N   1 
ATOM   203  C CA  . LEU A 1 47  ? 6.993   1.901   -19.455 1.00 48.12 ? 27  LEU A CA  1 
ATOM   204  C C   . LEU A 1 47  ? 7.090   3.259   -20.136 1.00 49.53 ? 27  LEU A C   1 
ATOM   205  O O   . LEU A 1 47  ? 6.707   3.394   -21.291 1.00 50.31 ? 27  LEU A O   1 
ATOM   206  C CB  . LEU A 1 47  ? 5.597   1.758   -18.853 1.00 47.62 ? 27  LEU A CB  1 
ATOM   207  C CG  . LEU A 1 47  ? 4.479   1.289   -19.779 1.00 47.71 ? 27  LEU A CG  1 
ATOM   208  C CD1 . LEU A 1 47  ? 5.031   0.366   -20.847 1.00 45.91 ? 27  LEU A CD1 1 
ATOM   209  C CD2 . LEU A 1 47  ? 3.354   0.617   -18.991 1.00 46.72 ? 27  LEU A CD2 1 
ATOM   210  N N   . ALA A 1 48  ? 7.606   4.250   -19.412 1.00 50.94 ? 28  ALA A N   1 
ATOM   211  C CA  . ALA A 1 48  ? 7.726   5.613   -19.911 1.00 52.12 ? 28  ALA A CA  1 
ATOM   212  C C   . ALA A 1 48  ? 9.158   5.986   -20.290 1.00 52.74 ? 28  ALA A C   1 
ATOM   213  O O   . ALA A 1 48  ? 9.376   6.986   -20.968 1.00 53.08 ? 28  ALA A O   1 
ATOM   214  C CB  . ALA A 1 48  ? 7.171   6.602   -18.879 1.00 52.07 ? 28  ALA A CB  1 
ATOM   215  N N   . GLN A 1 49  ? 10.133  5.208   -19.831 1.00 53.67 ? 29  GLN A N   1 
ATOM   216  C CA  . GLN A 1 49  ? 11.513  5.388   -20.265 1.00 54.41 ? 29  GLN A CA  1 
ATOM   217  C C   . GLN A 1 49  ? 11.715  4.756   -21.643 1.00 55.60 ? 29  GLN A C   1 
ATOM   218  O O   . GLN A 1 49  ? 12.574  5.198   -22.412 1.00 55.28 ? 29  GLN A O   1 
ATOM   219  C CB  . GLN A 1 49  ? 12.488  4.782   -19.260 1.00 54.49 ? 29  GLN A CB  1 
ATOM   220  C CG  . GLN A 1 49  ? 12.883  5.730   -18.120 1.00 54.30 ? 29  GLN A CG  1 
ATOM   221  C CD  . GLN A 1 49  ? 13.584  5.020   -16.962 1.00 53.67 ? 29  GLN A CD  1 
ATOM   222  O OE1 . GLN A 1 49  ? 13.600  3.788   -16.880 1.00 51.29 ? 29  GLN A OE1 1 
ATOM   223  N NE2 . GLN A 1 49  ? 14.164  5.805   -16.058 1.00 53.03 ? 29  GLN A NE2 1 
ATOM   224  N N   . LEU A 1 50  ? 10.915  3.723   -21.928 1.00 56.81 ? 30  LEU A N   1 
ATOM   225  C CA  . LEU A 1 50  ? 10.886  3.049   -23.221 1.00 58.33 ? 30  LEU A CA  1 
ATOM   226  C C   . LEU A 1 50  ? 9.908   3.726   -24.174 1.00 59.55 ? 30  LEU A C   1 
ATOM   227  O O   . LEU A 1 50  ? 10.040  3.602   -25.400 1.00 59.58 ? 30  LEU A O   1 
ATOM   228  C CB  . LEU A 1 50  ? 10.439  1.590   -23.069 1.00 58.30 ? 30  LEU A CB  1 
ATOM   229  C CG  . LEU A 1 50  ? 11.200  0.547   -22.251 1.00 58.60 ? 30  LEU A CG  1 
ATOM   230  C CD1 . LEU A 1 50  ? 10.393  -0.746  -22.294 1.00 58.29 ? 30  LEU A CD1 1 
ATOM   231  C CD2 . LEU A 1 50  ? 12.638  0.328   -22.734 1.00 58.28 ? 30  LEU A CD2 1 
ATOM   232  N N   . GLY A 1 51  ? 8.902   4.394   -23.604 1.00 60.71 ? 31  GLY A N   1 
ATOM   233  C CA  . GLY A 1 51  ? 7.883   5.100   -24.383 1.00 61.99 ? 31  GLY A CA  1 
ATOM   234  C C   . GLY A 1 51  ? 8.617   5.976   -25.367 1.00 62.98 ? 31  GLY A C   1 
ATOM   235  O O   . GLY A 1 51  ? 8.196   6.138   -26.513 1.00 63.24 ? 31  GLY A O   1 
ATOM   236  N N   . GLU A 1 52  ? 9.736   6.519   -24.898 1.00 63.81 ? 32  GLU A N   1 
ATOM   237  C CA  . GLU A 1 52  ? 10.712  7.154   -25.751 1.00 64.75 ? 32  GLU A CA  1 
ATOM   238  C C   . GLU A 1 52  ? 11.364  6.092   -26.648 1.00 65.69 ? 32  GLU A C   1 
ATOM   239  O O   . GLU A 1 52  ? 10.924  5.899   -27.793 1.00 66.07 ? 32  GLU A O   1 
ATOM   240  C CB  . GLU A 1 52  ? 11.770  7.875   -24.915 1.00 64.55 ? 32  GLU A CB  1 
ATOM   241  C CG  . GLU A 1 52  ? 11.217  8.895   -23.919 1.00 64.92 ? 32  GLU A CG  1 
ATOM   242  C CD  . GLU A 1 52  ? 12.320  9.708   -23.256 1.00 64.80 ? 32  GLU A CD  1 
ATOM   243  O OE1 . GLU A 1 52  ? 13.499  9.533   -23.634 1.00 65.56 ? 32  GLU A OE1 1 
ATOM   244  O OE2 . GLU A 1 52  ? 12.014  10.528  -22.368 1.00 64.46 ? 32  GLU A OE2 1 
ATOM   245  N N   . THR A 1 53  ? 12.365  5.372   -26.123 1.00 66.37 ? 33  THR A N   1 
ATOM   246  C CA  . THR A 1 53  ? 13.282  4.590   -26.982 1.00 66.86 ? 33  THR A CA  1 
ATOM   247  C C   . THR A 1 53  ? 12.803  3.207   -27.435 1.00 67.14 ? 33  THR A C   1 
ATOM   248  O O   . THR A 1 53  ? 13.606  2.275   -27.511 1.00 67.20 ? 33  THR A O   1 
ATOM   249  C CB  . THR A 1 53  ? 14.700  4.459   -26.367 1.00 66.98 ? 33  THR A CB  1 
ATOM   250  O OG1 . THR A 1 53  ? 14.840  5.338   -25.238 1.00 67.22 ? 33  THR A OG1 1 
ATOM   251  C CG2 . THR A 1 53  ? 15.763  4.778   -27.424 1.00 66.75 ? 33  THR A CG2 1 
ATOM   252  N N   . ASN A 1 54  ? 11.508  3.085   -27.743 1.00 67.49 ? 34  ASN A N   1 
ATOM   253  C CA  . ASN A 1 54  ? 10.913  1.842   -28.244 1.00 68.02 ? 34  ASN A CA  1 
ATOM   254  C C   . ASN A 1 54  ? 9.401   1.710   -27.959 1.00 68.40 ? 34  ASN A C   1 
ATOM   255  O O   . ASN A 1 54  ? 9.004   1.028   -26.994 1.00 68.75 ? 34  ASN A O   1 
ATOM   256  C CB  . ASN A 1 54  ? 11.658  0.624   -27.688 1.00 68.03 ? 34  ASN A CB  1 
ATOM   257  C CG  . ASN A 1 54  ? 11.212  -0.685  -28.315 1.00 68.39 ? 34  ASN A CG  1 
ATOM   258  O OD1 . ASN A 1 54  ? 10.161  -0.778  -28.953 1.00 68.15 ? 34  ASN A OD1 1 
ATOM   259  N ND2 . ASN A 1 54  ? 12.010  -1.718  -28.110 1.00 69.41 ? 34  ASN A ND2 1 
ATOM   260  N N   . PRO A 1 55  ? 8.554   2.370   -28.778 1.00 68.42 ? 35  PRO A N   1 
ATOM   261  C CA  . PRO A 1 55  ? 7.102   2.176   -28.612 1.00 68.44 ? 35  PRO A CA  1 
ATOM   262  C C   . PRO A 1 55  ? 6.561   0.763   -28.926 1.00 68.54 ? 35  PRO A C   1 
ATOM   263  O O   . PRO A 1 55  ? 5.569   0.360   -28.291 1.00 68.40 ? 35  PRO A O   1 
ATOM   264  C CB  . PRO A 1 55  ? 6.469   3.253   -29.506 1.00 68.48 ? 35  PRO A CB  1 
ATOM   265  C CG  . PRO A 1 55  ? 7.550   3.717   -30.422 1.00 68.75 ? 35  PRO A CG  1 
ATOM   266  C CD  . PRO A 1 55  ? 8.885   3.358   -29.825 1.00 68.53 ? 35  PRO A CD  1 
ATOM   267  N N   . PRO A 1 56  ? 7.169   0.019   -29.896 1.00 68.65 ? 36  PRO A N   1 
ATOM   268  C CA  . PRO A 1 56  ? 6.772   -1.405  -29.945 1.00 68.49 ? 36  PRO A CA  1 
ATOM   269  C C   . PRO A 1 56  ? 6.928   -2.108  -28.586 1.00 68.27 ? 36  PRO A C   1 
ATOM   270  O O   . PRO A 1 56  ? 5.940   -2.655  -28.067 1.00 68.32 ? 36  PRO A O   1 
ATOM   271  C CB  . PRO A 1 56  ? 7.704   -2.017  -31.007 1.00 68.41 ? 36  PRO A CB  1 
ATOM   272  C CG  . PRO A 1 56  ? 8.729   -0.964  -31.329 1.00 68.36 ? 36  PRO A CG  1 
ATOM   273  C CD  . PRO A 1 56  ? 8.118   0.352   -30.982 1.00 68.62 ? 36  PRO A CD  1 
ATOM   274  N N   . LEU A 1 57  ? 8.137   -2.064  -28.011 1.00 67.79 ? 37  LEU A N   1 
ATOM   275  C CA  . LEU A 1 57  ? 8.408   -2.654  -26.686 1.00 67.49 ? 37  LEU A CA  1 
ATOM   276  C C   . LEU A 1 57  ? 7.448   -2.100  -25.633 1.00 67.41 ? 37  LEU A C   1 
ATOM   277  O O   . LEU A 1 57  ? 6.847   -2.874  -24.872 1.00 67.29 ? 37  LEU A O   1 
ATOM   278  C CB  . LEU A 1 57  ? 9.869   -2.428  -26.252 1.00 67.44 ? 37  LEU A CB  1 
ATOM   279  C CG  . LEU A 1 57  ? 10.630  -3.404  -25.331 1.00 67.40 ? 37  LEU A CG  1 
ATOM   280  C CD1 . LEU A 1 57  ? 10.791  -4.777  -25.952 1.00 66.96 ? 37  LEU A CD1 1 
ATOM   281  C CD2 . LEU A 1 57  ? 12.006  -2.864  -24.938 1.00 67.11 ? 37  LEU A CD2 1 
ATOM   282  N N   . ALA A 1 58  ? 7.296   -0.768  -25.623 1.00 67.23 ? 38  ALA A N   1 
ATOM   283  C CA  . ALA A 1 58  ? 6.382   -0.060  -24.718 1.00 67.01 ? 38  ALA A CA  1 
ATOM   284  C C   . ALA A 1 58  ? 4.951   -0.583  -24.817 1.00 67.29 ? 38  ALA A C   1 
ATOM   285  O O   . ALA A 1 58  ? 4.334   -0.953  -23.799 1.00 67.32 ? 38  ALA A O   1 
ATOM   286  C CB  . ALA A 1 58  ? 6.421   1.416   -24.989 1.00 66.99 ? 38  ALA A CB  1 
ATOM   287  N N   . LEU A 1 59  ? 4.439   -0.642  -26.047 1.00 67.27 ? 39  LEU A N   1 
ATOM   288  C CA  . LEU A 1 59  ? 3.091   -1.139  -26.297 1.00 67.02 ? 39  LEU A CA  1 
ATOM   289  C C   . LEU A 1 59  ? 2.992   -2.616  -25.936 1.00 66.97 ? 39  LEU A C   1 
ATOM   290  O O   . LEU A 1 59  ? 1.990   -3.053  -25.333 1.00 66.68 ? 39  LEU A O   1 
ATOM   291  C CB  . LEU A 1 59  ? 2.679   -0.898  -27.755 1.00 67.30 ? 39  LEU A CB  1 
ATOM   292  N N   . TRP A 1 60  ? 4.037   -3.375  -26.289 1.00 66.92 ? 40  TRP A N   1 
ATOM   293  C CA  . TRP A 1 60  ? 4.121   -4.782  -25.896 1.00 66.89 ? 40  TRP A CA  1 
ATOM   294  C C   . TRP A 1 60  ? 3.986   -4.896  -24.388 1.00 66.40 ? 40  TRP A C   1 
ATOM   295  O O   . TRP A 1 60  ? 3.153   -5.655  -23.882 1.00 66.21 ? 40  TRP A O   1 
ATOM   296  C CB  . TRP A 1 60  ? 5.429   -5.449  -26.349 1.00 67.55 ? 40  TRP A CB  1 
ATOM   297  C CG  . TRP A 1 60  ? 5.362   -6.919  -26.111 1.00 68.18 ? 40  TRP A CG  1 
ATOM   298  C CD1 . TRP A 1 60  ? 4.945   -7.870  -26.996 1.00 69.11 ? 40  TRP A CD1 1 
ATOM   299  C CD2 . TRP A 1 60  ? 5.637   -7.609  -24.881 1.00 69.12 ? 40  TRP A CD2 1 
ATOM   300  N NE1 . TRP A 1 60  ? 4.970   -9.117  -26.405 1.00 69.33 ? 40  TRP A NE1 1 
ATOM   301  C CE2 . TRP A 1 60  ? 5.392   -8.984  -25.108 1.00 69.48 ? 40  TRP A CE2 1 
ATOM   302  C CE3 . TRP A 1 60  ? 6.088   -7.205  -23.617 1.00 68.50 ? 40  TRP A CE3 1 
ATOM   303  C CZ2 . TRP A 1 60  ? 5.586   -9.955  -24.113 1.00 69.35 ? 40  TRP A CZ2 1 
ATOM   304  C CZ3 . TRP A 1 60  ? 6.274   -8.167  -22.634 1.00 68.79 ? 40  TRP A CZ3 1 
ATOM   305  C CH2 . TRP A 1 60  ? 6.024   -9.526  -22.887 1.00 68.49 ? 40  TRP A CH2 1 
ATOM   306  N N   . LEU A 1 61  ? 4.811   -4.124  -23.683 1.00 66.13 ? 41  LEU A N   1 
ATOM   307  C CA  . LEU A 1 61  ? 4.789   -4.098  -22.227 1.00 65.87 ? 41  LEU A CA  1 
ATOM   308  C C   . LEU A 1 61  ? 3.408   -3.691  -21.728 1.00 66.09 ? 41  LEU A C   1 
ATOM   309  O O   . LEU A 1 61  ? 2.812   -4.387  -20.895 1.00 65.69 ? 41  LEU A O   1 
ATOM   310  C CB  . LEU A 1 61  ? 5.874   -3.162  -21.692 1.00 65.78 ? 41  LEU A CB  1 
ATOM   311  C CG  . LEU A 1 61  ? 6.280   -3.256  -20.214 1.00 65.36 ? 41  LEU A CG  1 
ATOM   312  C CD1 . LEU A 1 61  ? 6.322   -4.693  -19.704 1.00 64.04 ? 41  LEU A CD1 1 
ATOM   313  C CD2 . LEU A 1 61  ? 7.620   -2.564  -20.009 1.00 65.19 ? 41  LEU A CD2 1 
ATOM   314  N N   . HIS A 1 62  ? 2.898   -2.583  -22.270 1.00 66.31 ? 42  HIS A N   1 
ATOM   315  C CA  . HIS A 1 62  ? 1.556   -2.112  -21.954 1.00 66.54 ? 42  HIS A CA  1 
ATOM   316  C C   . HIS A 1 62  ? 0.536   -3.236  -22.127 1.00 66.13 ? 42  HIS A C   1 
ATOM   317  O O   . HIS A 1 62  ? -0.200  -3.561  -21.188 1.00 66.17 ? 42  HIS A O   1 
ATOM   318  C CB  . HIS A 1 62  ? 1.185   -0.909  -22.825 1.00 67.10 ? 42  HIS A CB  1 
ATOM   319  C CG  . HIS A 1 62  ? 0.165   -0.007  -22.199 1.00 69.24 ? 42  HIS A CG  1 
ATOM   320  N ND1 . HIS A 1 62  ? 0.446   1.295   -21.835 1.00 70.41 ? 42  HIS A ND1 1 
ATOM   321  C CD2 . HIS A 1 62  ? -1.129  -0.230  -21.847 1.00 70.78 ? 42  HIS A CD2 1 
ATOM   322  C CE1 . HIS A 1 62  ? -0.632  1.840   -21.296 1.00 71.29 ? 42  HIS A CE1 1 
ATOM   323  N NE2 . HIS A 1 62  ? -1.602  0.936   -21.294 1.00 72.25 ? 42  HIS A NE2 1 
ATOM   324  N N   . ASN A 1 63  ? 0.521   -3.848  -23.313 1.00 65.72 ? 43  ASN A N   1 
ATOM   325  C CA  . ASN A 1 63  ? -0.419  -4.933  -23.628 1.00 64.96 ? 43  ASN A CA  1 
ATOM   326  C C   . ASN A 1 63  ? -0.299  -6.126  -22.679 1.00 64.44 ? 43  ASN A C   1 
ATOM   327  O O   . ASN A 1 63  ? -1.306  -6.640  -22.169 1.00 64.20 ? 43  ASN A O   1 
ATOM   328  C CB  . ASN A 1 63  ? -0.252  -5.385  -25.085 1.00 65.32 ? 43  ASN A CB  1 
ATOM   329  N N   . PHE A 1 64  ? 0.944   -6.546  -22.442 1.00 63.60 ? 44  PHE A N   1 
ATOM   330  C CA  . PHE A 1 64  ? 1.248   -7.670  -21.568 1.00 62.71 ? 44  PHE A CA  1 
ATOM   331  C C   . PHE A 1 64  ? 0.746   -7.428  -20.145 1.00 62.58 ? 44  PHE A C   1 
ATOM   332  O O   . PHE A 1 64  ? 0.308   -8.364  -19.466 1.00 62.19 ? 44  PHE A O   1 
ATOM   333  C CB  . PHE A 1 64  ? 2.771   -7.903  -21.561 1.00 62.55 ? 44  PHE A CB  1 
ATOM   334  C CG  . PHE A 1 64  ? 3.214   -9.022  -20.654 1.00 61.89 ? 44  PHE A CG  1 
ATOM   335  C CD1 . PHE A 1 64  ? 3.258   -10.335 -21.117 1.00 61.59 ? 44  PHE A CD1 1 
ATOM   336  C CD2 . PHE A 1 64  ? 3.571   -8.765  -19.333 1.00 60.18 ? 44  PHE A CD2 1 
ATOM   337  C CE1 . PHE A 1 64  ? 3.656   -11.371 -20.274 1.00 61.70 ? 44  PHE A CE1 1 
ATOM   338  C CE2 . PHE A 1 64  ? 3.964   -9.785  -18.491 1.00 60.23 ? 44  PHE A CE2 1 
ATOM   339  C CZ  . PHE A 1 64  ? 4.012   -11.094 -18.960 1.00 61.06 ? 44  PHE A CZ  1 
ATOM   340  N N   . SER A 1 65  ? 0.814   -6.161  -19.726 1.00 62.74 ? 45  SER A N   1 
ATOM   341  C CA  . SER A 1 65  ? 0.616   -5.712  -18.333 1.00 62.99 ? 45  SER A CA  1 
ATOM   342  C C   . SER A 1 65  ? -0.828  -5.669  -17.793 1.00 63.34 ? 45  SER A C   1 
ATOM   343  O O   . SER A 1 65  ? -1.057  -6.023  -16.625 1.00 63.46 ? 45  SER A O   1 
ATOM   344  C CB  . SER A 1 65  ? 1.254   -4.324  -18.131 1.00 62.94 ? 45  SER A CB  1 
ATOM   345  O OG  . SER A 1 65  ? 2.639   -4.334  -18.415 1.00 61.45 ? 45  SER A OG  1 
ATOM   346  N N   . ALA A 1 66  ? -1.781  -5.206  -18.613 1.00 63.58 ? 46  ALA A N   1 
ATOM   347  C CA  . ALA A 1 66  ? -3.193  -5.058  -18.183 1.00 63.67 ? 46  ALA A CA  1 
ATOM   348  C C   . ALA A 1 66  ? -3.729  -6.337  -17.534 1.00 63.73 ? 46  ALA A C   1 
ATOM   349  O O   . ALA A 1 66  ? -3.562  -7.427  -18.077 1.00 64.19 ? 46  ALA A O   1 
ATOM   350  C CB  . ALA A 1 66  ? -4.067  -4.642  -19.349 1.00 63.45 ? 46  ALA A CB  1 
ATOM   351  N N   . GLY A 1 67  ? -4.357  -6.196  -16.371 1.00 63.73 ? 47  GLY A N   1 
ATOM   352  C CA  . GLY A 1 67  ? -4.739  -7.330  -15.533 1.00 63.40 ? 47  GLY A CA  1 
ATOM   353  C C   . GLY A 1 67  ? -4.060  -7.151  -14.190 1.00 63.45 ? 47  GLY A C   1 
ATOM   354  O O   . GLY A 1 67  ? -4.273  -7.923  -13.257 1.00 63.61 ? 47  GLY A O   1 
ATOM   355  N N   . GLN A 1 70  ? -2.918  -7.816  -9.846  1.00 56.39 ? 50  GLN A N   1 
ATOM   356  C CA  . GLN A 1 70  ? -1.512  -7.716  -10.234 1.00 55.95 ? 50  GLN A CA  1 
ATOM   357  C C   . GLN A 1 70  ? -0.519  -7.754  -9.062  1.00 54.93 ? 50  GLN A C   1 
ATOM   358  O O   . GLN A 1 70  ? 0.263   -6.819  -8.876  1.00 55.17 ? 50  GLN A O   1 
ATOM   359  C CB  . GLN A 1 70  ? -1.279  -6.460  -11.077 1.00 56.13 ? 50  GLN A CB  1 
ATOM   360  C CG  . GLN A 1 70  ? -0.002  -6.511  -11.918 1.00 56.19 ? 50  GLN A CG  1 
ATOM   361  C CD  . GLN A 1 70  ? 0.165   -5.268  -12.771 1.00 56.96 ? 50  GLN A CD  1 
ATOM   362  O OE1 . GLN A 1 70  ? 0.991   -4.394  -12.462 1.00 58.87 ? 50  GLN A OE1 1 
ATOM   363  N NE2 . GLN A 1 70  ? -0.633  -5.166  -13.840 1.00 57.01 ? 50  GLN A NE2 1 
ATOM   364  N N   . ASP A 1 71  ? -0.563  -8.835  -8.284  1.00 53.74 ? 51  ASP A N   1 
ATOM   365  C CA  . ASP A 1 71  ? 0.508   -9.192  -7.349  1.00 52.66 ? 51  ASP A CA  1 
ATOM   366  C C   . ASP A 1 71  ? 1.874   -9.063  -8.055  1.00 51.54 ? 51  ASP A C   1 
ATOM   367  O O   . ASP A 1 71  ? 2.127   -9.735  -9.061  1.00 51.59 ? 51  ASP A O   1 
ATOM   368  C CB  . ASP A 1 71  ? 0.267   -10.619 -6.839  1.00 52.88 ? 51  ASP A CB  1 
ATOM   369  C CG  . ASP A 1 71  ? 1.518   -11.283 -6.267  1.00 54.65 ? 51  ASP A CG  1 
ATOM   370  O OD1 . ASP A 1 71  ? 2.526   -10.599 -5.982  1.00 55.10 ? 51  ASP A OD1 1 
ATOM   371  O OD2 . ASP A 1 71  ? 1.484   -12.525 -6.097  1.00 57.61 ? 51  ASP A OD2 1 
ATOM   372  N N   . GLY A 1 72  ? 2.732   -8.191  -7.517  1.00 49.62 ? 52  GLY A N   1 
ATOM   373  C CA  . GLY A 1 72  ? 3.973   -7.778  -8.164  1.00 47.47 ? 52  GLY A CA  1 
ATOM   374  C C   . GLY A 1 72  ? 5.041   -8.831  -8.383  1.00 46.37 ? 52  GLY A C   1 
ATOM   375  O O   . GLY A 1 72  ? 5.838   -8.699  -9.308  1.00 46.28 ? 52  GLY A O   1 
ATOM   376  N N   . GLU A 1 73  ? 5.092   -9.848  -7.519  1.00 45.05 ? 53  GLU A N   1 
ATOM   377  C CA  . GLU A 1 73  ? 5.997   -10.992 -7.707  1.00 44.01 ? 53  GLU A CA  1 
ATOM   378  C C   . GLU A 1 73  ? 5.541   -11.955 -8.820  1.00 43.38 ? 53  GLU A C   1 
ATOM   379  O O   . GLU A 1 73  ? 6.379   -12.526 -9.514  1.00 43.18 ? 53  GLU A O   1 
ATOM   380  C CB  . GLU A 1 73  ? 6.181   -11.794 -6.413  1.00 44.01 ? 53  GLU A CB  1 
ATOM   381  C CG  . GLU A 1 73  ? 6.869   -11.061 -5.253  1.00 44.52 ? 53  GLU A CG  1 
ATOM   382  C CD  . GLU A 1 73  ? 8.028   -10.159 -5.690  1.00 44.66 ? 53  GLU A CD  1 
ATOM   383  O OE1 . GLU A 1 73  ? 8.889   -10.604 -6.482  1.00 42.82 ? 53  GLU A OE1 1 
ATOM   384  O OE2 . GLU A 1 73  ? 8.074   -8.998  -5.217  1.00 44.89 ? 53  GLU A OE2 1 
ATOM   385  N N   . LYS A 1 74  ? 4.224   -12.149 -8.967  1.00 42.47 ? 54  LYS A N   1 
ATOM   386  C CA  . LYS A 1 74  ? 3.669   -13.000 -10.029 1.00 41.09 ? 54  LYS A CA  1 
ATOM   387  C C   . LYS A 1 74  ? 3.761   -12.258 -11.360 1.00 40.32 ? 54  LYS A C   1 
ATOM   388  O O   . LYS A 1 74  ? 4.083   -12.856 -12.380 1.00 40.13 ? 54  LYS A O   1 
ATOM   389  C CB  . LYS A 1 74  ? 2.231   -13.426 -9.727  1.00 40.80 ? 54  LYS A CB  1 
ATOM   390  N N   . TYR A 1 75  ? 3.545   -10.946 -11.338 1.00 39.37 ? 55  TYR A N   1 
ATOM   391  C CA  . TYR A 1 75  ? 3.763   -10.114 -12.535 1.00 38.57 ? 55  TYR A CA  1 
ATOM   392  C C   . TYR A 1 75  ? 5.193   -10.228 -13.114 1.00 38.36 ? 55  TYR A C   1 
ATOM   393  O O   . TYR A 1 75  ? 5.380   -10.455 -14.300 1.00 38.14 ? 55  TYR A O   1 
ATOM   394  C CB  . TYR A 1 75  ? 3.443   -8.638  -12.265 1.00 37.53 ? 55  TYR A CB  1 
ATOM   395  C CG  . TYR A 1 75  ? 3.856   -7.765  -13.425 1.00 37.10 ? 55  TYR A CG  1 
ATOM   396  C CD1 . TYR A 1 75  ? 3.047   -7.637  -14.546 1.00 36.43 ? 55  TYR A CD1 1 
ATOM   397  C CD2 . TYR A 1 75  ? 5.078   -7.104  -13.418 1.00 36.07 ? 55  TYR A CD2 1 
ATOM   398  C CE1 . TYR A 1 75  ? 3.437   -6.858  -15.623 1.00 37.27 ? 55  TYR A CE1 1 
ATOM   399  C CE2 . TYR A 1 75  ? 5.473   -6.323  -14.473 1.00 35.52 ? 55  TYR A CE2 1 
ATOM   400  C CZ  . TYR A 1 75  ? 4.656   -6.207  -15.575 1.00 37.73 ? 55  TYR A CZ  1 
ATOM   401  O OH  . TYR A 1 75  ? 5.062   -5.431  -16.637 1.00 38.51 ? 55  TYR A OH  1 
ATOM   402  N N   . ILE A 1 76  ? 6.191   -10.033 -12.259 1.00 38.20 ? 56  ILE A N   1 
ATOM   403  C CA  . ILE A 1 76  ? 7.597   -10.140 -12.649 1.00 37.16 ? 56  ILE A CA  1 
ATOM   404  C C   . ILE A 1 76  ? 8.005   -11.549 -13.105 1.00 36.01 ? 56  ILE A C   1 
ATOM   405  O O   . ILE A 1 76  ? 8.738   -11.679 -14.066 1.00 36.08 ? 56  ILE A O   1 
ATOM   406  C CB  . ILE A 1 76  ? 8.549   -9.604  -11.521 1.00 37.05 ? 56  ILE A CB  1 
ATOM   407  C CG1 . ILE A 1 76  ? 8.407   -8.086  -11.412 1.00 36.89 ? 56  ILE A CG1 1 
ATOM   408  C CG2 . ILE A 1 76  ? 10.034  -9.998  -11.785 1.00 36.17 ? 56  ILE A CG2 1 
ATOM   409  C CD1 . ILE A 1 76  ? 9.426   -7.441  -10.474 1.00 37.90 ? 56  ILE A CD1 1 
ATOM   410  N N   . GLU A 1 77  ? 7.540   -12.589 -12.417 1.00 35.17 ? 57  GLU A N   1 
ATOM   411  C CA  . GLU A 1 77  ? 7.832   -13.967 -12.812 1.00 34.58 ? 57  GLU A CA  1 
ATOM   412  C C   . GLU A 1 77  ? 7.297   -14.282 -14.228 1.00 34.57 ? 57  GLU A C   1 
ATOM   413  O O   . GLU A 1 77  ? 7.892   -15.065 -14.969 1.00 34.15 ? 57  GLU A O   1 
ATOM   414  C CB  . GLU A 1 77  ? 7.289   -14.955 -11.791 1.00 34.24 ? 57  GLU A CB  1 
ATOM   415  N N   . GLU A 1 78  ? 6.202   -13.632 -14.606 1.00 34.65 ? 58  GLU A N   1 
ATOM   416  C CA  . GLU A 1 78  ? 5.600   -13.822 -15.924 1.00 35.30 ? 58  GLU A CA  1 
ATOM   417  C C   . GLU A 1 78  ? 6.340   -13.028 -17.002 1.00 35.61 ? 58  GLU A C   1 
ATOM   418  O O   . GLU A 1 78  ? 6.542   -13.528 -18.119 1.00 35.05 ? 58  GLU A O   1 
ATOM   419  C CB  . GLU A 1 78  ? 4.128   -13.403 -15.923 1.00 35.07 ? 58  GLU A CB  1 
ATOM   420  C CG  . GLU A 1 78  ? 3.243   -14.195 -15.009 1.00 35.67 ? 58  GLU A CG  1 
ATOM   421  C CD  . GLU A 1 78  ? 1.952   -13.461 -14.692 1.00 39.18 ? 58  GLU A CD  1 
ATOM   422  O OE1 . GLU A 1 78  ? 1.731   -12.387 -15.310 1.00 39.40 ? 58  GLU A OE1 1 
ATOM   423  O OE2 . GLU A 1 78  ? 1.177   -13.939 -13.814 1.00 37.65 ? 58  GLU A OE2 1 
ATOM   424  N N   . LEU A 1 79  ? 6.720   -11.787 -16.679 1.00 35.74 ? 59  LEU A N   1 
ATOM   425  C CA  . LEU A 1 79  ? 7.503   -10.992 -17.604 1.00 36.37 ? 59  LEU A CA  1 
ATOM   426  C C   . LEU A 1 79  ? 8.860   -11.661 -17.835 1.00 37.19 ? 59  LEU A C   1 
ATOM   427  O O   . LEU A 1 79  ? 9.474   -11.498 -18.887 1.00 37.93 ? 59  LEU A O   1 
ATOM   428  C CB  . LEU A 1 79  ? 7.668   -9.567  -17.094 1.00 35.93 ? 59  LEU A CB  1 
ATOM   429  C CG  . LEU A 1 79  ? 8.450   -8.617  -18.011 1.00 36.58 ? 59  LEU A CG  1 
ATOM   430  C CD1 . LEU A 1 79  ? 7.694   -8.306  -19.331 1.00 35.63 ? 59  LEU A CD1 1 
ATOM   431  C CD2 . LEU A 1 79  ? 8.762   -7.351  -17.270 1.00 35.36 ? 59  LEU A CD2 1 
ATOM   432  N N   . PHE A 1 80  ? 9.307   -12.440 -16.856 1.00 37.70 ? 60  PHE A N   1 
ATOM   433  C CA  . PHE A 1 80  ? 10.638  -13.022 -16.904 1.00 38.85 ? 60  PHE A CA  1 
ATOM   434  C C   . PHE A 1 80  ? 10.750  -14.097 -17.970 1.00 38.54 ? 60  PHE A C   1 
ATOM   435  O O   . PHE A 1 80  ? 11.803  -14.241 -18.587 1.00 38.40 ? 60  PHE A O   1 
ATOM   436  C CB  . PHE A 1 80  ? 11.074  -13.565 -15.529 1.00 39.66 ? 60  PHE A CB  1 
ATOM   437  C CG  . PHE A 1 80  ? 12.545  -13.485 -15.302 1.00 40.91 ? 60  PHE A CG  1 
ATOM   438  C CD1 . PHE A 1 80  ? 13.125  -12.308 -14.881 1.00 42.00 ? 60  PHE A CD1 1 
ATOM   439  C CD2 . PHE A 1 80  ? 13.358  -14.575 -15.543 1.00 43.76 ? 60  PHE A CD2 1 
ATOM   440  C CE1 . PHE A 1 80  ? 14.503  -12.219 -14.692 1.00 43.52 ? 60  PHE A CE1 1 
ATOM   441  C CE2 . PHE A 1 80  ? 14.732  -14.489 -15.360 1.00 44.07 ? 60  PHE A CE2 1 
ATOM   442  C CZ  . PHE A 1 80  ? 15.302  -13.311 -14.930 1.00 42.31 ? 60  PHE A CZ  1 
ATOM   443  N N   . LEU A 1 81  ? 9.653   -14.827 -18.176 1.00 38.65 ? 61  LEU A N   1 
ATOM   444  C CA  . LEU A 1 81  ? 9.535   -15.838 -19.227 1.00 38.90 ? 61  LEU A CA  1 
ATOM   445  C C   . LEU A 1 81  ? 9.451   -15.267 -20.649 1.00 40.09 ? 61  LEU A C   1 
ATOM   446  O O   . LEU A 1 81  ? 9.854   -15.926 -21.598 1.00 40.51 ? 61  LEU A O   1 
ATOM   447  C CB  . LEU A 1 81  ? 8.311   -16.705 -18.975 1.00 38.52 ? 61  LEU A CB  1 
ATOM   448  C CG  . LEU A 1 81  ? 8.255   -17.407 -17.628 1.00 37.70 ? 61  LEU A CG  1 
ATOM   449  C CD1 . LEU A 1 81  ? 6.851   -17.892 -17.351 1.00 37.05 ? 61  LEU A CD1 1 
ATOM   450  C CD2 . LEU A 1 81  ? 9.276   -18.553 -17.563 1.00 36.76 ? 61  LEU A CD2 1 
ATOM   451  N N   . GLU A 1 82  ? 8.912   -14.060 -20.805 1.00 41.13 ? 62  GLU A N   1 
ATOM   452  C CA  . GLU A 1 82  ? 8.785   -13.450 -22.125 1.00 41.98 ? 62  GLU A CA  1 
ATOM   453  C C   . GLU A 1 82  ? 10.003  -12.590 -22.485 1.00 42.31 ? 62  GLU A C   1 
ATOM   454  O O   . GLU A 1 82  ? 10.586  -12.760 -23.550 1.00 42.11 ? 62  GLU A O   1 
ATOM   455  C CB  . GLU A 1 82  ? 7.498   -12.623 -22.221 1.00 42.23 ? 62  GLU A CB  1 
ATOM   456  C CG  . GLU A 1 82  ? 6.236   -13.338 -21.738 1.00 44.19 ? 62  GLU A CG  1 
ATOM   457  C CD  . GLU A 1 82  ? 5.888   -14.540 -22.580 1.00 47.20 ? 62  GLU A CD  1 
ATOM   458  O OE1 . GLU A 1 82  ? 5.598   -14.345 -23.778 1.00 49.24 ? 62  GLU A OE1 1 
ATOM   459  O OE2 . GLU A 1 82  ? 5.907   -15.674 -22.047 1.00 48.18 ? 62  GLU A OE2 1 
ATOM   460  N N   . LYS A 1 83  ? 10.386  -11.672 -21.600 1.00 42.46 ? 63  LYS A N   1 
ATOM   461  C CA  . LYS A 1 83  ? 11.541  -10.825 -21.854 1.00 42.79 ? 63  LYS A CA  1 
ATOM   462  C C   . LYS A 1 83  ? 12.397  -10.645 -20.612 1.00 42.46 ? 63  LYS A C   1 
ATOM   463  O O   . LYS A 1 83  ? 12.248  -9.656  -19.895 1.00 43.25 ? 63  LYS A O   1 
ATOM   464  C CB  . LYS A 1 83  ? 11.082  -9.484  -22.397 1.00 43.08 ? 63  LYS A CB  1 
ATOM   465  C CG  . LYS A 1 83  ? 10.815  -9.514  -23.885 1.00 44.33 ? 63  LYS A CG  1 
ATOM   466  C CD  . LYS A 1 83  ? 9.507   -8.844  -24.206 1.00 45.95 ? 63  LYS A CD  1 
ATOM   467  C CE  . LYS A 1 83  ? 9.502   -8.310  -25.622 1.00 46.89 ? 63  LYS A CE  1 
ATOM   468  N NZ  . LYS A 1 83  ? 8.730   -7.020  -25.620 1.00 49.97 ? 63  LYS A NZ  1 
ATOM   469  N N   . PRO A 1 84  ? 13.299  -11.601 -20.348 1.00 41.75 ? 64  PRO A N   1 
ATOM   470  C CA  . PRO A 1 84  ? 14.070  -11.605 -19.104 1.00 41.35 ? 64  PRO A CA  1 
ATOM   471  C C   . PRO A 1 84  ? 14.737  -10.265 -18.810 1.00 41.37 ? 64  PRO A C   1 
ATOM   472  O O   . PRO A 1 84  ? 14.684  -9.794  -17.661 1.00 42.06 ? 64  PRO A O   1 
ATOM   473  C CB  . PRO A 1 84  ? 15.123  -12.697 -19.338 1.00 40.85 ? 64  PRO A CB  1 
ATOM   474  C CG  . PRO A 1 84  ? 14.516  -13.590 -20.331 1.00 41.20 ? 64  PRO A CG  1 
ATOM   475  C CD  . PRO A 1 84  ? 13.632  -12.751 -21.209 1.00 41.59 ? 64  PRO A CD  1 
ATOM   476  N N   . ASP A 1 85  ? 15.331  -9.651  -19.830 1.00 40.46 ? 65  ASP A N   1 
ATOM   477  C CA  . ASP A 1 85  ? 16.027  -8.386  -19.651 1.00 40.50 ? 65  ASP A CA  1 
ATOM   478  C C   . ASP A 1 85  ? 15.093  -7.246  -19.214 1.00 39.25 ? 65  ASP A C   1 
ATOM   479  O O   . ASP A 1 85  ? 15.518  -6.274  -18.598 1.00 38.40 ? 65  ASP A O   1 
ATOM   480  C CB  . ASP A 1 85  ? 16.869  -8.004  -20.886 1.00 41.19 ? 65  ASP A CB  1 
ATOM   481  C CG  . ASP A 1 85  ? 16.184  -8.329  -22.232 1.00 45.58 ? 65  ASP A CG  1 
ATOM   482  O OD1 . ASP A 1 85  ? 15.163  -9.071  -22.255 1.00 50.32 ? 65  ASP A OD1 1 
ATOM   483  O OD2 . ASP A 1 85  ? 16.696  -7.844  -23.288 1.00 48.39 ? 65  ASP A OD2 1 
ATOM   484  N N   . LEU A 1 86  ? 13.815  -7.397  -19.519 1.00 37.65 ? 66  LEU A N   1 
ATOM   485  C CA  . LEU A 1 86  ? 12.855  -6.375  -19.234 1.00 36.34 ? 66  LEU A CA  1 
ATOM   486  C C   . LEU A 1 86  ? 12.325  -6.594  -17.829 1.00 35.31 ? 66  LEU A C   1 
ATOM   487  O O   . LEU A 1 86  ? 12.016  -5.649  -17.122 1.00 34.49 ? 66  LEU A O   1 
ATOM   488  C CB  . LEU A 1 86  ? 11.714  -6.448  -20.256 1.00 36.67 ? 66  LEU A CB  1 
ATOM   489  C CG  . LEU A 1 86  ? 10.953  -5.169  -20.594 1.00 35.93 ? 66  LEU A CG  1 
ATOM   490  C CD1 . LEU A 1 86  ? 11.930  -4.042  -20.947 1.00 36.91 ? 66  LEU A CD1 1 
ATOM   491  C CD2 . LEU A 1 86  ? 10.010  -5.445  -21.742 1.00 36.33 ? 66  LEU A CD2 1 
ATOM   492  N N   . ALA A 1 87  ? 12.218  -7.853  -17.426 1.00 34.49 ? 67  ALA A N   1 
ATOM   493  C CA  . ALA A 1 87  ? 11.939  -8.138  -16.037 1.00 33.87 ? 67  ALA A CA  1 
ATOM   494  C C   . ALA A 1 87  ? 13.106  -7.671  -15.149 1.00 33.56 ? 67  ALA A C   1 
ATOM   495  O O   . ALA A 1 87  ? 12.864  -7.136  -14.063 1.00 33.59 ? 67  ALA A O   1 
ATOM   496  C CB  . ALA A 1 87  ? 11.605  -9.611  -15.816 1.00 33.40 ? 67  ALA A CB  1 
ATOM   497  N N   . LEU A 1 88  ? 14.349  -7.823  -15.613 1.00 32.94 ? 68  LEU A N   1 
ATOM   498  C CA  . LEU A 1 88  ? 15.495  -7.445  -14.790 1.00 33.24 ? 68  LEU A CA  1 
ATOM   499  C C   . LEU A 1 88  ? 15.527  -5.934  -14.602 1.00 33.34 ? 68  LEU A C   1 
ATOM   500  O O   . LEU A 1 88  ? 15.965  -5.439  -13.540 1.00 33.05 ? 68  LEU A O   1 
ATOM   501  C CB  . LEU A 1 88  ? 16.832  -7.954  -15.357 1.00 33.04 ? 68  LEU A CB  1 
ATOM   502  C CG  . LEU A 1 88  ? 17.156  -9.460  -15.275 1.00 35.23 ? 68  LEU A CG  1 
ATOM   503  C CD1 . LEU A 1 88  ? 18.351  -9.855  -16.200 1.00 33.70 ? 68  LEU A CD1 1 
ATOM   504  C CD2 . LEU A 1 88  ? 17.380  -9.985  -13.833 1.00 33.22 ? 68  LEU A CD2 1 
ATOM   505  N N   . ARG A 1 89  ? 15.057  -5.208  -15.619 1.00 33.11 ? 69  ARG A N   1 
ATOM   506  C CA  . ARG A 1 89  ? 15.055  -3.742  -15.563 1.00 33.56 ? 69  ARG A CA  1 
ATOM   507  C C   . ARG A 1 89  ? 14.012  -3.239  -14.568 1.00 33.31 ? 69  ARG A C   1 
ATOM   508  O O   . ARG A 1 89  ? 14.172  -2.180  -13.961 1.00 32.94 ? 69  ARG A O   1 
ATOM   509  C CB  . ARG A 1 89  ? 14.807  -3.126  -16.933 1.00 33.79 ? 69  ARG A CB  1 
ATOM   510  C CG  . ARG A 1 89  ? 15.024  -1.604  -16.982 1.00 35.94 ? 69  ARG A CG  1 
ATOM   511  C CD  . ARG A 1 89  ? 16.499  -1.268  -17.144 1.00 40.84 ? 69  ARG A CD  1 
ATOM   512  N NE  . ARG A 1 89  ? 16.967  -0.164  -16.293 1.00 44.60 ? 69  ARG A NE  1 
ATOM   513  C CZ  . ARG A 1 89  ? 16.324  0.986   -16.081 1.00 45.28 ? 69  ARG A CZ  1 
ATOM   514  N NH1 . ARG A 1 89  ? 15.161  1.232   -16.672 1.00 45.23 ? 69  ARG A NH1 1 
ATOM   515  N NH2 . ARG A 1 89  ? 16.858  1.900   -15.277 1.00 44.84 ? 69  ARG A NH2 1 
ATOM   516  N N   . ILE A 1 90  ? 12.938  -4.003  -14.419 1.00 33.16 ? 70  ILE A N   1 
ATOM   517  C CA  . ILE A 1 90  ? 11.866  -3.631  -13.525 1.00 33.51 ? 70  ILE A CA  1 
ATOM   518  C C   . ILE A 1 90  ? 12.325  -3.935  -12.117 1.00 33.23 ? 70  ILE A C   1 
ATOM   519  O O   . ILE A 1 90  ? 12.281  -3.081  -11.239 1.00 33.23 ? 70  ILE A O   1 
ATOM   520  C CB  . ILE A 1 90  ? 10.538  -4.322  -13.916 1.00 33.60 ? 70  ILE A CB  1 
ATOM   521  C CG1 . ILE A 1 90  ? 9.971   -3.608  -15.139 1.00 34.00 ? 70  ILE A CG1 1 
ATOM   522  C CG2 . ILE A 1 90  ? 9.546   -4.340  -12.744 1.00 32.65 ? 70  ILE A CG2 1 
ATOM   523  C CD1 . ILE A 1 90  ? 8.615   -4.086  -15.604 1.00 35.73 ? 70  ILE A CD1 1 
ATOM   524  N N   . MET A 1 91  ? 12.808  -5.149  -11.930 1.00 32.85 ? 71  MET A N   1 
ATOM   525  C CA  . MET A 1 91  ? 13.568  -5.496  -10.748 1.00 32.87 ? 71  MET A CA  1 
ATOM   526  C C   . MET A 1 91  ? 14.546  -4.409  -10.291 1.00 32.20 ? 71  MET A C   1 
ATOM   527  O O   . MET A 1 91  ? 14.527  -4.009  -9.138  1.00 32.64 ? 71  MET A O   1 
ATOM   528  C CB  . MET A 1 91  ? 14.269  -6.813  -10.995 1.00 32.33 ? 71  MET A CB  1 
ATOM   529  C CG  . MET A 1 91  ? 13.301  -7.963  -10.903 1.00 32.63 ? 71  MET A CG  1 
ATOM   530  S SD  . MET A 1 91  ? 13.994  -9.541  -11.370 1.00 35.02 ? 71  MET A SD  1 
ATOM   531  C CE  . MET A 1 91  ? 13.174  -10.476 -10.098 1.00 35.85 ? 71  MET A CE  1 
ATOM   532  N N   . THR A 1 92  ? 15.385  -3.914  -11.187 1.00 31.99 ? 72  THR A N   1 
ATOM   533  C CA  . THR A 1 92  ? 16.349  -2.868  -10.816 1.00 31.95 ? 72  THR A CA  1 
ATOM   534  C C   . THR A 1 92  ? 15.681  -1.543  -10.408 1.00 30.90 ? 72  THR A C   1 
ATOM   535  O O   . THR A 1 92  ? 16.095  -0.910  -9.440  1.00 31.49 ? 72  THR A O   1 
ATOM   536  C CB  . THR A 1 92  ? 17.390  -2.633  -11.942 1.00 32.27 ? 72  THR A CB  1 
ATOM   537  O OG1 . THR A 1 92  ? 18.012  -3.883  -12.242 1.00 34.96 ? 72  THR A OG1 1 
ATOM   538  C CG2 . THR A 1 92  ? 18.471  -1.606  -11.547 1.00 30.17 ? 72  THR A CG2 1 
ATOM   539  N N   . VAL A 1 93  ? 14.658  -1.132  -11.148 1.00 29.64 ? 73  VAL A N   1 
ATOM   540  C CA  . VAL A 1 93  ? 13.971  0.121   -10.880 1.00 28.59 ? 73  VAL A CA  1 
ATOM   541  C C   . VAL A 1 93  ? 13.109  0.047   -9.614  1.00 28.70 ? 73  VAL A C   1 
ATOM   542  O O   . VAL A 1 93  ? 13.085  0.993   -8.815  1.00 28.64 ? 73  VAL A O   1 
ATOM   543  C CB  . VAL A 1 93  ? 13.196  0.612   -12.112 1.00 28.19 ? 73  VAL A CB  1 
ATOM   544  C CG1 . VAL A 1 93  ? 12.238  1.745   -11.763 1.00 26.59 ? 73  VAL A CG1 1 
ATOM   545  C CG2 . VAL A 1 93  ? 14.177  1.072   -13.167 1.00 28.06 ? 73  VAL A CG2 1 
ATOM   546  N N   . ARG A 1 94  ? 12.425  -1.071  -9.414  1.00 28.72 ? 74  ARG A N   1 
ATOM   547  C CA  . ARG A 1 94  ? 11.638  -1.261  -8.188  1.00 29.30 ? 74  ARG A CA  1 
ATOM   548  C C   . ARG A 1 94  ? 12.568  -1.116  -6.956  1.00 29.82 ? 74  ARG A C   1 
ATOM   549  O O   . ARG A 1 94  ? 12.218  -0.421  -5.994  1.00 29.12 ? 74  ARG A O   1 
ATOM   550  C CB  . ARG A 1 94  ? 10.879  -2.603  -8.204  1.00 28.34 ? 74  ARG A CB  1 
ATOM   551  C CG  . ARG A 1 94  ? 11.679  -3.739  -7.593  1.00 28.84 ? 74  ARG A CG  1 
ATOM   552  C CD  . ARG A 1 94  ? 11.412  -5.115  -8.162  1.00 25.89 ? 74  ARG A CD  1 
ATOM   553  N NE  . ARG A 1 94  ? 10.179  -5.626  -7.625  1.00 24.18 ? 74  ARG A NE  1 
ATOM   554  C CZ  . ARG A 1 94  ? 10.015  -6.818  -7.055  1.00 23.81 ? 74  ARG A CZ  1 
ATOM   555  N NH1 . ARG A 1 94  ? 11.042  -7.665  -6.933  1.00 20.47 ? 74  ARG A NH1 1 
ATOM   556  N NH2 . ARG A 1 94  ? 8.781   -7.165  -6.620  1.00 20.56 ? 74  ARG A NH2 1 
ATOM   557  N N   . GLU A 1 95  ? 13.752  -1.745  -7.012  1.00 30.58 ? 75  GLU A N   1 
ATOM   558  C CA  . GLU A 1 95  ? 14.680  -1.774  -5.878  1.00 32.20 ? 75  GLU A CA  1 
ATOM   559  C C   . GLU A 1 95  ? 15.217  -0.375  -5.619  1.00 31.56 ? 75  GLU A C   1 
ATOM   560  O O   . GLU A 1 95  ? 15.267  0.079   -4.485  1.00 30.71 ? 75  GLU A O   1 
ATOM   561  C CB  . GLU A 1 95  ? 15.832  -2.744  -6.139  1.00 32.14 ? 75  GLU A CB  1 
ATOM   562  C CG  . GLU A 1 95  ? 16.847  -2.863  -5.005  1.00 33.79 ? 75  GLU A CG  1 
ATOM   563  C CD  . GLU A 1 95  ? 17.865  -3.978  -5.242  1.00 36.06 ? 75  GLU A CD  1 
ATOM   564  O OE1 . GLU A 1 95  ? 17.505  -5.056  -5.822  1.00 41.11 ? 75  GLU A OE1 1 
ATOM   565  O OE2 . GLU A 1 95  ? 19.046  -3.791  -4.841  1.00 41.37 ? 75  GLU A OE2 1 
ATOM   566  N N   . HIS A 1 96  ? 15.578  0.311   -6.696  1.00 32.28 ? 76  HIS A N   1 
ATOM   567  C CA  . HIS A 1 96  ? 16.042  1.687   -6.628  1.00 32.75 ? 76  HIS A CA  1 
ATOM   568  C C   . HIS A 1 96  ? 15.027  2.652   -6.006  1.00 32.30 ? 76  HIS A C   1 
ATOM   569  O O   . HIS A 1 96  ? 15.368  3.456   -5.133  1.00 33.43 ? 76  HIS A O   1 
ATOM   570  C CB  . HIS A 1 96  ? 16.435  2.173   -8.013  1.00 33.33 ? 76  HIS A CB  1 
ATOM   571  C CG  . HIS A 1 96  ? 17.126  3.495   -7.986  1.00 35.89 ? 76  HIS A CG  1 
ATOM   572  N ND1 . HIS A 1 96  ? 16.552  4.644   -8.488  1.00 37.58 ? 76  HIS A ND1 1 
ATOM   573  C CD2 . HIS A 1 96  ? 18.311  3.866   -7.442  1.00 37.49 ? 76  HIS A CD2 1 
ATOM   574  C CE1 . HIS A 1 96  ? 17.375  5.660   -8.291  1.00 39.03 ? 76  HIS A CE1 1 
ATOM   575  N NE2 . HIS A 1 96  ? 18.447  5.215   -7.657  1.00 39.10 ? 76  HIS A NE2 1 
ATOM   576  N N   . ILE A 1 97  ? 13.778  2.562   -6.435  1.00 31.54 ? 77  ILE A N   1 
ATOM   577  C CA  . ILE A 1 97  ? 12.703  3.349   -5.848  1.00 30.82 ? 77  ILE A CA  1 
ATOM   578  C C   . ILE A 1 97  ? 12.585  3.123   -4.333  1.00 30.97 ? 77  ILE A C   1 
ATOM   579  O O   . ILE A 1 97  ? 12.647  4.091   -3.559  1.00 29.97 ? 77  ILE A O   1 
ATOM   580  C CB  . ILE A 1 97  ? 11.349  3.083   -6.549  1.00 30.78 ? 77  ILE A CB  1 
ATOM   581  C CG1 . ILE A 1 97  ? 11.399  3.574   -8.012  1.00 30.67 ? 77  ILE A CG1 1 
ATOM   582  C CG2 . ILE A 1 97  ? 10.234  3.755   -5.799  1.00 29.58 ? 77  ILE A CG2 1 
ATOM   583  C CD1 . ILE A 1 97  ? 10.153  3.220   -8.851  1.00 30.17 ? 77  ILE A CD1 1 
ATOM   584  N N   . ALA A 1 98  ? 12.411  1.856   -3.931  1.00 30.91 ? 78  ALA A N   1 
ATOM   585  C CA  . ALA A 1 98  ? 12.357  1.491   -2.518  1.00 31.35 ? 78  ALA A CA  1 
ATOM   586  C C   . ALA A 1 98  ? 13.551  2.065   -1.757  1.00 31.86 ? 78  ALA A C   1 
ATOM   587  O O   . ALA A 1 98  ? 13.349  2.759   -0.770  1.00 32.38 ? 78  ALA A O   1 
ATOM   588  C CB  . ALA A 1 98  ? 12.263  -0.007  -2.330  1.00 30.54 ? 78  ALA A CB  1 
ATOM   589  N N   . GLU A 1 99  ? 14.775  1.814   -2.227  1.00 32.41 ? 79  GLU A N   1 
ATOM   590  C CA  . GLU A 1 99  ? 15.974  2.397   -1.610  1.00 33.83 ? 79  GLU A CA  1 
ATOM   591  C C   . GLU A 1 99  ? 15.821  3.882   -1.321  1.00 33.07 ? 79  GLU A C   1 
ATOM   592  O O   . GLU A 1 99  ? 16.244  4.340   -0.280  1.00 32.77 ? 79  GLU A O   1 
ATOM   593  C CB  . GLU A 1 99  ? 17.217  2.297   -2.503  1.00 34.38 ? 79  GLU A CB  1 
ATOM   594  C CG  . GLU A 1 99  ? 17.441  1.014   -3.208  1.00 39.30 ? 79  GLU A CG  1 
ATOM   595  C CD  . GLU A 1 99  ? 18.295  0.069   -2.432  1.00 44.78 ? 79  GLU A CD  1 
ATOM   596  O OE1 . GLU A 1 99  ? 17.831  -0.341  -1.338  1.00 49.12 ? 79  GLU A OE1 1 
ATOM   597  O OE2 . GLU A 1 99  ? 19.404  -0.275  -2.924  1.00 44.03 ? 79  GLU A OE2 1 
ATOM   598  N N   . GLU A 1 100 ? 15.276  4.622   -2.285  1.00 33.09 ? 80  GLU A N   1 
ATOM   599  C CA  . GLU A 1 100 ? 15.137  6.080   -2.198  1.00 33.20 ? 80  GLU A CA  1 
ATOM   600  C C   . GLU A 1 100 ? 14.056  6.556   -1.243  1.00 32.53 ? 80  GLU A C   1 
ATOM   601  O O   . GLU A 1 100 ? 14.256  7.551   -0.529  1.00 32.33 ? 80  GLU A O   1 
ATOM   602  C CB  . GLU A 1 100 ? 14.832  6.671   -3.580  1.00 33.52 ? 80  GLU A CB  1 
ATOM   603  C CG  . GLU A 1 100 ? 15.866  6.341   -4.628  1.00 36.24 ? 80  GLU A CG  1 
ATOM   604  C CD  . GLU A 1 100 ? 17.068  7.272   -4.579  1.00 40.98 ? 80  GLU A CD  1 
ATOM   605  O OE1 . GLU A 1 100 ? 16.898  8.431   -4.132  1.00 43.28 ? 80  GLU A OE1 1 
ATOM   606  O OE2 . GLU A 1 100 ? 18.176  6.855   -5.009  1.00 42.31 ? 80  GLU A OE2 1 
ATOM   607  N N   . ILE A 1 101 ? 12.906  5.883   -1.244  1.00 31.74 ? 81  ILE A N   1 
ATOM   608  C CA  . ILE A 1 101 ? 11.746  6.419   -0.512  1.00 31.64 ? 81  ILE A CA  1 
ATOM   609  C C   . ILE A 1 101 ? 11.602  5.786   0.876   1.00 31.92 ? 81  ILE A C   1 
ATOM   610  O O   . ILE A 1 101 ? 10.999  6.370   1.769   1.00 31.45 ? 81  ILE A O   1 
ATOM   611  C CB  . ILE A 1 101 ? 10.397  6.346   -1.341  1.00 31.20 ? 81  ILE A CB  1 
ATOM   612  C CG1 . ILE A 1 101 ? 9.792   4.936   -1.292  1.00 30.62 ? 81  ILE A CG1 1 
ATOM   613  C CG2 . ILE A 1 101 ? 10.606  6.847   -2.773  1.00 30.04 ? 81  ILE A CG2 1 
ATOM   614  C CD1 . ILE A 1 101 ? 8.494   4.791   -2.013  1.00 31.63 ? 81  ILE A CD1 1 
ATOM   615  N N   . ALA A 1 102 ? 12.186  4.610   1.063   1.00 32.16 ? 82  ALA A N   1 
ATOM   616  C CA  . ALA A 1 102 ? 11.834  3.802   2.223   1.00 32.84 ? 82  ALA A CA  1 
ATOM   617  C C   . ALA A 1 102 ? 11.955  4.551   3.543   1.00 33.54 ? 82  ALA A C   1 
ATOM   618  O O   . ALA A 1 102 ? 11.114  4.391   4.446   1.00 33.69 ? 82  ALA A O   1 
ATOM   619  C CB  . ALA A 1 102 ? 12.638  2.542   2.265   1.00 32.46 ? 82  ALA A CB  1 
ATOM   620  N N   . GLU A 1 103 ? 12.983  5.381   3.645   1.00 33.77 ? 83  GLU A N   1 
ATOM   621  C CA  . GLU A 1 103 ? 13.366  5.938   4.927   1.00 34.70 ? 83  GLU A CA  1 
ATOM   622  C C   . GLU A 1 103 ? 12.381  7.021   5.399   1.00 33.91 ? 83  GLU A C   1 
ATOM   623  O O   . GLU A 1 103 ? 12.353  7.352   6.580   1.00 34.12 ? 83  GLU A O   1 
ATOM   624  C CB  . GLU A 1 103 ? 14.801  6.464   4.866   1.00 33.68 ? 83  GLU A CB  1 
ATOM   625  C CG  . GLU A 1 103 ? 14.930  7.792   4.134   1.00 36.73 ? 83  GLU A CG  1 
ATOM   626  C CD  . GLU A 1 103 ? 16.291  8.442   4.302   1.00 38.17 ? 83  GLU A CD  1 
ATOM   627  O OE1 . GLU A 1 103 ? 17.198  7.797   4.868   1.00 45.98 ? 83  GLU A OE1 1 
ATOM   628  O OE2 . GLU A 1 103 ? 16.469  9.606   3.877   1.00 43.48 ? 83  GLU A OE2 1 
ATOM   629  N N   . PHE A 1 104 ? 11.602  7.561   4.464   1.00 33.38 ? 84  PHE A N   1 
ATOM   630  C CA  . PHE A 1 104 ? 10.617  8.609   4.719   1.00 32.88 ? 84  PHE A CA  1 
ATOM   631  C C   . PHE A 1 104 ? 9.242   8.042   5.070   1.00 32.22 ? 84  PHE A C   1 
ATOM   632  O O   . PHE A 1 104 ? 8.444   8.694   5.739   1.00 31.56 ? 84  PHE A O   1 
ATOM   633  C CB  . PHE A 1 104 ? 10.482  9.508   3.485   1.00 33.13 ? 84  PHE A CB  1 
ATOM   634  C CG  . PHE A 1 104 ? 11.722  10.230  3.147   1.00 33.95 ? 84  PHE A CG  1 
ATOM   635  C CD1 . PHE A 1 104 ? 12.161  11.295  3.949   1.00 35.96 ? 84  PHE A CD1 1 
ATOM   636  C CD2 . PHE A 1 104 ? 12.493  9.834   2.056   1.00 34.00 ? 84  PHE A CD2 1 
ATOM   637  C CE1 . PHE A 1 104 ? 13.368  11.952  3.656   1.00 36.73 ? 84  PHE A CE1 1 
ATOM   638  C CE2 . PHE A 1 104 ? 13.697  10.482  1.745   1.00 33.18 ? 84  PHE A CE2 1 
ATOM   639  C CZ  . PHE A 1 104 ? 14.135  11.536  2.538   1.00 35.78 ? 84  PHE A CZ  1 
ATOM   640  N N   . LEU A 1 105 ? 8.968   6.841   4.591   1.00 31.74 ? 85  LEU A N   1 
ATOM   641  C CA  . LEU A 1 105 ? 7.662   6.228   4.774   1.00 32.42 ? 85  LEU A CA  1 
ATOM   642  C C   . LEU A 1 105 ? 7.146   6.212   6.222   1.00 32.01 ? 85  LEU A C   1 
ATOM   643  O O   . LEU A 1 105 ? 5.993   6.571   6.428   1.00 31.92 ? 85  LEU A O   1 
ATOM   644  C CB  . LEU A 1 105 ? 7.589   4.826   4.133   1.00 32.53 ? 85  LEU A CB  1 
ATOM   645  C CG  . LEU A 1 105 ? 7.603   4.801   2.599   1.00 33.87 ? 85  LEU A CG  1 
ATOM   646  C CD1 . LEU A 1 105 ? 7.469   3.377   2.057   1.00 34.81 ? 85  LEU A CD1 1 
ATOM   647  C CD2 . LEU A 1 105 ? 6.538   5.690   2.020   1.00 35.64 ? 85  LEU A CD2 1 
ATOM   648  N N   . PRO A 1 106 ? 7.974   5.795   7.213   1.00 31.49 ? 86  PRO A N   1 
ATOM   649  C CA  . PRO A 1 106 ? 7.465   5.754   8.596   1.00 31.89 ? 86  PRO A CA  1 
ATOM   650  C C   . PRO A 1 106 ? 6.868   7.070   9.085   1.00 32.25 ? 86  PRO A C   1 
ATOM   651  O O   . PRO A 1 106 ? 5.703   7.102   9.507   1.00 32.81 ? 86  PRO A O   1 
ATOM   652  C CB  . PRO A 1 106 ? 8.707   5.377   9.418   1.00 31.87 ? 86  PRO A CB  1 
ATOM   653  C CG  . PRO A 1 106 ? 9.533   4.577   8.472   1.00 31.12 ? 86  PRO A CG  1 
ATOM   654  C CD  . PRO A 1 106 ? 9.357   5.293   7.149   1.00 31.35 ? 86  PRO A CD  1 
ATOM   655  N N   . GLU A 1 107 ? 7.649   8.147   9.014   1.00 32.07 ? 87  GLU A N   1 
ATOM   656  C CA  . GLU A 1 107 ? 7.156   9.472   9.339   1.00 31.48 ? 87  GLU A CA  1 
ATOM   657  C C   . GLU A 1 107 ? 5.963   9.912   8.494   1.00 31.08 ? 87  GLU A C   1 
ATOM   658  O O   . GLU A 1 107 ? 5.025   10.512  9.018   1.00 30.56 ? 87  GLU A O   1 
ATOM   659  C CB  . GLU A 1 107 ? 8.252   10.505  9.207   1.00 31.56 ? 87  GLU A CB  1 
ATOM   660  C CG  . GLU A 1 107 ? 8.638   11.121  10.537  1.00 33.20 ? 87  GLU A CG  1 
ATOM   661  C CD  . GLU A 1 107 ? 8.831   12.639  10.464  1.00 35.76 ? 87  GLU A CD  1 
ATOM   662  O OE1 . GLU A 1 107 ? 9.688   13.108  9.678   1.00 37.30 ? 87  GLU A OE1 1 
ATOM   663  O OE2 . GLU A 1 107 ? 8.149   13.361  11.223  1.00 37.08 ? 87  GLU A OE2 1 
ATOM   664  N N   . MET A 1 108 ? 6.007   9.646   7.195   1.00 30.54 ? 88  MET A N   1 
ATOM   665  C CA  . MET A 1 108 ? 4.914   10.067  6.336   1.00 31.24 ? 88  MET A CA  1 
ATOM   666  C C   . MET A 1 108 ? 3.592   9.401   6.736   1.00 30.29 ? 88  MET A C   1 
ATOM   667  O O   . MET A 1 108 ? 2.574   10.080  6.779   1.00 30.56 ? 88  MET A O   1 
ATOM   668  C CB  . MET A 1 108 ? 5.213   9.861   4.845   1.00 31.08 ? 88  MET A CB  1 
ATOM   669  C CG  . MET A 1 108 ? 6.378   10.710  4.279   1.00 32.19 ? 88  MET A CG  1 
ATOM   670  S SD  . MET A 1 108 ? 6.555   10.596  2.449   1.00 34.86 ? 88  MET A SD  1 
ATOM   671  C CE  . MET A 1 108 ? 7.466   9.066   2.306   1.00 35.57 ? 88  MET A CE  1 
ATOM   672  N N   . VAL A 1 109 ? 3.606   8.104   7.047   1.00 29.26 ? 89  VAL A N   1 
ATOM   673  C CA  . VAL A 1 109 ? 2.383   7.394   7.420   1.00 28.96 ? 89  VAL A CA  1 
ATOM   674  C C   . VAL A 1 109 ? 1.897   7.772   8.822   1.00 28.07 ? 89  VAL A C   1 
ATOM   675  O O   . VAL A 1 109 ? 0.742   8.178   9.006   1.00 27.95 ? 89  VAL A O   1 
ATOM   676  C CB  . VAL A 1 109 ? 2.515   5.843   7.352   1.00 29.21 ? 89  VAL A CB  1 
ATOM   677  C CG1 . VAL A 1 109 ? 1.142   5.222   7.574   1.00 30.12 ? 89  VAL A CG1 1 
ATOM   678  C CG2 . VAL A 1 109 ? 3.065   5.389   6.008   1.00 30.15 ? 89  VAL A CG2 1 
ATOM   679  N N   . VAL A 1 110 ? 2.774   7.634   9.812   1.00 26.79 ? 90  VAL A N   1 
ATOM   680  C CA  . VAL A 1 110 ? 2.397   7.965   11.174  1.00 25.75 ? 90  VAL A CA  1 
ATOM   681  C C   . VAL A 1 110 ? 1.857   9.396   11.222  1.00 26.22 ? 90  VAL A C   1 
ATOM   682  O O   . VAL A 1 110 ? 0.709   9.596   11.652  1.00 26.11 ? 90  VAL A O   1 
ATOM   683  C CB  . VAL A 1 110 ? 3.556   7.739   12.186  1.00 25.53 ? 90  VAL A CB  1 
ATOM   684  C CG1 . VAL A 1 110 ? 3.144   8.175   13.563  1.00 25.43 ? 90  VAL A CG1 1 
ATOM   685  C CG2 . VAL A 1 110 ? 3.957   6.304   12.212  1.00 22.83 ? 90  VAL A CG2 1 
ATOM   686  N N   . THR A 1 111 ? 2.633   10.372  10.730  1.00 25.76 ? 91  THR A N   1 
ATOM   687  C CA  . THR A 1 111 ? 2.174   11.775  10.760  1.00 26.40 ? 91  THR A CA  1 
ATOM   688  C C   . THR A 1 111 ? 1.021   12.095  9.813   1.00 27.15 ? 91  THR A C   1 
ATOM   689  O O   . THR A 1 111 ? 0.199   12.969  10.120  1.00 28.35 ? 91  THR A O   1 
ATOM   690  C CB  . THR A 1 111 ? 3.310   12.837  10.578  1.00 26.21 ? 91  THR A CB  1 
ATOM   691  O OG1 . THR A 1 111 ? 3.850   12.772  9.259   1.00 25.28 ? 91  THR A OG1 1 
ATOM   692  C CG2 . THR A 1 111 ? 4.443   12.654  11.635  1.00 24.99 ? 91  THR A CG2 1 
ATOM   693  N N   . GLY A 1 112 ? 0.954   11.414  8.670   1.00 27.16 ? 92  GLY A N   1 
ATOM   694  C CA  . GLY A 1 112 ? -0.172  11.600  7.744   1.00 27.10 ? 92  GLY A CA  1 
ATOM   695  C C   . GLY A 1 112 ? -1.480  11.170  8.395   1.00 28.14 ? 92  GLY A C   1 
ATOM   696  O O   . GLY A 1 112 ? -2.503  11.856  8.268   1.00 28.48 ? 92  GLY A O   1 
ATOM   697  N N   . ILE A 1 113 ? -1.445  10.060  9.142   1.00 27.58 ? 93  ILE A N   1 
ATOM   698  C CA  . ILE A 1 113 ? -2.637  9.573   9.812   1.00 27.30 ? 93  ILE A CA  1 
ATOM   699  C C   . ILE A 1 113 ? -3.021  10.496  10.985  1.00 27.68 ? 93  ILE A C   1 
ATOM   700  O O   . ILE A 1 113 ? -4.204  10.825  11.163  1.00 27.90 ? 93  ILE A O   1 
ATOM   701  C CB  . ILE A 1 113 ? -2.483  8.085   10.269  1.00 27.77 ? 93  ILE A CB  1 
ATOM   702  C CG1 . ILE A 1 113 ? -2.628  7.123   9.084   1.00 25.73 ? 93  ILE A CG1 1 
ATOM   703  C CG2 . ILE A 1 113 ? -3.486  7.735   11.380  1.00 27.30 ? 93  ILE A CG2 1 
ATOM   704  C CD1 . ILE A 1 113 ? -2.222  5.669   9.433   1.00 26.61 ? 93  ILE A CD1 1 
ATOM   705  N N   . GLN A 1 114 ? -2.020  10.924  11.757  1.00 27.58 ? 94  GLN A N   1 
ATOM   706  C CA  . GLN A 1 114 ? -2.221  11.822  12.898  1.00 26.50 ? 94  GLN A CA  1 
ATOM   707  C C   . GLN A 1 114 ? -2.835  13.122  12.487  1.00 27.11 ? 94  GLN A C   1 
ATOM   708  O O   . GLN A 1 114 ? -3.743  13.612  13.187  1.00 26.90 ? 94  GLN A O   1 
ATOM   709  C CB  . GLN A 1 114 ? -0.927  12.080  13.644  1.00 25.82 ? 94  GLN A CB  1 
ATOM   710  C CG  . GLN A 1 114 ? -0.501  10.898  14.447  1.00 25.25 ? 94  GLN A CG  1 
ATOM   711  C CD  . GLN A 1 114 ? 0.907   11.007  14.966  1.00 25.21 ? 94  GLN A CD  1 
ATOM   712  O OE1 . GLN A 1 114 ? 1.742   11.713  14.407  1.00 27.21 ? 94  GLN A OE1 1 
ATOM   713  N NE2 . GLN A 1 114 ? 1.188   10.287  16.026  1.00 24.74 ? 94  GLN A NE2 1 
ATOM   714  N N   . GLN A 1 115 ? -2.351  13.679  11.370  1.00 27.93 ? 95  GLN A N   1 
ATOM   715  C CA  . GLN A 1 115 ? -2.937  14.891  10.777  1.00 29.30 ? 95  GLN A CA  1 
ATOM   716  C C   . GLN A 1 115 ? -4.348  14.673  10.295  1.00 28.95 ? 95  GLN A C   1 
ATOM   717  O O   . GLN A 1 115 ? -5.224  15.460  10.607  1.00 29.15 ? 95  GLN A O   1 
ATOM   718  C CB  . GLN A 1 115 ? -2.132  15.413  9.590   1.00 29.59 ? 95  GLN A CB  1 
ATOM   719  C CG  . GLN A 1 115 ? -1.379  16.697  9.879   1.00 35.69 ? 95  GLN A CG  1 
ATOM   720  C CD  . GLN A 1 115 ? -1.108  17.507  8.621   1.00 42.10 ? 95  GLN A CD  1 
ATOM   721  O OE1 . GLN A 1 115 ? -1.704  17.256  7.572   1.00 45.49 ? 95  GLN A OE1 1 
ATOM   722  N NE2 . GLN A 1 115 ? -0.214  18.489  8.720   1.00 43.65 ? 95  GLN A NE2 1 
ATOM   723  N N   . ALA A 1 116 ? -4.558  13.609  9.518   1.00 29.02 ? 96  ALA A N   1 
ATOM   724  C CA  . ALA A 1 116 ? -5.857  13.340  8.928   1.00 28.32 ? 96  ALA A CA  1 
ATOM   725  C C   . ALA A 1 116 ? -6.871  13.041  10.026  1.00 28.38 ? 96  ALA A C   1 
ATOM   726  O O   . ALA A 1 116 ? -7.980  13.557  9.971   1.00 28.41 ? 96  ALA A O   1 
ATOM   727  C CB  . ALA A 1 116 ? -5.772  12.229  7.913   1.00 27.77 ? 96  ALA A CB  1 
ATOM   728  N N   . ASN A 1 117 ? -6.474  12.252  11.028  1.00 28.32 ? 97  ASN A N   1 
ATOM   729  C CA  . ASN A 1 117 ? -7.247  12.113  12.261  1.00 29.34 ? 97  ASN A CA  1 
ATOM   730  C C   . ASN A 1 117 ? -7.605  13.463  12.855  1.00 30.99 ? 97  ASN A C   1 
ATOM   731  O O   . ASN A 1 117 ? -8.779  13.724  13.164  1.00 31.20 ? 97  ASN A O   1 
ATOM   732  C CB  . ASN A 1 117 ? -6.500  11.283  13.318  1.00 28.38 ? 97  ASN A CB  1 
ATOM   733  C CG  . ASN A 1 117 ? -6.606  9.784   13.064  1.00 26.35 ? 97  ASN A CG  1 
ATOM   734  O OD1 . ASN A 1 117 ? -7.167  9.357   12.062  1.00 25.10 ? 97  ASN A OD1 1 
ATOM   735  N ND2 . ASN A 1 117 ? -6.077  8.992   13.966  1.00 21.08 ? 97  ASN A ND2 1 
ATOM   736  N N   . MET A 1 118 ? -6.596  14.320  12.998  1.00 32.59 ? 98  MET A N   1 
ATOM   737  C CA  . MET A 1 118 ? -6.788  15.599  13.659  1.00 34.98 ? 98  MET A CA  1 
ATOM   738  C C   . MET A 1 118 ? -7.701  16.535  12.859  1.00 35.98 ? 98  MET A C   1 
ATOM   739  O O   . MET A 1 118 ? -8.567  17.181  13.442  1.00 35.94 ? 98  MET A O   1 
ATOM   740  C CB  . MET A 1 118 ? -5.448  16.250  14.006  1.00 35.29 ? 98  MET A CB  1 
ATOM   741  C CG  . MET A 1 118 ? -5.529  17.561  14.780  1.00 38.27 ? 98  MET A CG  1 
ATOM   742  S SD  . MET A 1 118 ? -6.679  17.602  16.190  1.00 45.95 ? 98  MET A SD  1 
ATOM   743  C CE  . MET A 1 118 ? -5.902  16.431  17.331  1.00 43.66 ? 98  MET A CE  1 
ATOM   744  N N   . GLU A 1 119 ? -7.521  16.593  11.537  1.00 37.26 ? 99  GLU A N   1 
ATOM   745  C CA  . GLU A 1 119 ? -8.379  17.406  10.700  1.00 39.35 ? 99  GLU A CA  1 
ATOM   746  C C   . GLU A 1 119 ? -9.830  16.922  10.766  1.00 39.10 ? 99  GLU A C   1 
ATOM   747  O O   . GLU A 1 119 ? -10.752 17.692  10.551  1.00 39.17 ? 99  GLU A O   1 
ATOM   748  C CB  . GLU A 1 119 ? -7.898  17.426  9.251   1.00 39.04 ? 99  GLU A CB  1 
ATOM   749  C CG  . GLU A 1 119 ? -8.428  18.648  8.478   1.00 41.62 ? 99  GLU A CG  1 
ATOM   750  C CD  . GLU A 1 119 ? -8.390  18.490  6.949   1.00 43.45 ? 99  GLU A CD  1 
ATOM   751  O OE1 . GLU A 1 119 ? -7.677  17.567  6.443   1.00 47.45 ? 99  GLU A OE1 1 
ATOM   752  O OE2 . GLU A 1 119 ? -9.074  19.307  6.251   1.00 47.67 ? 99  GLU A OE2 1 
ATOM   753  N N   . LYS A 1 120 ? -10.017 15.642  11.051  1.00 39.73 ? 100 LYS A N   1 
ATOM   754  C CA  . LYS A 1 120 ? -11.343 15.092  11.213  1.00 40.38 ? 100 LYS A CA  1 
ATOM   755  C C   . LYS A 1 120 ? -11.974 15.545  12.537  1.00 40.59 ? 100 LYS A C   1 
ATOM   756  O O   . LYS A 1 120 ? -13.176 15.818  12.580  1.00 40.93 ? 100 LYS A O   1 
ATOM   757  C CB  . LYS A 1 120 ? -11.320 13.570  11.042  1.00 40.71 ? 100 LYS A CB  1 
ATOM   758  C CG  . LYS A 1 120 ? -11.889 13.091  9.689   1.00 41.70 ? 100 LYS A CG  1 
ATOM   759  C CD  . LYS A 1 120 ? -10.917 12.242  8.872   1.00 41.34 ? 100 LYS A CD  1 
ATOM   760  C CE  . LYS A 1 120 ? -10.552 12.901  7.545   1.00 42.01 ? 100 LYS A CE  1 
ATOM   761  N NZ  . LYS A 1 120 ? -9.381  13.839  7.589   1.00 42.72 ? 100 LYS A NZ  1 
ATOM   762  N N   . ARG A 1 121 ? -11.184 15.681  13.599  1.00 40.54 ? 101 ARG A N   1 
ATOM   763  C CA  . ARG A 1 121 ? -11.741 16.238  14.833  1.00 41.34 ? 101 ARG A CA  1 
ATOM   764  C C   . ARG A 1 121 ? -12.045 17.745  14.692  1.00 41.51 ? 101 ARG A C   1 
ATOM   765  O O   . ARG A 1 121 ? -13.067 18.214  15.200  1.00 41.41 ? 101 ARG A O   1 
ATOM   766  C CB  . ARG A 1 121 ? -10.868 15.941  16.057  1.00 40.98 ? 101 ARG A CB  1 
ATOM   767  C CG  . ARG A 1 121 ? -10.446 14.482  16.174  1.00 42.24 ? 101 ARG A CG  1 
ATOM   768  C CD  . ARG A 1 121 ? -9.700  14.150  17.489  1.00 42.65 ? 101 ARG A CD  1 
ATOM   769  N NE  . ARG A 1 121 ? -9.333  12.727  17.502  1.00 45.13 ? 101 ARG A NE  1 
ATOM   770  C CZ  . ARG A 1 121 ? -8.162  12.214  17.084  1.00 46.51 ? 101 ARG A CZ  1 
ATOM   771  N NH1 . ARG A 1 121 ? -7.172  12.996  16.625  1.00 44.20 ? 101 ARG A NH1 1 
ATOM   772  N NH2 . ARG A 1 121 ? -7.975  10.888  17.126  1.00 46.19 ? 101 ARG A NH2 1 
ATOM   773  N N   . ARG A 1 122 ? -11.179 18.481  13.985  1.00 41.61 ? 102 ARG A N   1 
ATOM   774  C CA  . ARG A 1 122 ? -11.345 19.926  13.783  1.00 42.51 ? 102 ARG A CA  1 
ATOM   775  C C   . ARG A 1 122 ? -12.546 20.270  12.906  1.00 42.83 ? 102 ARG A C   1 
ATOM   776  O O   . ARG A 1 122 ? -13.174 21.311  13.112  1.00 42.42 ? 102 ARG A O   1 
ATOM   777  C CB  . ARG A 1 122 ? -10.100 20.574  13.156  1.00 42.22 ? 102 ARG A CB  1 
ATOM   778  C CG  . ARG A 1 122 ? -8.787  20.288  13.842  1.00 45.00 ? 102 ARG A CG  1 
ATOM   779  C CD  . ARG A 1 122 ? -8.455  21.238  14.985  1.00 47.81 ? 102 ARG A CD  1 
ATOM   780  N NE  . ARG A 1 122 ? -7.794  22.432  14.471  1.00 50.92 ? 102 ARG A NE  1 
ATOM   781  C CZ  . ARG A 1 122 ? -8.148  23.686  14.761  1.00 52.71 ? 102 ARG A CZ  1 
ATOM   782  N NH1 . ARG A 1 122 ? -9.139  23.957  15.608  1.00 50.90 ? 102 ARG A NH1 1 
ATOM   783  N NH2 . ARG A 1 122 ? -7.478  24.681  14.200  1.00 55.44 ? 102 ARG A NH2 1 
ATOM   784  N N   . GLN A 1 123 ? -12.818 19.434  11.899  1.00 43.36 ? 103 GLN A N   1 
ATOM   785  C CA  . GLN A 1 123 ? -13.991 19.597  11.037  1.00 44.42 ? 103 GLN A CA  1 
ATOM   786  C C   . GLN A 1 123 ? -15.256 19.453  11.872  1.00 43.61 ? 103 GLN A C   1 
ATOM   787  O O   . GLN A 1 123 ? -16.187 20.252  11.761  1.00 43.93 ? 103 GLN A O   1 
ATOM   788  C CB  . GLN A 1 123 ? -13.978 18.599  9.873   1.00 44.31 ? 103 GLN A CB  1 
ATOM   789  C CG  . GLN A 1 123 ? -13.209 19.111  8.646   1.00 45.98 ? 103 GLN A CG  1 
ATOM   790  C CD  . GLN A 1 123 ? -12.733 18.008  7.687   1.00 47.07 ? 103 GLN A CD  1 
ATOM   791  O OE1 . GLN A 1 123 ? -13.243 16.868  7.695   1.00 50.78 ? 103 GLN A OE1 1 
ATOM   792  N NE2 . GLN A 1 123 ? -11.740 18.346  6.857   1.00 48.25 ? 103 GLN A NE2 1 
ATOM   793  N N   . HIS A 1 124 ? -15.246 18.459  12.749  1.00 42.86 ? 104 HIS A N   1 
ATOM   794  C CA  . HIS A 1 124 ? -16.353 18.213  13.638  1.00 42.27 ? 104 HIS A CA  1 
ATOM   795  C C   . HIS A 1 124 ? -16.570 19.329  14.680  1.00 41.71 ? 104 HIS A C   1 
ATOM   796  O O   . HIS A 1 124 ? -17.708 19.662  15.026  1.00 41.20 ? 104 HIS A O   1 
ATOM   797  C CB  . HIS A 1 124 ? -16.148 16.886  14.321  1.00 42.26 ? 104 HIS A CB  1 
ATOM   798  C CG  . HIS A 1 124 ? -17.392 16.355  14.933  1.00 45.10 ? 104 HIS A CG  1 
ATOM   799  N ND1 . HIS A 1 124 ? -18.418 15.827  14.177  1.00 47.33 ? 104 HIS A ND1 1 
ATOM   800  C CD2 . HIS A 1 124 ? -17.801 16.304  16.223  1.00 47.41 ? 104 HIS A CD2 1 
ATOM   801  C CE1 . HIS A 1 124 ? -19.403 15.459  14.978  1.00 48.39 ? 104 HIS A CE1 1 
ATOM   802  N NE2 . HIS A 1 124 ? -19.053 15.737  16.224  1.00 49.68 ? 104 HIS A NE2 1 
ATOM   803  N N   . LEU A 1 125 ? -15.465 19.887  15.175  1.00 41.30 ? 105 LEU A N   1 
ATOM   804  C CA  . LEU A 1 125 ? -15.490 21.006  16.114  1.00 40.51 ? 105 LEU A CA  1 
ATOM   805  C C   . LEU A 1 125 ? -16.038 22.269  15.448  1.00 40.50 ? 105 LEU A C   1 
ATOM   806  O O   . LEU A 1 125 ? -16.936 22.906  15.993  1.00 40.52 ? 105 LEU A O   1 
ATOM   807  C CB  . LEU A 1 125 ? -14.096 21.259  16.695  1.00 39.95 ? 105 LEU A CB  1 
ATOM   808  C CG  . LEU A 1 125 ? -13.919 22.420  17.676  1.00 39.85 ? 105 LEU A CG  1 
ATOM   809  C CD1 . LEU A 1 125 ? -14.790 22.238  18.929  1.00 39.47 ? 105 LEU A CD1 1 
ATOM   810  C CD2 . LEU A 1 125 ? -12.447 22.558  18.062  1.00 40.02 ? 105 LEU A CD2 1 
ATOM   811  N N   . GLU A 1 126 ? -15.515 22.596  14.267  1.00 40.66 ? 106 GLU A N   1 
ATOM   812  C CA  . GLU A 1 126 ? -15.922 23.768  13.510  1.00 41.55 ? 106 GLU A CA  1 
ATOM   813  C C   . GLU A 1 126 ? -17.416 23.693  13.195  1.00 42.29 ? 106 GLU A C   1 
ATOM   814  O O   . GLU A 1 126 ? -18.120 24.685  13.303  1.00 42.70 ? 106 GLU A O   1 
ATOM   815  C CB  . GLU A 1 126 ? -15.078 23.928  12.233  1.00 40.78 ? 106 GLU A CB  1 
ATOM   816  N N   . ARG A 1 127 ? -17.905 22.512  12.833  1.00 43.49 ? 107 ARG A N   1 
ATOM   817  C CA  . ARG A 1 127 ? -19.343 22.326  12.614  1.00 44.51 ? 107 ARG A CA  1 
ATOM   818  C C   . ARG A 1 127 ? -20.145 22.581  13.898  1.00 44.64 ? 107 ARG A C   1 
ATOM   819  O O   . ARG A 1 127 ? -21.127 23.332  13.876  1.00 44.74 ? 107 ARG A O   1 
ATOM   820  C CB  . ARG A 1 127 ? -19.640 20.936  12.032  1.00 44.75 ? 107 ARG A CB  1 
ATOM   821  C CG  . ARG A 1 127 ? -19.460 20.849  10.538  1.00 46.22 ? 107 ARG A CG  1 
ATOM   822  C CD  . ARG A 1 127 ? -18.977 19.474  10.149  1.00 50.90 ? 107 ARG A CD  1 
ATOM   823  N NE  . ARG A 1 127 ? -19.260 19.158  8.751   1.00 54.06 ? 107 ARG A NE  1 
ATOM   824  C CZ  . ARG A 1 127 ? -19.065 17.965  8.191   1.00 56.26 ? 107 ARG A CZ  1 
ATOM   825  N NH1 . ARG A 1 127 ? -18.564 16.955  8.902   1.00 57.06 ? 107 ARG A NH1 1 
ATOM   826  N NH2 . ARG A 1 127 ? -19.373 17.780  6.909   1.00 57.77 ? 107 ARG A NH2 1 
ATOM   827  N N   . MET A 1 128 ? -19.718 21.971  15.006  1.00 44.81 ? 108 MET A N   1 
ATOM   828  C CA  . MET A 1 128 ? -20.338 22.205  16.324  1.00 45.32 ? 108 MET A CA  1 
ATOM   829  C C   . MET A 1 128 ? -20.388 23.690  16.677  1.00 44.92 ? 108 MET A C   1 
ATOM   830  O O   . MET A 1 128 ? -21.403 24.213  17.107  1.00 44.82 ? 108 MET A O   1 
ATOM   831  C CB  . MET A 1 128 ? -19.619 21.416  17.429  1.00 45.32 ? 108 MET A CB  1 
ATOM   832  C CG  . MET A 1 128 ? -20.327 20.131  17.838  1.00 47.91 ? 108 MET A CG  1 
ATOM   833  S SD  . MET A 1 128 ? -21.848 20.382  18.831  1.00 52.14 ? 108 MET A SD  1 
ATOM   834  C CE  . MET A 1 128 ? -22.835 21.366  17.721  1.00 49.95 ? 108 MET A CE  1 
ATOM   835  N N   . THR A 1 129 ? -19.249 24.330  16.477  1.00 45.11 ? 109 THR A N   1 
ATOM   836  C CA  . THR A 1 129 ? -19.043 25.758  16.592  1.00 45.20 ? 109 THR A CA  1 
ATOM   837  C C   . THR A 1 129 ? -19.959 26.584  15.673  1.00 45.39 ? 109 THR A C   1 
ATOM   838  O O   . THR A 1 129 ? -20.498 27.603  16.107  1.00 44.86 ? 109 THR A O   1 
ATOM   839  C CB  . THR A 1 129 ? -17.527 26.024  16.350  1.00 45.06 ? 109 THR A CB  1 
ATOM   840  O OG1 . THR A 1 129 ? -16.858 26.041  17.617  1.00 46.12 ? 109 THR A OG1 1 
ATOM   841  C CG2 . THR A 1 129 ? -17.236 27.318  15.546  1.00 45.59 ? 109 THR A CG2 1 
ATOM   842  N N   . GLN A 1 130 ? -20.126 26.147  14.417  1.00 45.96 ? 110 GLN A N   1 
ATOM   843  C CA  . GLN A 1 130 ? -20.985 26.841  13.447  1.00 46.66 ? 110 GLN A CA  1 
ATOM   844  C C   . GLN A 1 130 ? -22.435 26.775  13.918  1.00 47.20 ? 110 GLN A C   1 
ATOM   845  O O   . GLN A 1 130 ? -23.198 27.721  13.765  1.00 47.30 ? 110 GLN A O   1 
ATOM   846  C CB  . GLN A 1 130 ? -20.848 26.234  12.044  1.00 46.30 ? 110 GLN A CB  1 
ATOM   847  N N   . VAL A 1 131 ? -22.793 25.664  14.543  1.00 48.05 ? 111 VAL A N   1 
ATOM   848  C CA  . VAL A 1 131 ? -24.161 25.470  15.002  1.00 49.03 ? 111 VAL A CA  1 
ATOM   849  C C   . VAL A 1 131 ? -24.488 26.215  16.318  1.00 49.50 ? 111 VAL A C   1 
ATOM   850  O O   . VAL A 1 131 ? -25.447 26.980  16.350  1.00 49.59 ? 111 VAL A O   1 
ATOM   851  C CB  . VAL A 1 131 ? -24.537 23.961  15.019  1.00 48.87 ? 111 VAL A CB  1 
ATOM   852  C CG1 . VAL A 1 131 ? -25.953 23.773  15.459  1.00 49.47 ? 111 VAL A CG1 1 
ATOM   853  C CG2 . VAL A 1 131 ? -24.355 23.371  13.621  1.00 49.03 ? 111 VAL A CG2 1 
ATOM   854  N N   . SER A 1 132 ? -23.700 26.029  17.377  1.00 50.08 ? 112 SER A N   1 
ATOM   855  C CA  . SER A 1 132 ? -24.028 26.655  18.684  1.00 51.42 ? 112 SER A CA  1 
ATOM   856  C C   . SER A 1 132 ? -23.913 28.192  18.743  1.00 51.88 ? 112 SER A C   1 
ATOM   857  O O   . SER A 1 132 ? -24.452 28.818  19.638  1.00 51.59 ? 112 SER A O   1 
ATOM   858  C CB  . SER A 1 132 ? -23.186 26.070  19.830  1.00 50.96 ? 112 SER A CB  1 
ATOM   859  O OG  . SER A 1 132 ? -22.962 24.688  19.658  1.00 52.70 ? 112 SER A OG  1 
ATOM   860  N N   . LEU A 1 133 ? -23.198 28.797  17.812  1.00 52.99 ? 113 LEU A N   1 
ATOM   861  C CA  . LEU A 1 133 ? -22.801 30.174  18.011  1.00 54.47 ? 113 LEU A CA  1 
ATOM   862  C C   . LEU A 1 133 ? -23.401 31.130  16.983  1.00 55.89 ? 113 LEU A C   1 
ATOM   863  O O   . LEU A 1 133 ? -23.295 32.344  17.135  1.00 56.41 ? 113 LEU A O   1 
ATOM   864  C CB  . LEU A 1 133 ? -21.264 30.290  18.049  1.00 54.20 ? 113 LEU A CB  1 
ATOM   865  C CG  . LEU A 1 133 ? -20.430 29.362  18.959  1.00 52.87 ? 113 LEU A CG  1 
ATOM   866  C CD1 . LEU A 1 133 ? -18.961 29.666  18.818  1.00 51.74 ? 113 LEU A CD1 1 
ATOM   867  C CD2 . LEU A 1 133 ? -20.827 29.421  20.446  1.00 52.61 ? 113 LEU A CD2 1 
ATOM   868  N N   . SER A 1 134 ? -24.062 30.591  15.964  1.00 57.33 ? 114 SER A N   1 
ATOM   869  C CA  . SER A 1 134 ? -24.428 31.399  14.797  1.00 58.28 ? 114 SER A CA  1 
ATOM   870  C C   . SER A 1 134 ? -25.646 32.328  14.918  1.00 59.43 ? 114 SER A C   1 
ATOM   871  O O   . SER A 1 134 ? -25.875 33.150  14.012  1.00 60.08 ? 114 SER A O   1 
ATOM   872  C CB  . SER A 1 134 ? -24.524 30.531  13.548  1.00 58.06 ? 114 SER A CB  1 
ATOM   873  O OG  . SER A 1 134 ? -23.224 30.225  13.094  1.00 56.53 ? 114 SER A OG  1 
ATOM   874  N N   . HIS A 1 135 ? -26.407 32.214  16.014  1.00 60.27 ? 115 HIS A N   1 
ATOM   875  C CA  . HIS A 1 135 ? -27.497 33.166  16.339  1.00 60.89 ? 115 HIS A CA  1 
ATOM   876  C C   . HIS A 1 135 ? -28.451 32.618  17.390  1.00 60.85 ? 115 HIS A C   1 
ATOM   877  O O   . HIS A 1 135 ? -28.618 33.213  18.452  1.00 61.19 ? 115 HIS A O   1 
ATOM   878  C CB  . HIS A 1 135 ? -28.277 33.623  15.082  1.00 61.35 ? 115 HIS A CB  1 
ATOM   879  C CG  . HIS A 1 135 ? -28.855 32.498  14.259  1.00 63.06 ? 115 HIS A CG  1 
ATOM   880  N ND1 . HIS A 1 135 ? -28.561 31.165  14.484  1.00 62.98 ? 115 HIS A ND1 1 
ATOM   881  C CD2 . HIS A 1 135 ? -29.687 32.521  13.189  1.00 63.58 ? 115 HIS A CD2 1 
ATOM   882  C CE1 . HIS A 1 135 ? -29.201 30.419  13.600  1.00 63.12 ? 115 HIS A CE1 1 
ATOM   883  N NE2 . HIS A 1 135 ? -29.887 31.217  12.801  1.00 64.10 ? 115 HIS A NE2 1 
ATOM   884  N N   . MET B 1 21  ? 11.086  9.421   -13.643 1.00 50.19 ? 1   MET B N   1 
ATOM   885  C CA  . MET B 1 21  ? 10.917  8.850   -12.272 1.00 50.47 ? 1   MET B CA  1 
ATOM   886  C C   . MET B 1 21  ? 10.750  9.944   -11.204 1.00 49.21 ? 1   MET B C   1 
ATOM   887  O O   . MET B 1 21  ? 11.732  10.436  -10.643 1.00 49.19 ? 1   MET B O   1 
ATOM   888  C CB  . MET B 1 21  ? 12.110  7.953   -11.946 1.00 50.24 ? 1   MET B CB  1 
ATOM   889  C CG  . MET B 1 21  ? 11.940  7.111   -10.696 1.00 50.77 ? 1   MET B CG  1 
ATOM   890  S SD  . MET B 1 21  ? 13.313  5.951   -10.498 1.00 53.39 ? 1   MET B SD  1 
ATOM   891  C CE  . MET B 1 21  ? 14.725  7.047   -10.284 1.00 51.97 ? 1   MET B CE  1 
ATOM   892  N N   . ASN B 1 22  ? 9.503   10.315  -10.927 1.00 48.29 ? 2   ASN B N   1 
ATOM   893  C CA  . ASN B 1 22  ? 9.214   11.352  -9.938  1.00 47.01 ? 2   ASN B CA  1 
ATOM   894  C C   . ASN B 1 22  ? 9.239   10.773  -8.538  1.00 46.00 ? 2   ASN B C   1 
ATOM   895  O O   . ASN B 1 22  ? 8.199   10.420  -7.979  1.00 45.82 ? 2   ASN B O   1 
ATOM   896  C CB  . ASN B 1 22  ? 7.859   11.993  -10.212 1.00 47.11 ? 2   ASN B CB  1 
ATOM   897  C CG  . ASN B 1 22  ? 7.798   13.459  -9.785  1.00 48.40 ? 2   ASN B CG  1 
ATOM   898  O OD1 . ASN B 1 22  ? 7.186   14.271  -10.479 1.00 51.26 ? 2   ASN B OD1 1 
ATOM   899  N ND2 . ASN B 1 22  ? 8.419   13.805  -8.648  1.00 47.49 ? 2   ASN B ND2 1 
ATOM   900  N N   . LEU B 1 23  ? 10.440  10.676  -7.986  1.00 45.28 ? 3   LEU B N   1 
ATOM   901  C CA  . LEU B 1 23  ? 10.650  10.086  -6.673  1.00 44.96 ? 3   LEU B CA  1 
ATOM   902  C C   . LEU B 1 23  ? 9.819   10.749  -5.592  1.00 44.62 ? 3   LEU B C   1 
ATOM   903  O O   . LEU B 1 23  ? 9.367   10.077  -4.667  1.00 44.71 ? 3   LEU B O   1 
ATOM   904  C CB  . LEU B 1 23  ? 12.138  10.085  -6.271  1.00 44.88 ? 3   LEU B CB  1 
ATOM   905  C CG  . LEU B 1 23  ? 13.102  9.077   -6.897  1.00 43.68 ? 3   LEU B CG  1 
ATOM   906  C CD1 . LEU B 1 23  ? 14.468  9.284   -6.336  1.00 43.53 ? 3   LEU B CD1 1 
ATOM   907  C CD2 . LEU B 1 23  ? 12.676  7.637   -6.634  1.00 45.52 ? 3   LEU B CD2 1 
ATOM   908  N N   . LYS B 1 24  ? 9.600   12.056  -5.699  1.00 44.34 ? 4   LYS B N   1 
ATOM   909  C CA  . LYS B 1 24  ? 8.789   12.722  -4.675  1.00 44.11 ? 4   LYS B CA  1 
ATOM   910  C C   . LYS B 1 24  ? 7.265   12.486  -4.825  1.00 43.09 ? 4   LYS B C   1 
ATOM   911  O O   . LYS B 1 24  ? 6.548   12.418  -3.823  1.00 43.22 ? 4   LYS B O   1 
ATOM   912  C CB  . LYS B 1 24  ? 9.177   14.192  -4.470  1.00 43.80 ? 4   LYS B CB  1 
ATOM   913  C CG  . LYS B 1 24  ? 9.458   14.986  -5.724  1.00 44.98 ? 4   LYS B CG  1 
ATOM   914  C CD  . LYS B 1 24  ? 9.519   16.485  -5.405  1.00 45.26 ? 4   LYS B CD  1 
ATOM   915  C CE  . LYS B 1 24  ? 8.171   16.998  -4.824  1.00 46.30 ? 4   LYS B CE  1 
ATOM   916  N NZ  . LYS B 1 24  ? 8.286   18.331  -4.130  1.00 47.16 ? 4   LYS B NZ  1 
ATOM   917  N N   . GLN B 1 25  ? 6.786   12.338  -6.059  1.00 42.05 ? 5   GLN B N   1 
ATOM   918  C CA  . GLN B 1 25  ? 5.400   11.927  -6.274  1.00 41.22 ? 5   GLN B CA  1 
ATOM   919  C C   . GLN B 1 25  ? 5.166   10.446  -5.939  1.00 40.12 ? 5   GLN B C   1 
ATOM   920  O O   . GLN B 1 25  ? 4.066   10.052  -5.558  1.00 40.00 ? 5   GLN B O   1 
ATOM   921  C CB  . GLN B 1 25  ? 4.952   12.210  -7.706  1.00 41.66 ? 5   GLN B CB  1 
ATOM   922  C CG  . GLN B 1 25  ? 3.433   12.229  -7.852  1.00 43.10 ? 5   GLN B CG  1 
ATOM   923  C CD  . GLN B 1 25  ? 2.788   13.325  -6.991  1.00 46.08 ? 5   GLN B CD  1 
ATOM   924  O OE1 . GLN B 1 25  ? 3.358   14.416  -6.805  1.00 47.57 ? 5   GLN B OE1 1 
ATOM   925  N NE2 . GLN B 1 25  ? 1.601   13.039  -6.462  1.00 46.84 ? 5   GLN B NE2 1 
ATOM   926  N N   . ILE B 1 26  ? 6.196   9.628   -6.104  1.00 38.62 ? 6   ILE B N   1 
ATOM   927  C CA  . ILE B 1 26  ? 6.087   8.212   -5.795  1.00 37.37 ? 6   ILE B CA  1 
ATOM   928  C C   . ILE B 1 26  ? 5.950   8.028   -4.286  1.00 36.82 ? 6   ILE B C   1 
ATOM   929  O O   . ILE B 1 26  ? 5.079   7.288   -3.827  1.00 36.14 ? 6   ILE B O   1 
ATOM   930  C CB  . ILE B 1 26  ? 7.276   7.400   -6.391  1.00 37.51 ? 6   ILE B CB  1 
ATOM   931  C CG1 . ILE B 1 26  ? 7.219   7.435   -7.926  1.00 36.87 ? 6   ILE B CG1 1 
ATOM   932  C CG2 . ILE B 1 26  ? 7.259   5.966   -5.889  1.00 36.65 ? 6   ILE B CG2 1 
ATOM   933  C CD1 . ILE B 1 26  ? 8.484   6.955   -8.608  1.00 36.72 ? 6   ILE B CD1 1 
ATOM   934  N N   . ALA B 1 27  ? 6.795   8.723   -3.528  1.00 36.59 ? 7   ALA B N   1 
ATOM   935  C CA  . ALA B 1 27  ? 6.695   8.757   -2.061  1.00 37.21 ? 7   ALA B CA  1 
ATOM   936  C C   . ALA B 1 27  ? 5.326   9.242   -1.551  1.00 37.19 ? 7   ALA B C   1 
ATOM   937  O O   . ALA B 1 27  ? 4.692   8.566   -0.750  1.00 36.82 ? 7   ALA B O   1 
ATOM   938  C CB  . ALA B 1 27  ? 7.838   9.601   -1.448  1.00 37.11 ? 7   ALA B CB  1 
ATOM   939  N N   . LYS B 1 28  ? 4.871   10.398  -2.034  1.00 37.38 ? 8   LYS B N   1 
ATOM   940  C CA  . LYS B 1 28  ? 3.529   10.869  -1.716  1.00 38.20 ? 8   LYS B CA  1 
ATOM   941  C C   . LYS B 1 28  ? 2.471   9.796   -1.986  1.00 37.12 ? 8   LYS B C   1 
ATOM   942  O O   . LYS B 1 28  ? 1.714   9.432   -1.074  1.00 37.62 ? 8   LYS B O   1 
ATOM   943  C CB  . LYS B 1 28  ? 3.186   12.179  -2.457  1.00 38.50 ? 8   LYS B CB  1 
ATOM   944  C CG  . LYS B 1 28  ? 1.663   12.515  -2.412  1.00 39.94 ? 8   LYS B CG  1 
ATOM   945  C CD  . LYS B 1 28  ? 1.322   13.995  -2.634  1.00 40.93 ? 8   LYS B CD  1 
ATOM   946  C CE  . LYS B 1 28  ? 2.139   14.952  -1.732  1.00 44.42 ? 8   LYS B CE  1 
ATOM   947  N NZ  . LYS B 1 28  ? 3.481   15.270  -2.334  1.00 46.31 ? 8   LYS B NZ  1 
ATOM   948  N N   . ASP B 1 29  ? 2.421   9.281   -3.223  1.00 35.69 ? 9   ASP B N   1 
ATOM   949  C CA  . ASP B 1 29  ? 1.424   8.249   -3.583  1.00 33.65 ? 9   ASP B CA  1 
ATOM   950  C C   . ASP B 1 29  ? 1.507   6.959   -2.751  1.00 32.33 ? 9   ASP B C   1 
ATOM   951  O O   . ASP B 1 29  ? 0.469   6.336   -2.466  1.00 31.85 ? 9   ASP B O   1 
ATOM   952  C CB  . ASP B 1 29  ? 1.492   7.928   -5.065  1.00 33.90 ? 9   ASP B CB  1 
ATOM   953  C CG  . ASP B 1 29  ? 1.061   9.098   -5.929  1.00 35.07 ? 9   ASP B CG  1 
ATOM   954  O OD1 . ASP B 1 29  ? 0.432   10.039  -5.412  1.00 38.06 ? 9   ASP B OD1 1 
ATOM   955  O OD2 . ASP B 1 29  ? 1.356   9.088   -7.133  1.00 36.57 ? 9   ASP B OD2 1 
ATOM   956  N N   . THR B 1 30  ? 2.729   6.582   -2.362  1.00 30.51 ? 10  THR B N   1 
ATOM   957  C CA  . THR B 1 30  ? 2.980   5.382   -1.576  1.00 29.27 ? 10  THR B CA  1 
ATOM   958  C C   . THR B 1 30  ? 2.472   5.580   -0.162  1.00 28.72 ? 10  THR B C   1 
ATOM   959  O O   . THR B 1 30  ? 1.824   4.705   0.388   1.00 28.57 ? 10  THR B O   1 
ATOM   960  C CB  . THR B 1 30  ? 4.479   5.053   -1.519  1.00 28.99 ? 10  THR B CB  1 
ATOM   961  O OG1 . THR B 1 30  ? 4.961   4.790   -2.834  1.00 29.52 ? 10  THR B OG1 1 
ATOM   962  C CG2 . THR B 1 30  ? 4.743   3.853   -0.665  1.00 27.68 ? 10  THR B CG2 1 
ATOM   963  N N   . ALA B 1 31  ? 2.770   6.737   0.418   1.00 28.48 ? 11  ALA B N   1 
ATOM   964  C CA  . ALA B 1 31  ? 2.321   7.082   1.775   1.00 28.14 ? 11  ALA B CA  1 
ATOM   965  C C   . ALA B 1 31  ? 0.805   7.086   1.815   1.00 27.97 ? 11  ALA B C   1 
ATOM   966  O O   . ALA B 1 31  ? 0.208   6.456   2.692   1.00 27.84 ? 11  ALA B O   1 
ATOM   967  C CB  . ALA B 1 31  ? 2.866   8.422   2.198   1.00 27.53 ? 11  ALA B CB  1 
ATOM   968  N N   . LYS B 1 32  ? 0.186   7.764   0.843   1.00 27.84 ? 12  LYS B N   1 
ATOM   969  C CA  . LYS B 1 32  ? -1.269  7.776   0.719   1.00 27.81 ? 12  LYS B CA  1 
ATOM   970  C C   . LYS B 1 32  ? -1.851  6.374   0.674   1.00 26.87 ? 12  LYS B C   1 
ATOM   971  O O   . LYS B 1 32  ? -2.800  6.074   1.376   1.00 26.58 ? 12  LYS B O   1 
ATOM   972  C CB  . LYS B 1 32  ? -1.702  8.542   -0.527  1.00 28.67 ? 12  LYS B CB  1 
ATOM   973  C CG  . LYS B 1 32  ? -1.702  10.070  -0.372  1.00 31.86 ? 12  LYS B CG  1 
ATOM   974  C CD  . LYS B 1 32  ? -2.695  10.727  -1.364  1.00 35.26 ? 12  LYS B CD  1 
ATOM   975  C CE  . LYS B 1 32  ? -2.247  12.119  -1.815  1.00 38.92 ? 12  LYS B CE  1 
ATOM   976  N NZ  . LYS B 1 32  ? -1.574  12.908  -0.715  1.00 41.33 ? 12  LYS B NZ  1 
ATOM   977  N N   . THR B 1 33  ? -1.260  5.518   -0.150  1.00 26.44 ? 13  THR B N   1 
ATOM   978  C CA  . THR B 1 33  ? -1.775  4.180   -0.405  1.00 26.34 ? 13  THR B CA  1 
ATOM   979  C C   . THR B 1 33  ? -1.675  3.389   0.851   1.00 26.68 ? 13  THR B C   1 
ATOM   980  O O   . THR B 1 33  ? -2.594  2.649   1.181   1.00 27.37 ? 13  THR B O   1 
ATOM   981  C CB  . THR B 1 33  ? -0.960  3.504   -1.513  1.00 26.40 ? 13  THR B CB  1 
ATOM   982  O OG1 . THR B 1 33  ? -1.190  4.212   -2.730  1.00 25.89 ? 13  THR B OG1 1 
ATOM   983  C CG2 . THR B 1 33  ? -1.292  2.023   -1.683  1.00 25.19 ? 13  THR B CG2 1 
ATOM   984  N N   . LEU B 1 34  ? -0.568  3.576   1.569   1.00 27.48 ? 14  LEU B N   1 
ATOM   985  C CA  . LEU B 1 34  ? -0.396  2.989   2.897   1.00 27.97 ? 14  LEU B CA  1 
ATOM   986  C C   . LEU B 1 34  ? -1.359  3.464   3.969   1.00 27.02 ? 14  LEU B C   1 
ATOM   987  O O   . LEU B 1 34  ? -1.786  2.647   4.774   1.00 27.07 ? 14  LEU B O   1 
ATOM   988  C CB  . LEU B 1 34  ? 1.023   3.160   3.402   1.00 28.91 ? 14  LEU B CB  1 
ATOM   989  C CG  . LEU B 1 34  ? 1.989   2.130   2.829   1.00 31.75 ? 14  LEU B CG  1 
ATOM   990  C CD1 . LEU B 1 34  ? 3.427   2.434   3.331   1.00 35.78 ? 14  LEU B CD1 1 
ATOM   991  C CD2 . LEU B 1 34  ? 1.530   0.708   3.209   1.00 34.12 ? 14  LEU B CD2 1 
ATOM   992  N N   . GLN B 1 35  ? -1.686  4.755   4.009   1.00 26.50 ? 15  GLN B N   1 
ATOM   993  C CA  . GLN B 1 35  ? -2.692  5.235   4.995   1.00 27.82 ? 15  GLN B CA  1 
ATOM   994  C C   . GLN B 1 35  ? -4.044  4.602   4.758   1.00 26.64 ? 15  GLN B C   1 
ATOM   995  O O   . GLN B 1 35  ? -4.698  4.163   5.666   1.00 26.00 ? 15  GLN B O   1 
ATOM   996  C CB  . GLN B 1 35  ? -2.887  6.736   4.975   1.00 27.57 ? 15  GLN B CB  1 
ATOM   997  C CG  . GLN B 1 35  ? -1.624  7.484   4.842   1.00 31.83 ? 15  GLN B CG  1 
ATOM   998  C CD  . GLN B 1 35  ? -1.710  8.856   5.430   1.00 35.35 ? 15  GLN B CD  1 
ATOM   999  O OE1 . GLN B 1 35  ? -0.679  9.509   5.619   1.00 39.83 ? 15  GLN B OE1 1 
ATOM   1000 N NE2 . GLN B 1 35  ? -2.925  9.303   5.745   1.00 34.42 ? 15  GLN B NE2 1 
ATOM   1001 N N   . SER B 1 36  ? -4.416  4.524   3.502   1.00 26.90 ? 16  SER B N   1 
ATOM   1002 C CA  . SER B 1 36  ? -5.643  3.907   3.134   1.00 27.27 ? 16  SER B CA  1 
ATOM   1003 C C   . SER B 1 36  ? -5.668  2.427   3.472   1.00 27.35 ? 16  SER B C   1 
ATOM   1004 O O   . SER B 1 36  ? -6.681  1.936   3.942   1.00 27.50 ? 16  SER B O   1 
ATOM   1005 C CB  . SER B 1 36  ? -5.899  4.149   1.668   1.00 26.94 ? 16  SER B CB  1 
ATOM   1006 O OG  . SER B 1 36  ? -7.225  3.792   1.414   1.00 30.23 ? 16  SER B OG  1 
ATOM   1007 N N   . TYR B 1 37  ? -4.555  1.719   3.287   1.00 27.97 ? 17  TYR B N   1 
ATOM   1008 C CA  . TYR B 1 37  ? -4.513  0.283   3.582   1.00 28.12 ? 17  TYR B CA  1 
ATOM   1009 C C   . TYR B 1 37  ? -4.533  0.014   5.086   1.00 28.66 ? 17  TYR B C   1 
ATOM   1010 O O   . TYR B 1 37  ? -5.034  -1.019  5.554   1.00 29.07 ? 17  TYR B O   1 
ATOM   1011 C CB  . TYR B 1 37  ? -3.273  -0.360  2.937   1.00 28.62 ? 17  TYR B CB  1 
ATOM   1012 C CG  . TYR B 1 37  ? -3.131  -1.849  3.183   1.00 27.16 ? 17  TYR B CG  1 
ATOM   1013 C CD1 . TYR B 1 37  ? -3.813  -2.789  2.381   1.00 28.00 ? 17  TYR B CD1 1 
ATOM   1014 C CD2 . TYR B 1 37  ? -2.321  -2.324  4.209   1.00 25.84 ? 17  TYR B CD2 1 
ATOM   1015 C CE1 . TYR B 1 37  ? -3.677  -4.187  2.605   1.00 26.56 ? 17  TYR B CE1 1 
ATOM   1016 C CE2 . TYR B 1 37  ? -2.181  -3.705  4.458   1.00 27.44 ? 17  TYR B CE2 1 
ATOM   1017 C CZ  . TYR B 1 37  ? -2.860  -4.632  3.651   1.00 28.43 ? 17  TYR B CZ  1 
ATOM   1018 O OH  . TYR B 1 37  ? -2.716  -5.990  3.912   1.00 28.68 ? 17  TYR B OH  1 
ATOM   1019 N N   . LEU B 1 38  ? -3.981  0.934   5.859   1.00 28.82 ? 18  LEU B N   1 
ATOM   1020 C CA  . LEU B 1 38  ? -3.997  0.743   7.302   1.00 29.17 ? 18  LEU B CA  1 
ATOM   1021 C C   . LEU B 1 38  ? -5.342  1.097   7.929   1.00 29.11 ? 18  LEU B C   1 
ATOM   1022 O O   . LEU B 1 38  ? -5.699  0.537   8.960   1.00 29.02 ? 18  LEU B O   1 
ATOM   1023 C CB  . LEU B 1 38  ? -2.853  1.511   7.969   1.00 29.33 ? 18  LEU B CB  1 
ATOM   1024 C CG  . LEU B 1 38  ? -1.447  0.966   7.678   1.00 29.66 ? 18  LEU B CG  1 
ATOM   1025 C CD1 . LEU B 1 38  ? -0.401  1.784   8.430   1.00 27.65 ? 18  LEU B CD1 1 
ATOM   1026 C CD2 . LEU B 1 38  ? -1.334  -0.534  8.017   1.00 28.37 ? 18  LEU B CD2 1 
ATOM   1027 N N   . THR B 1 39  ? -6.069  2.037   7.322   1.00 29.59 ? 19  THR B N   1 
ATOM   1028 C CA  . THR B 1 39  ? -7.469  2.308   7.683   1.00 30.65 ? 19  THR B CA  1 
ATOM   1029 C C   . THR B 1 39  ? -8.300  1.022   7.465   1.00 31.97 ? 19  THR B C   1 
ATOM   1030 O O   . THR B 1 39  ? -8.985  0.554   8.366   1.00 31.88 ? 19  THR B O   1 
ATOM   1031 C CB  . THR B 1 39  ? -8.039  3.469   6.829   1.00 31.17 ? 19  THR B CB  1 
ATOM   1032 O OG1 . THR B 1 39  ? -7.151  4.597   6.872   1.00 27.57 ? 19  THR B OG1 1 
ATOM   1033 C CG2 . THR B 1 39  ? -9.452  3.882   7.301   1.00 30.11 ? 19  THR B CG2 1 
ATOM   1034 N N   . TYR B 1 40  ? -8.182  0.447   6.267   1.00 33.58 ? 20  TYR B N   1 
ATOM   1035 C CA  . TYR B 1 40  ? -8.619  -0.918  5.966   1.00 35.42 ? 20  TYR B CA  1 
ATOM   1036 C C   . TYR B 1 40  ? -8.308  -1.946  7.070   1.00 35.54 ? 20  TYR B C   1 
ATOM   1037 O O   . TYR B 1 40  ? -9.207  -2.661  7.542   1.00 36.21 ? 20  TYR B O   1 
ATOM   1038 C CB  . TYR B 1 40  ? -7.998  -1.339  4.633   1.00 36.95 ? 20  TYR B CB  1 
ATOM   1039 C CG  . TYR B 1 40  ? -8.171  -2.788  4.216   1.00 39.82 ? 20  TYR B CG  1 
ATOM   1040 C CD1 . TYR B 1 40  ? -9.423  -3.284  3.835   1.00 42.33 ? 20  TYR B CD1 1 
ATOM   1041 C CD2 . TYR B 1 40  ? -7.069  -3.656  4.143   1.00 41.09 ? 20  TYR B CD2 1 
ATOM   1042 C CE1 . TYR B 1 40  ? -9.579  -4.624  3.418   1.00 42.97 ? 20  TYR B CE1 1 
ATOM   1043 C CE2 . TYR B 1 40  ? -7.222  -4.997  3.730   1.00 41.96 ? 20  TYR B CE2 1 
ATOM   1044 C CZ  . TYR B 1 40  ? -8.483  -5.466  3.367   1.00 42.01 ? 20  TYR B CZ  1 
ATOM   1045 O OH  . TYR B 1 40  ? -8.664  -6.784  2.970   1.00 42.86 ? 20  TYR B OH  1 
ATOM   1046 N N   . GLN B 1 41  ? -7.049  -2.027  7.485   1.00 34.97 ? 21  GLN B N   1 
ATOM   1047 C CA  . GLN B 1 41  ? -6.685  -2.934  8.573   1.00 34.88 ? 21  GLN B CA  1 
ATOM   1048 C C   . GLN B 1 41  ? -7.319  -2.521  9.898   1.00 34.79 ? 21  GLN B C   1 
ATOM   1049 O O   . GLN B 1 41  ? -7.779  -3.364  10.666  1.00 34.80 ? 21  GLN B O   1 
ATOM   1050 C CB  . GLN B 1 41  ? -5.162  -3.079  8.709   1.00 34.32 ? 21  GLN B CB  1 
ATOM   1051 C CG  . GLN B 1 41  ? -4.527  -3.878  7.601   1.00 34.51 ? 21  GLN B CG  1 
ATOM   1052 C CD  . GLN B 1 41  ? -4.652  -5.394  7.795   1.00 36.01 ? 21  GLN B CD  1 
ATOM   1053 O OE1 . GLN B 1 41  ? -5.476  -5.878  8.570   1.00 37.98 ? 21  GLN B OE1 1 
ATOM   1054 N NE2 . GLN B 1 41  ? -3.823  -6.148  7.087   1.00 37.47 ? 21  GLN B NE2 1 
ATOM   1055 N N   . ALA B 1 42  ? -7.372  -1.225  10.154  1.00 35.09 ? 22  ALA B N   1 
ATOM   1056 C CA  . ALA B 1 42  ? -8.062  -0.740  11.334  1.00 35.52 ? 22  ALA B CA  1 
ATOM   1057 C C   . ALA B 1 42  ? -9.538  -1.158  11.271  1.00 36.25 ? 22  ALA B C   1 
ATOM   1058 O O   . ALA B 1 42  ? -10.135 -1.518  12.304  1.00 35.60 ? 22  ALA B O   1 
ATOM   1059 C CB  . ALA B 1 42  ? -7.923  0.742   11.454  1.00 34.75 ? 22  ALA B CB  1 
ATOM   1060 N N   . LEU B 1 43  ? -10.103 -1.135  10.061  1.00 37.42 ? 23  LEU B N   1 
ATOM   1061 C CA  . LEU B 1 43  ? -11.496 -1.549  9.843   1.00 39.10 ? 23  LEU B CA  1 
ATOM   1062 C C   . LEU B 1 43  ? -11.801 -3.019  10.180  1.00 40.74 ? 23  LEU B C   1 
ATOM   1063 O O   . LEU B 1 43  ? -12.803 -3.282  10.839  1.00 41.09 ? 23  LEU B O   1 
ATOM   1064 C CB  . LEU B 1 43  ? -11.999 -1.175  8.434   1.00 39.13 ? 23  LEU B CB  1 
ATOM   1065 C CG  . LEU B 1 43  ? -13.423 -1.624  8.058   1.00 38.23 ? 23  LEU B CG  1 
ATOM   1066 C CD1 . LEU B 1 43  ? -14.462 -1.189  9.069   1.00 38.47 ? 23  LEU B CD1 1 
ATOM   1067 C CD2 . LEU B 1 43  ? -13.812 -1.169  6.671   1.00 38.65 ? 23  LEU B CD2 1 
ATOM   1068 N N   . ARG B 1 44  ? -10.955 -3.970  9.765   1.00 42.78 ? 24  ARG B N   1 
ATOM   1069 C CA  . ARG B 1 44  ? -11.168 -5.386  10.157  1.00 44.59 ? 24  ARG B CA  1 
ATOM   1070 C C   . ARG B 1 44  ? -10.946 -5.700  11.633  1.00 45.38 ? 24  ARG B C   1 
ATOM   1071 O O   . ARG B 1 44  ? -11.647 -6.544  12.192  1.00 46.10 ? 24  ARG B O   1 
ATOM   1072 C CB  . ARG B 1 44  ? -10.374 -6.362  9.286   1.00 44.96 ? 24  ARG B CB  1 
ATOM   1073 C CG  . ARG B 1 44  ? -9.227  -5.766  8.514   1.00 47.90 ? 24  ARG B CG  1 
ATOM   1074 C CD  . ARG B 1 44  ? -8.968  -6.512  7.185   1.00 51.78 ? 24  ARG B CD  1 
ATOM   1075 N NE  . ARG B 1 44  ? -9.095  -7.968  7.307   1.00 54.50 ? 24  ARG B NE  1 
ATOM   1076 C CZ  . ARG B 1 44  ? -8.145  -8.796  7.742   1.00 55.00 ? 24  ARG B CZ  1 
ATOM   1077 N NH1 . ARG B 1 44  ? -6.956  -8.336  8.118   1.00 53.83 ? 24  ARG B NH1 1 
ATOM   1078 N NH2 . ARG B 1 44  ? -8.402  -10.103 7.807   1.00 55.70 ? 24  ARG B NH2 1 
ATOM   1079 N N   . THR B 1 45  ? -9.980  -5.034  12.260  1.00 46.18 ? 25  THR B N   1 
ATOM   1080 C CA  . THR B 1 45  ? -9.729  -5.189  13.694  1.00 47.25 ? 25  THR B CA  1 
ATOM   1081 C C   . THR B 1 45  ? -10.949 -4.790  14.544  1.00 48.14 ? 25  THR B C   1 
ATOM   1082 O O   . THR B 1 45  ? -11.322 -5.494  15.495  1.00 47.84 ? 25  THR B O   1 
ATOM   1083 C CB  . THR B 1 45  ? -8.516  -4.339  14.141  1.00 47.29 ? 25  THR B CB  1 
ATOM   1084 O OG1 . THR B 1 45  ? -7.375  -4.672  13.337  1.00 48.09 ? 25  THR B OG1 1 
ATOM   1085 C CG2 . THR B 1 45  ? -8.188  -4.572  15.600  1.00 46.52 ? 25  THR B CG2 1 
ATOM   1086 N N   . VAL B 1 46  ? -11.554 -3.652  14.201  1.00 48.85 ? 26  VAL B N   1 
ATOM   1087 C CA  . VAL B 1 46  ? -12.705 -3.141  14.942  1.00 49.53 ? 26  VAL B CA  1 
ATOM   1088 C C   . VAL B 1 46  ? -13.940 -4.002  14.633  1.00 50.15 ? 26  VAL B C   1 
ATOM   1089 O O   . VAL B 1 46  ? -14.749 -4.274  15.525  1.00 49.35 ? 26  VAL B O   1 
ATOM   1090 C CB  . VAL B 1 46  ? -12.973 -1.638  14.660  1.00 49.30 ? 26  VAL B CB  1 
ATOM   1091 C CG1 . VAL B 1 46  ? -14.269 -1.205  15.327  1.00 49.28 ? 26  VAL B CG1 1 
ATOM   1092 C CG2 . VAL B 1 46  ? -11.821 -0.779  15.171  1.00 48.45 ? 26  VAL B CG2 1 
ATOM   1093 N N   . LEU B 1 47  ? -14.053 -4.419  13.370  1.00 51.15 ? 27  LEU B N   1 
ATOM   1094 C CA  . LEU B 1 47  ? -15.068 -5.376  12.930  1.00 52.17 ? 27  LEU B CA  1 
ATOM   1095 C C   . LEU B 1 47  ? -15.020 -6.619  13.824  1.00 53.45 ? 27  LEU B C   1 
ATOM   1096 O O   . LEU B 1 47  ? -16.015 -6.955  14.468  1.00 53.69 ? 27  LEU B O   1 
ATOM   1097 C CB  . LEU B 1 47  ? -14.845 -5.732  11.465  1.00 51.52 ? 27  LEU B CB  1 
ATOM   1098 C CG  . LEU B 1 47  ? -16.015 -5.680  10.481  1.00 52.08 ? 27  LEU B CG  1 
ATOM   1099 C CD1 . LEU B 1 47  ? -17.198 -4.869  11.011  1.00 51.66 ? 27  LEU B CD1 1 
ATOM   1100 C CD2 . LEU B 1 47  ? -15.558 -5.147  9.126   1.00 49.71 ? 27  LEU B CD2 1 
ATOM   1101 N N   . ALA B 1 48  ? -13.854 -7.266  13.897  1.00 54.89 ? 28  ALA B N   1 
ATOM   1102 C CA  . ALA B 1 48  ? -13.616 -8.350  14.861  1.00 56.28 ? 28  ALA B CA  1 
ATOM   1103 C C   . ALA B 1 48  ? -13.995 -7.954  16.290  1.00 57.27 ? 28  ALA B C   1 
ATOM   1104 O O   . ALA B 1 48  ? -14.879 -8.561  16.875  1.00 57.67 ? 28  ALA B O   1 
ATOM   1105 C CB  . ALA B 1 48  ? -12.163 -8.832  14.801  1.00 55.77 ? 28  ALA B CB  1 
ATOM   1106 N N   . GLN B 1 49  ? -13.340 -6.937  16.843  1.00 58.86 ? 29  GLN B N   1 
ATOM   1107 C CA  . GLN B 1 49  ? -13.623 -6.474  18.210  1.00 60.51 ? 29  GLN B CA  1 
ATOM   1108 C C   . GLN B 1 49  ? -15.122 -6.265  18.484  1.00 62.07 ? 29  GLN B C   1 
ATOM   1109 O O   . GLN B 1 49  ? -15.601 -6.549  19.590  1.00 62.26 ? 29  GLN B O   1 
ATOM   1110 C CB  . GLN B 1 49  ? -12.841 -5.189  18.540  1.00 60.50 ? 29  GLN B CB  1 
ATOM   1111 C CG  . GLN B 1 49  ? -11.422 -5.424  19.079  1.00 60.12 ? 29  GLN B CG  1 
ATOM   1112 C CD  . GLN B 1 49  ? -10.546 -4.173  19.047  1.00 59.83 ? 29  GLN B CD  1 
ATOM   1113 O OE1 . GLN B 1 49  ? -10.993 -3.083  18.689  1.00 58.90 ? 29  GLN B OE1 1 
ATOM   1114 N NE2 . GLN B 1 49  ? -9.289  -4.335  19.422  1.00 58.68 ? 29  GLN B NE2 1 
ATOM   1115 N N   . LEU B 1 50  ? -15.844 -5.771  17.474  1.00 63.51 ? 30  LEU B N   1 
ATOM   1116 C CA  . LEU B 1 50  ? -17.295 -5.561  17.558  1.00 65.07 ? 30  LEU B CA  1 
ATOM   1117 C C   . LEU B 1 50  ? -18.117 -6.820  17.209  1.00 66.37 ? 30  LEU B C   1 
ATOM   1118 O O   . LEU B 1 50  ? -19.354 -6.819  17.302  1.00 66.54 ? 30  LEU B O   1 
ATOM   1119 C CB  . LEU B 1 50  ? -17.721 -4.368  16.680  1.00 64.89 ? 30  LEU B CB  1 
ATOM   1120 C CG  . LEU B 1 50  ? -17.899 -2.964  17.288  1.00 64.73 ? 30  LEU B CG  1 
ATOM   1121 C CD1 . LEU B 1 50  ? -16.653 -2.397  17.997  1.00 64.58 ? 30  LEU B CD1 1 
ATOM   1122 C CD2 . LEU B 1 50  ? -18.373 -2.012  16.203  1.00 64.83 ? 30  LEU B CD2 1 
ATOM   1123 N N   . GLY B 1 51  ? -17.434 -7.884  16.794  1.00 67.56 ? 31  GLY B N   1 
ATOM   1124 C CA  . GLY B 1 51  ? -18.084 -9.176  16.584  1.00 68.60 ? 31  GLY B CA  1 
ATOM   1125 C C   . GLY B 1 51  ? -18.310 -9.826  17.934  1.00 69.51 ? 31  GLY B C   1 
ATOM   1126 O O   . GLY B 1 51  ? -19.305 -10.510 18.135  1.00 69.77 ? 31  GLY B O   1 
ATOM   1127 N N   . GLU B 1 52  ? -17.384 -9.586  18.863  1.00 70.30 ? 32  GLU B N   1 
ATOM   1128 C CA  . GLU B 1 52  ? -17.453 -10.129 20.222  1.00 70.96 ? 32  GLU B CA  1 
ATOM   1129 C C   . GLU B 1 52  ? -18.172 -9.203  21.215  1.00 71.73 ? 32  GLU B C   1 
ATOM   1130 O O   . GLU B 1 52  ? -18.731 -9.683  22.214  1.00 72.11 ? 32  GLU B O   1 
ATOM   1131 C CB  . GLU B 1 52  ? -16.049 -10.451 20.744  1.00 70.62 ? 32  GLU B CB  1 
ATOM   1132 N N   . THR B 1 53  ? -18.163 -7.890  20.954  1.00 72.33 ? 33  THR B N   1 
ATOM   1133 C CA  . THR B 1 53  ? -18.700 -6.912  21.919  1.00 72.55 ? 33  THR B CA  1 
ATOM   1134 C C   . THR B 1 53  ? -20.143 -6.512  21.625  1.00 72.65 ? 33  THR B C   1 
ATOM   1135 O O   . THR B 1 53  ? -21.018 -6.653  22.481  1.00 72.84 ? 33  THR B O   1 
ATOM   1136 C CB  . THR B 1 53  ? -17.790 -5.660  22.068  1.00 72.62 ? 33  THR B CB  1 
ATOM   1137 O OG1 . THR B 1 53  ? -16.584 -6.031  22.750  1.00 72.71 ? 33  THR B OG1 1 
ATOM   1138 C CG2 . THR B 1 53  ? -18.488 -4.548  22.868  1.00 73.01 ? 33  THR B CG2 1 
ATOM   1139 N N   . ASN B 1 54  ? -20.383 -6.004  20.421  1.00 72.70 ? 34  ASN B N   1 
ATOM   1140 C CA  . ASN B 1 54  ? -21.715 -5.566  20.060  1.00 72.60 ? 34  ASN B CA  1 
ATOM   1141 C C   . ASN B 1 54  ? -22.110 -5.996  18.653  1.00 72.67 ? 34  ASN B C   1 
ATOM   1142 O O   . ASN B 1 54  ? -22.160 -5.161  17.733  1.00 73.06 ? 34  ASN B O   1 
ATOM   1143 C CB  . ASN B 1 54  ? -21.852 -4.053  20.227  1.00 72.80 ? 34  ASN B CB  1 
ATOM   1144 C CG  . ASN B 1 54  ? -23.263 -3.577  19.975  1.00 72.45 ? 34  ASN B CG  1 
ATOM   1145 O OD1 . ASN B 1 54  ? -24.139 -3.718  20.829  1.00 72.71 ? 34  ASN B OD1 1 
ATOM   1146 N ND2 . ASN B 1 54  ? -23.498 -3.039  18.790  1.00 71.27 ? 34  ASN B ND2 1 
ATOM   1147 N N   . PRO B 1 55  ? -22.421 -7.299  18.483  1.00 72.48 ? 35  PRO B N   1 
ATOM   1148 C CA  . PRO B 1 55  ? -22.727 -7.878  17.163  1.00 72.12 ? 35  PRO B CA  1 
ATOM   1149 C C   . PRO B 1 55  ? -23.801 -7.164  16.321  1.00 71.97 ? 35  PRO B C   1 
ATOM   1150 O O   . PRO B 1 55  ? -23.706 -7.215  15.087  1.00 72.12 ? 35  PRO B O   1 
ATOM   1151 C CB  . PRO B 1 55  ? -23.147 -9.313  17.492  1.00 72.24 ? 35  PRO B CB  1 
ATOM   1152 C CG  . PRO B 1 55  ? -22.475 -9.609  18.804  1.00 72.19 ? 35  PRO B CG  1 
ATOM   1153 C CD  . PRO B 1 55  ? -22.484 -8.315  19.555  1.00 72.36 ? 35  PRO B CD  1 
ATOM   1154 N N   . PRO B 1 56  ? -24.826 -6.530  16.956  1.00 71.76 ? 36  PRO B N   1 
ATOM   1155 C CA  . PRO B 1 56  ? -25.706 -5.691  16.117  1.00 71.35 ? 36  PRO B CA  1 
ATOM   1156 C C   . PRO B 1 56  ? -24.975 -4.543  15.391  1.00 71.07 ? 36  PRO B C   1 
ATOM   1157 O O   . PRO B 1 56  ? -25.202 -4.349  14.187  1.00 71.18 ? 36  PRO B O   1 
ATOM   1158 C CB  . PRO B 1 56  ? -26.754 -5.158  17.104  1.00 71.35 ? 36  PRO B CB  1 
ATOM   1159 C CG  . PRO B 1 56  ? -26.180 -5.377  18.468  1.00 71.52 ? 36  PRO B CG  1 
ATOM   1160 C CD  . PRO B 1 56  ? -25.295 -6.574  18.360  1.00 71.62 ? 36  PRO B CD  1 
ATOM   1161 N N   . LEU B 1 57  ? -24.099 -3.813  16.092  1.00 70.52 ? 37  LEU B N   1 
ATOM   1162 C CA  . LEU B 1 57  ? -23.298 -2.743  15.450  1.00 70.11 ? 37  LEU B CA  1 
ATOM   1163 C C   . LEU B 1 57  ? -22.266 -3.310  14.482  1.00 69.59 ? 37  LEU B C   1 
ATOM   1164 O O   . LEU B 1 57  ? -22.058 -2.746  13.401  1.00 69.45 ? 37  LEU B O   1 
ATOM   1165 C CB  . LEU B 1 57  ? -22.608 -1.830  16.473  1.00 70.01 ? 37  LEU B CB  1 
ATOM   1166 N N   . ALA B 1 58  ? -21.638 -4.425  14.877  1.00 68.94 ? 38  ALA B N   1 
ATOM   1167 C CA  . ALA B 1 58  ? -20.680 -5.154  14.031  1.00 68.41 ? 38  ALA B CA  1 
ATOM   1168 C C   . ALA B 1 58  ? -21.254 -5.475  12.666  1.00 68.04 ? 38  ALA B C   1 
ATOM   1169 O O   . ALA B 1 58  ? -20.600 -5.257  11.645  1.00 68.20 ? 38  ALA B O   1 
ATOM   1170 C CB  . ALA B 1 58  ? -20.241 -6.428  14.705  1.00 68.42 ? 38  ALA B CB  1 
ATOM   1171 N N   . LEU B 1 59  ? -22.483 -5.995  12.657  1.00 67.79 ? 39  LEU B N   1 
ATOM   1172 C CA  . LEU B 1 59  ? -23.186 -6.309  11.417  1.00 67.13 ? 39  LEU B CA  1 
ATOM   1173 C C   . LEU B 1 59  ? -23.450 -5.024  10.650  1.00 66.72 ? 39  LEU B C   1 
ATOM   1174 O O   . LEU B 1 59  ? -23.215 -4.960  9.441   1.00 66.49 ? 39  LEU B O   1 
ATOM   1175 C CB  . LEU B 1 59  ? -24.493 -7.044  11.707  1.00 67.36 ? 39  LEU B CB  1 
ATOM   1176 N N   . TRP B 1 60  ? -23.914 -3.996  11.363  1.00 66.40 ? 40  TRP B N   1 
ATOM   1177 C CA  . TRP B 1 60  ? -24.142 -2.691  10.747  1.00 66.08 ? 40  TRP B CA  1 
ATOM   1178 C C   . TRP B 1 60  ? -22.891 -2.144  10.054  1.00 65.64 ? 40  TRP B C   1 
ATOM   1179 O O   . TRP B 1 60  ? -22.970 -1.604  8.938   1.00 65.31 ? 40  TRP B O   1 
ATOM   1180 C CB  . TRP B 1 60  ? -24.672 -1.661  11.753  1.00 66.55 ? 40  TRP B CB  1 
ATOM   1181 C CG  . TRP B 1 60  ? -24.840 -0.359  11.065  1.00 66.74 ? 40  TRP B CG  1 
ATOM   1182 C CD1 . TRP B 1 60  ? -25.874 0.010   10.255  1.00 67.10 ? 40  TRP B CD1 1 
ATOM   1183 C CD2 . TRP B 1 60  ? -23.901 0.719   11.031  1.00 67.74 ? 40  TRP B CD2 1 
ATOM   1184 N NE1 . TRP B 1 60  ? -25.659 1.264   9.747   1.00 67.40 ? 40  TRP B NE1 1 
ATOM   1185 C CE2 . TRP B 1 60  ? -24.452 1.727   10.204  1.00 68.20 ? 40  TRP B CE2 1 
ATOM   1186 C CE3 . TRP B 1 60  ? -22.651 0.941   11.629  1.00 67.51 ? 40  TRP B CE3 1 
ATOM   1187 C CZ2 . TRP B 1 60  ? -23.800 2.945   9.968   1.00 67.45 ? 40  TRP B CZ2 1 
ATOM   1188 C CZ3 . TRP B 1 60  ? -22.003 2.152   11.391  1.00 67.40 ? 40  TRP B CZ3 1 
ATOM   1189 C CH2 . TRP B 1 60  ? -22.582 3.136   10.568  1.00 67.23 ? 40  TRP B CH2 1 
ATOM   1190 N N   . LEU B 1 61  ? -21.749 -2.287  10.726  1.00 65.17 ? 41  LEU B N   1 
ATOM   1191 C CA  . LEU B 1 61  ? -20.465 -1.820  10.206  1.00 64.89 ? 41  LEU B CA  1 
ATOM   1192 C C   . LEU B 1 61  ? -19.984 -2.647  9.015   1.00 64.94 ? 41  LEU B C   1 
ATOM   1193 O O   . LEU B 1 61  ? -19.455 -2.093  8.026   1.00 64.79 ? 41  LEU B O   1 
ATOM   1194 C CB  . LEU B 1 61  ? -19.408 -1.807  11.316  1.00 64.97 ? 41  LEU B CB  1 
ATOM   1195 C CG  . LEU B 1 61  ? -18.119 -1.039  11.018  1.00 64.41 ? 41  LEU B CG  1 
ATOM   1196 C CD1 . LEU B 1 61  ? -18.421 0.376   10.545  1.00 63.94 ? 41  LEU B CD1 1 
ATOM   1197 C CD2 . LEU B 1 61  ? -17.210 -1.023  12.243  1.00 64.38 ? 41  LEU B CD2 1 
ATOM   1198 N N   . HIS B 1 62  ? -20.160 -3.968  9.129   1.00 64.75 ? 42  HIS B N   1 
ATOM   1199 C CA  . HIS B 1 62  ? -20.017 -4.875  7.989   1.00 64.93 ? 42  HIS B CA  1 
ATOM   1200 C C   . HIS B 1 62  ? -20.883 -4.327  6.865   1.00 64.47 ? 42  HIS B C   1 
ATOM   1201 O O   . HIS B 1 62  ? -20.383 -4.022  5.780   1.00 64.27 ? 42  HIS B O   1 
ATOM   1202 C CB  . HIS B 1 62  ? -20.452 -6.304  8.364   1.00 65.23 ? 42  HIS B CB  1 
ATOM   1203 C CG  . HIS B 1 62  ? -19.429 -7.354  8.028   1.00 67.01 ? 42  HIS B CG  1 
ATOM   1204 N ND1 . HIS B 1 62  ? -18.952 -8.258  8.961   1.00 68.25 ? 42  HIS B ND1 1 
ATOM   1205 C CD2 . HIS B 1 62  ? -18.763 -7.622  6.873   1.00 67.85 ? 42  HIS B CD2 1 
ATOM   1206 C CE1 . HIS B 1 62  ? -18.055 -9.049  8.393   1.00 68.40 ? 42  HIS B CE1 1 
ATOM   1207 N NE2 . HIS B 1 62  ? -17.919 -8.681  7.126   1.00 68.71 ? 42  HIS B NE2 1 
ATOM   1208 N N   . ASN B 1 63  ? -22.174 -4.153  7.164   1.00 64.52 ? 43  ASN B N   1 
ATOM   1209 C CA  . ASN B 1 63  ? -23.161 -3.623  6.210   1.00 64.79 ? 43  ASN B CA  1 
ATOM   1210 C C   . ASN B 1 63  ? -22.793 -2.254  5.608   1.00 64.67 ? 43  ASN B C   1 
ATOM   1211 O O   . ASN B 1 63  ? -22.846 -2.064  4.390   1.00 64.61 ? 43  ASN B O   1 
ATOM   1212 C CB  . ASN B 1 63  ? -24.559 -3.588  6.846   1.00 64.88 ? 43  ASN B CB  1 
ATOM   1213 N N   . PHE B 1 64  ? -22.395 -1.318  6.465   1.00 64.48 ? 44  PHE B N   1 
ATOM   1214 C CA  . PHE B 1 64  ? -22.076 0.032   6.027   1.00 64.50 ? 44  PHE B CA  1 
ATOM   1215 C C   . PHE B 1 64  ? -20.952 0.119   4.981   1.00 64.70 ? 44  PHE B C   1 
ATOM   1216 O O   . PHE B 1 64  ? -21.077 0.831   3.985   1.00 64.55 ? 44  PHE B O   1 
ATOM   1217 C CB  . PHE B 1 64  ? -21.737 0.906   7.249   1.00 64.40 ? 44  PHE B CB  1 
ATOM   1218 C CG  . PHE B 1 64  ? -21.261 2.289   6.887   1.00 64.15 ? 44  PHE B CG  1 
ATOM   1219 C CD1 . PHE B 1 64  ? -22.171 3.322   6.694   1.00 63.35 ? 44  PHE B CD1 1 
ATOM   1220 C CD2 . PHE B 1 64  ? -19.898 2.552   6.719   1.00 63.14 ? 44  PHE B CD2 1 
ATOM   1221 C CE1 . PHE B 1 64  ? -21.731 4.592   6.343   1.00 63.87 ? 44  PHE B CE1 1 
ATOM   1222 C CE2 . PHE B 1 64  ? -19.452 3.812   6.369   1.00 62.60 ? 44  PHE B CE2 1 
ATOM   1223 C CZ  . PHE B 1 64  ? -20.367 4.839   6.184   1.00 63.60 ? 44  PHE B CZ  1 
ATOM   1224 N N   . SER B 1 65  ? -19.872 -0.625  5.215   1.00 65.45 ? 45  SER B N   1 
ATOM   1225 C CA  . SER B 1 65  ? -18.535 -0.327  4.653   1.00 66.14 ? 45  SER B CA  1 
ATOM   1226 C C   . SER B 1 65  ? -18.211 -0.594  3.159   1.00 66.64 ? 45  SER B C   1 
ATOM   1227 O O   . SER B 1 65  ? -17.360 0.107   2.588   1.00 66.93 ? 45  SER B O   1 
ATOM   1228 C CB  . SER B 1 65  ? -17.454 -0.982  5.532   1.00 66.08 ? 45  SER B CB  1 
ATOM   1229 N N   . ALA B 1 66  ? -18.858 -1.592  2.545   1.00 66.85 ? 46  ALA B N   1 
ATOM   1230 C CA  . ALA B 1 66  ? -18.491 -2.087  1.189   1.00 66.95 ? 46  ALA B CA  1 
ATOM   1231 C C   . ALA B 1 66  ? -18.374 -1.015  0.082   1.00 67.21 ? 46  ALA B C   1 
ATOM   1232 O O   . ALA B 1 66  ? -19.183 -0.087  0.006   1.00 67.43 ? 46  ALA B O   1 
ATOM   1233 C CB  . ALA B 1 66  ? -19.440 -3.195  0.758   1.00 66.59 ? 46  ALA B CB  1 
ATOM   1234 N N   . GLY B 1 67  ? -17.357 -1.153  -0.767  1.00 67.29 ? 47  GLY B N   1 
ATOM   1235 C CA  . GLY B 1 67  ? -17.076 -0.180  -1.817  1.00 67.11 ? 47  GLY B CA  1 
ATOM   1236 C C   . GLY B 1 67  ? -15.591 0.108   -1.918  1.00 67.33 ? 47  GLY B C   1 
ATOM   1237 O O   . GLY B 1 67  ? -15.169 1.270   -1.909  1.00 67.42 ? 47  GLY B O   1 
ATOM   1238 N N   . GLN B 1 70  ? -14.066 3.283   -0.241  1.00 51.78 ? 50  GLN B N   1 
ATOM   1239 C CA  . GLN B 1 70  ? -12.845 3.382   0.570   1.00 51.96 ? 50  GLN B CA  1 
ATOM   1240 C C   . GLN B 1 70  ? -11.546 3.785   -0.178  1.00 51.27 ? 50  GLN B C   1 
ATOM   1241 O O   . GLN B 1 70  ? -10.788 2.932   -0.641  1.00 51.19 ? 50  GLN B O   1 
ATOM   1242 C CB  . GLN B 1 70  ? -12.601 2.107   1.421   1.00 51.70 ? 50  GLN B CB  1 
ATOM   1243 C CG  . GLN B 1 70  ? -11.286 2.186   2.227   1.00 52.36 ? 50  GLN B CG  1 
ATOM   1244 C CD  . GLN B 1 70  ? -11.000 0.985   3.139   1.00 52.76 ? 50  GLN B CD  1 
ATOM   1245 O OE1 . GLN B 1 70  ? -11.894 0.450   3.810   1.00 53.40 ? 50  GLN B OE1 1 
ATOM   1246 N NE2 . GLN B 1 70  ? -9.731  0.581   3.186   1.00 50.81 ? 50  GLN B NE2 1 
ATOM   1247 N N   . ASP B 1 71  ? -11.349 5.094   -0.325  1.00 50.57 ? 51  ASP B N   1 
ATOM   1248 C CA  . ASP B 1 71  ? -10.051 5.701   -0.095  1.00 49.40 ? 51  ASP B CA  1 
ATOM   1249 C C   . ASP B 1 71  ? -10.198 5.998   1.402   1.00 48.81 ? 51  ASP B C   1 
ATOM   1250 O O   . ASP B 1 71  ? -11.193 6.590   1.819   1.00 48.62 ? 51  ASP B O   1 
ATOM   1251 C CB  . ASP B 1 71  ? -9.886  6.992   -0.887  1.00 49.31 ? 51  ASP B CB  1 
ATOM   1252 N N   . GLY B 1 72  ? -9.245  5.547   2.207   1.00 47.79 ? 52  GLY B N   1 
ATOM   1253 C CA  . GLY B 1 72  ? -9.389  5.540   3.660   1.00 46.78 ? 52  GLY B CA  1 
ATOM   1254 C C   . GLY B 1 72  ? -9.950  6.802   4.289   1.00 46.31 ? 52  GLY B C   1 
ATOM   1255 O O   . GLY B 1 72  ? -10.710 6.716   5.251   1.00 46.11 ? 52  GLY B O   1 
ATOM   1256 N N   . GLU B 1 73  ? -9.569  7.966   3.755   1.00 45.69 ? 53  GLU B N   1 
ATOM   1257 C CA  . GLU B 1 73  ? -10.029 9.256   4.277   1.00 45.37 ? 53  GLU B CA  1 
ATOM   1258 C C   . GLU B 1 73  ? -11.502 9.516   3.990   1.00 45.13 ? 53  GLU B C   1 
ATOM   1259 O O   . GLU B 1 73  ? -12.204 10.106  4.813   1.00 45.44 ? 53  GLU B O   1 
ATOM   1260 C CB  . GLU B 1 73  ? -9.204  10.421  3.714   1.00 45.79 ? 53  GLU B CB  1 
ATOM   1261 C CG  . GLU B 1 73  ? -7.777  10.542  4.254   1.00 46.15 ? 53  GLU B CG  1 
ATOM   1262 C CD  . GLU B 1 73  ? -7.663  10.210  5.741   1.00 48.02 ? 53  GLU B CD  1 
ATOM   1263 O OE1 . GLU B 1 73  ? -8.411  10.780  6.573   1.00 48.14 ? 53  GLU B OE1 1 
ATOM   1264 O OE2 . GLU B 1 73  ? -6.795  9.376   6.081   1.00 50.13 ? 53  GLU B OE2 1 
ATOM   1265 N N   . LYS B 1 74  ? -11.956 9.092   2.811   1.00 44.49 ? 54  LYS B N   1 
ATOM   1266 C CA  . LYS B 1 74  ? -13.332 9.288   2.395   1.00 43.33 ? 54  LYS B CA  1 
ATOM   1267 C C   . LYS B 1 74  ? -14.229 8.369   3.204   1.00 42.59 ? 54  LYS B C   1 
ATOM   1268 O O   . LYS B 1 74  ? -15.282 8.794   3.684   1.00 42.64 ? 54  LYS B O   1 
ATOM   1269 C CB  . LYS B 1 74  ? -13.468 8.990   0.915   1.00 43.79 ? 54  LYS B CB  1 
ATOM   1270 C CG  . LYS B 1 74  ? -14.211 10.047  0.156   1.00 44.02 ? 54  LYS B CG  1 
ATOM   1271 C CD  . LYS B 1 74  ? -13.947 9.915   -1.318  1.00 45.57 ? 54  LYS B CD  1 
ATOM   1272 C CE  . LYS B 1 74  ? -14.888 8.920   -1.988  1.00 46.94 ? 54  LYS B CE  1 
ATOM   1273 N NZ  . LYS B 1 74  ? -15.002 9.247   -3.450  1.00 47.40 ? 54  LYS B NZ  1 
ATOM   1274 N N   . TYR B 1 75  ? -13.790 7.122   3.377   1.00 41.20 ? 55  TYR B N   1 
ATOM   1275 C CA  . TYR B 1 75  ? -14.463 6.146   4.241   1.00 40.18 ? 55  TYR B CA  1 
ATOM   1276 C C   . TYR B 1 75  ? -14.798 6.693   5.654   1.00 39.75 ? 55  TYR B C   1 
ATOM   1277 O O   . TYR B 1 75  ? -15.960 6.776   6.025   1.00 39.11 ? 55  TYR B O   1 
ATOM   1278 C CB  . TYR B 1 75  ? -13.627 4.867   4.370   1.00 39.50 ? 55  TYR B CB  1 
ATOM   1279 C CG  . TYR B 1 75  ? -14.289 3.868   5.272   1.00 39.76 ? 55  TYR B CG  1 
ATOM   1280 C CD1 . TYR B 1 75  ? -15.369 3.132   4.823   1.00 39.40 ? 55  TYR B CD1 1 
ATOM   1281 C CD2 . TYR B 1 75  ? -13.872 3.688   6.597   1.00 39.58 ? 55  TYR B CD2 1 
ATOM   1282 C CE1 . TYR B 1 75  ? -16.008 2.227   5.644   1.00 40.42 ? 55  TYR B CE1 1 
ATOM   1283 C CE2 . TYR B 1 75  ? -14.518 2.774   7.439   1.00 38.41 ? 55  TYR B CE2 1 
ATOM   1284 C CZ  . TYR B 1 75  ? -15.591 2.050   6.947   1.00 40.18 ? 55  TYR B CZ  1 
ATOM   1285 O OH  . TYR B 1 75  ? -16.281 1.132   7.732   1.00 40.72 ? 55  TYR B OH  1 
ATOM   1286 N N   . ILE B 1 76  ? -13.750 7.031   6.421   1.00 39.53 ? 56  ILE B N   1 
ATOM   1287 C CA  . ILE B 1 76  ? -13.832 7.676   7.752   1.00 38.67 ? 56  ILE B CA  1 
ATOM   1288 C C   . ILE B 1 76  ? -14.739 8.911   7.790   1.00 37.99 ? 56  ILE B C   1 
ATOM   1289 O O   . ILE B 1 76  ? -15.525 9.071   8.703   1.00 37.43 ? 56  ILE B O   1 
ATOM   1290 C CB  . ILE B 1 76  ? -12.401 8.062   8.296   1.00 38.60 ? 56  ILE B CB  1 
ATOM   1291 C CG1 . ILE B 1 76  ? -11.509 6.824   8.407   1.00 37.91 ? 56  ILE B CG1 1 
ATOM   1292 C CG2 . ILE B 1 76  ? -12.472 8.809   9.669   1.00 38.37 ? 56  ILE B CG2 1 
ATOM   1293 C CD1 . ILE B 1 76  ? -12.108 5.717   9.247   1.00 38.56 ? 56  ILE B CD1 1 
ATOM   1294 N N   . GLU B 1 77  ? -14.608 9.781   6.804   1.00 37.81 ? 57  GLU B N   1 
ATOM   1295 C CA  . GLU B 1 77  ? -15.454 10.967  6.716   1.00 38.33 ? 57  GLU B CA  1 
ATOM   1296 C C   . GLU B 1 77  ? -16.944 10.567  6.613   1.00 37.75 ? 57  GLU B C   1 
ATOM   1297 O O   . GLU B 1 77  ? -17.815 11.190  7.227   1.00 37.60 ? 57  GLU B O   1 
ATOM   1298 C CB  . GLU B 1 77  ? -15.029 11.789  5.520   1.00 38.36 ? 57  GLU B CB  1 
ATOM   1299 C CG  . GLU B 1 77  ? -14.828 13.251  5.812   1.00 42.85 ? 57  GLU B CG  1 
ATOM   1300 C CD  . GLU B 1 77  ? -13.839 13.882  4.844   1.00 48.97 ? 57  GLU B CD  1 
ATOM   1301 O OE1 . GLU B 1 77  ? -13.625 13.302  3.749   1.00 50.79 ? 57  GLU B OE1 1 
ATOM   1302 O OE2 . GLU B 1 77  ? -13.263 14.952  5.176   1.00 51.94 ? 57  GLU B OE2 1 
ATOM   1303 N N   . GLU B 1 78  ? -17.212 9.502   5.867   1.00 37.25 ? 58  GLU B N   1 
ATOM   1304 C CA  . GLU B 1 78  ? -18.559 8.977   5.726   1.00 37.12 ? 58  GLU B CA  1 
ATOM   1305 C C   . GLU B 1 78  ? -19.012 8.281   7.004   1.00 36.71 ? 58  GLU B C   1 
ATOM   1306 O O   . GLU B 1 78  ? -20.185 8.380   7.393   1.00 36.55 ? 58  GLU B O   1 
ATOM   1307 C CB  . GLU B 1 78  ? -18.635 7.989   4.560   1.00 37.33 ? 58  GLU B CB  1 
ATOM   1308 C CG  . GLU B 1 78  ? -18.559 8.601   3.182   1.00 38.37 ? 58  GLU B CG  1 
ATOM   1309 C CD  . GLU B 1 78  ? -18.021 7.612   2.159   1.00 42.63 ? 58  GLU B CD  1 
ATOM   1310 O OE1 . GLU B 1 78  ? -17.777 6.437   2.547   1.00 45.32 ? 58  GLU B OE1 1 
ATOM   1311 O OE2 . GLU B 1 78  ? -17.816 7.997   0.982   1.00 42.24 ? 58  GLU B OE2 1 
ATOM   1312 N N   . LEU B 1 79  ? -18.107 7.548   7.648   1.00 35.79 ? 59  LEU B N   1 
ATOM   1313 C CA  . LEU B 1 79  ? -18.481 6.891   8.893   1.00 35.46 ? 59  LEU B CA  1 
ATOM   1314 C C   . LEU B 1 79  ? -18.794 7.933   9.986   1.00 35.17 ? 59  LEU B C   1 
ATOM   1315 O O   . LEU B 1 79  ? -19.685 7.727   10.808  1.00 35.33 ? 59  LEU B O   1 
ATOM   1316 C CB  . LEU B 1 79  ? -17.410 5.891   9.332   1.00 35.22 ? 59  LEU B CB  1 
ATOM   1317 C CG  . LEU B 1 79  ? -17.762 4.960   10.499  1.00 35.90 ? 59  LEU B CG  1 
ATOM   1318 C CD1 . LEU B 1 79  ? -18.904 3.987   10.161  1.00 36.37 ? 59  LEU B CD1 1 
ATOM   1319 C CD2 . LEU B 1 79  ? -16.548 4.208   10.966  1.00 35.42 ? 59  LEU B CD2 1 
ATOM   1320 N N   . PHE B 1 80  ? -18.091 9.064   9.944   1.00 34.81 ? 60  PHE B N   1 
ATOM   1321 C CA  . PHE B 1 80  ? -18.169 10.094  10.974  1.00 35.43 ? 60  PHE B CA  1 
ATOM   1322 C C   . PHE B 1 80  ? -19.557 10.756  11.044  1.00 35.30 ? 60  PHE B C   1 
ATOM   1323 O O   . PHE B 1 80  ? -20.015 11.116  12.125  1.00 33.97 ? 60  PHE B O   1 
ATOM   1324 C CB  . PHE B 1 80  ? -17.066 11.157  10.767  1.00 35.77 ? 60  PHE B CB  1 
ATOM   1325 C CG  . PHE B 1 80  ? -16.488 11.705  12.051  1.00 37.55 ? 60  PHE B CG  1 
ATOM   1326 C CD1 . PHE B 1 80  ? -15.143 11.582  12.319  1.00 39.52 ? 60  PHE B CD1 1 
ATOM   1327 C CD2 . PHE B 1 80  ? -17.292 12.345  12.995  1.00 40.49 ? 60  PHE B CD2 1 
ATOM   1328 C CE1 . PHE B 1 80  ? -14.599 12.086  13.512  1.00 41.69 ? 60  PHE B CE1 1 
ATOM   1329 C CE2 . PHE B 1 80  ? -16.753 12.853  14.188  1.00 40.36 ? 60  PHE B CE2 1 
ATOM   1330 C CZ  . PHE B 1 80  ? -15.409 12.712  14.443  1.00 40.36 ? 60  PHE B CZ  1 
ATOM   1331 N N   . LEU B 1 81  ? -20.180 10.928  9.872   1.00 36.17 ? 61  LEU B N   1 
ATOM   1332 C CA  . LEU B 1 81  ? -21.559 11.407  9.733   1.00 36.76 ? 61  LEU B CA  1 
ATOM   1333 C C   . LEU B 1 81  ? -22.587 10.432  10.300  1.00 37.52 ? 61  LEU B C   1 
ATOM   1334 O O   . LEU B 1 81  ? -23.577 10.863  10.883  1.00 37.40 ? 61  LEU B O   1 
ATOM   1335 C CB  . LEU B 1 81  ? -21.892 11.709  8.266   1.00 36.66 ? 61  LEU B CB  1 
ATOM   1336 C CG  . LEU B 1 81  ? -21.087 12.826  7.585   1.00 36.58 ? 61  LEU B CG  1 
ATOM   1337 C CD1 . LEU B 1 81  ? -21.307 12.807  6.100   1.00 36.48 ? 61  LEU B CD1 1 
ATOM   1338 C CD2 . LEU B 1 81  ? -21.429 14.193  8.148   1.00 36.10 ? 61  LEU B CD2 1 
ATOM   1339 N N   . GLU B 1 82  ? -22.364 9.129   10.131  1.00 38.29 ? 62  GLU B N   1 
ATOM   1340 C CA  . GLU B 1 82  ? -23.310 8.130   10.645  1.00 39.62 ? 62  GLU B CA  1 
ATOM   1341 C C   . GLU B 1 82  ? -23.046 7.837   12.113  1.00 40.22 ? 62  GLU B C   1 
ATOM   1342 O O   . GLU B 1 82  ? -23.906 8.059   12.954  1.00 40.95 ? 62  GLU B O   1 
ATOM   1343 C CB  . GLU B 1 82  ? -23.268 6.816   9.846   1.00 39.71 ? 62  GLU B CB  1 
ATOM   1344 C CG  . GLU B 1 82  ? -23.307 6.978   8.335   1.00 42.19 ? 62  GLU B CG  1 
ATOM   1345 C CD  . GLU B 1 82  ? -24.610 7.550   7.858   1.00 45.55 ? 62  GLU B CD  1 
ATOM   1346 O OE1 . GLU B 1 82  ? -25.545 6.751   7.649   1.00 49.04 ? 62  GLU B OE1 1 
ATOM   1347 O OE2 . GLU B 1 82  ? -24.701 8.787   7.691   1.00 44.40 ? 62  GLU B OE2 1 
ATOM   1348 N N   . LYS B 1 83  ? -21.857 7.324   12.420  1.00 40.53 ? 63  LYS B N   1 
ATOM   1349 C CA  . LYS B 1 83  ? -21.542 6.940   13.782  1.00 40.80 ? 63  LYS B CA  1 
ATOM   1350 C C   . LYS B 1 83  ? -20.183 7.538   14.149  1.00 40.64 ? 63  LYS B C   1 
ATOM   1351 O O   . LYS B 1 83  ? -19.137 6.943   13.870  1.00 41.21 ? 63  LYS B O   1 
ATOM   1352 C CB  . LYS B 1 83  ? -21.590 5.421   13.937  1.00 40.60 ? 63  LYS B CB  1 
ATOM   1353 N N   . PRO B 1 84  ? -20.201 8.755   14.720  1.00 40.09 ? 64  PRO B N   1 
ATOM   1354 C CA  . PRO B 1 84  ? -18.993 9.522   15.043  1.00 39.78 ? 64  PRO B CA  1 
ATOM   1355 C C   . PRO B 1 84  ? -18.041 8.758   15.952  1.00 39.74 ? 64  PRO B C   1 
ATOM   1356 O O   . PRO B 1 84  ? -16.844 8.668   15.645  1.00 40.23 ? 64  PRO B O   1 
ATOM   1357 C CB  . PRO B 1 84  ? -19.541 10.767  15.752  1.00 39.57 ? 64  PRO B CB  1 
ATOM   1358 C CG  . PRO B 1 84  ? -20.946 10.882  15.272  1.00 39.75 ? 64  PRO B CG  1 
ATOM   1359 C CD  . PRO B 1 84  ? -21.435 9.494   15.053  1.00 39.92 ? 64  PRO B CD  1 
ATOM   1360 N N   . ASP B 1 85  ? -18.570 8.187   17.031  1.00 39.35 ? 65  ASP B N   1 
ATOM   1361 C CA  . ASP B 1 85  ? -17.754 7.477   18.004  1.00 39.54 ? 65  ASP B CA  1 
ATOM   1362 C C   . ASP B 1 85  ? -17.089 6.240   17.393  1.00 38.73 ? 65  ASP B C   1 
ATOM   1363 O O   . ASP B 1 85  ? -16.012 5.794   17.836  1.00 37.68 ? 65  ASP B O   1 
ATOM   1364 C CB  . ASP B 1 85  ? -18.578 7.115   19.239  1.00 40.48 ? 65  ASP B CB  1 
ATOM   1365 C CG  . ASP B 1 85  ? -18.376 8.121   20.380  1.00 43.76 ? 65  ASP B CG  1 
ATOM   1366 O OD1 . ASP B 1 85  ? -17.199 8.359   20.759  1.00 47.12 ? 65  ASP B OD1 1 
ATOM   1367 O OD2 . ASP B 1 85  ? -19.379 8.673   20.899  1.00 47.19 ? 65  ASP B OD2 1 
ATOM   1368 N N   . LEU B 1 86  ? -17.735 5.721   16.350  1.00 36.96 ? 66  LEU B N   1 
ATOM   1369 C CA  . LEU B 1 86  ? -17.217 4.594   15.646  1.00 35.55 ? 66  LEU B CA  1 
ATOM   1370 C C   . LEU B 1 86  ? -16.081 5.011   14.712  1.00 34.94 ? 66  LEU B C   1 
ATOM   1371 O O   . LEU B 1 86  ? -15.098 4.295   14.591  1.00 33.87 ? 66  LEU B O   1 
ATOM   1372 C CB  . LEU B 1 86  ? -18.345 3.885   14.902  1.00 35.64 ? 66  LEU B CB  1 
ATOM   1373 C CG  . LEU B 1 86  ? -18.214 2.362   14.823  1.00 34.80 ? 66  LEU B CG  1 
ATOM   1374 C CD1 . LEU B 1 86  ? -17.941 1.781   16.213  1.00 34.57 ? 66  LEU B CD1 1 
ATOM   1375 C CD2 . LEU B 1 86  ? -19.486 1.772   14.232  1.00 35.98 ? 66  LEU B CD2 1 
ATOM   1376 N N   . ALA B 1 87  ? -16.224 6.172   14.066  1.00 34.38 ? 67  ALA B N   1 
ATOM   1377 C CA  . ALA B 1 87  ? -15.159 6.721   13.241  1.00 33.98 ? 67  ALA B CA  1 
ATOM   1378 C C   . ALA B 1 87  ? -13.945 7.044   14.102  1.00 34.10 ? 67  ALA B C   1 
ATOM   1379 O O   . ALA B 1 87  ? -12.808 6.728   13.723  1.00 33.81 ? 67  ALA B O   1 
ATOM   1380 C CB  . ALA B 1 87  ? -15.628 7.948   12.468  1.00 33.44 ? 67  ALA B CB  1 
ATOM   1381 N N   . LEU B 1 88  ? -14.184 7.642   15.272  1.00 33.98 ? 68  LEU B N   1 
ATOM   1382 C CA  . LEU B 1 88  ? -13.092 7.962   16.187  1.00 33.82 ? 68  LEU B CA  1 
ATOM   1383 C C   . LEU B 1 88  ? -12.302 6.713   16.526  1.00 33.98 ? 68  LEU B C   1 
ATOM   1384 O O   . LEU B 1 88  ? -11.068 6.777   16.672  1.00 34.77 ? 68  LEU B O   1 
ATOM   1385 C CB  . LEU B 1 88  ? -13.593 8.633   17.467  1.00 33.34 ? 68  LEU B CB  1 
ATOM   1386 C CG  . LEU B 1 88  ? -14.041 10.090  17.330  1.00 32.77 ? 68  LEU B CG  1 
ATOM   1387 C CD1 . LEU B 1 88  ? -15.034 10.509  18.439  1.00 29.41 ? 68  LEU B CD1 1 
ATOM   1388 C CD2 . LEU B 1 88  ? -12.846 11.049  17.251  1.00 30.85 ? 68  LEU B CD2 1 
ATOM   1389 N N   . ARG B 1 89  ? -13.000 5.583   16.619  1.00 33.36 ? 69  ARG B N   1 
ATOM   1390 C CA  . ARG B 1 89  ? -12.378 4.340   17.052  1.00 32.98 ? 69  ARG B CA  1 
ATOM   1391 C C   . ARG B 1 89  ? -11.495 3.772   15.938  1.00 32.91 ? 69  ARG B C   1 
ATOM   1392 O O   . ARG B 1 89  ? -10.417 3.236   16.232  1.00 33.05 ? 69  ARG B O   1 
ATOM   1393 C CB  . ARG B 1 89  ? -13.421 3.332   17.524  1.00 32.85 ? 69  ARG B CB  1 
ATOM   1394 C CG  . ARG B 1 89  ? -12.889 1.917   17.900  1.00 34.53 ? 69  ARG B CG  1 
ATOM   1395 C CD  . ARG B 1 89  ? -12.212 1.826   19.277  1.00 36.23 ? 69  ARG B CD  1 
ATOM   1396 N NE  . ARG B 1 89  ? -11.404 0.602   19.426  1.00 38.53 ? 69  ARG B NE  1 
ATOM   1397 C CZ  . ARG B 1 89  ? -10.227 0.553   20.067  1.00 40.10 ? 69  ARG B CZ  1 
ATOM   1398 N NH1 . ARG B 1 89  ? -9.711  1.652   20.606  1.00 41.45 ? 69  ARG B NH1 1 
ATOM   1399 N NH2 . ARG B 1 89  ? -9.547  -0.584  20.158  1.00 39.41 ? 69  ARG B NH2 1 
ATOM   1400 N N   . ILE B 1 90  ? -11.947 3.880   14.680  1.00 32.01 ? 70  ILE B N   1 
ATOM   1401 C CA  . ILE B 1 90  ? -11.116 3.510   13.526  1.00 31.34 ? 70  ILE B CA  1 
ATOM   1402 C C   . ILE B 1 90  ? -9.888  4.431   13.426  1.00 30.96 ? 70  ILE B C   1 
ATOM   1403 O O   . ILE B 1 90  ? -8.781  3.990   13.134  1.00 30.55 ? 70  ILE B O   1 
ATOM   1404 C CB  . ILE B 1 90  ? -11.888 3.519   12.170  1.00 31.02 ? 70  ILE B CB  1 
ATOM   1405 C CG1 . ILE B 1 90  ? -12.577 2.175   11.907  1.00 30.43 ? 70  ILE B CG1 1 
ATOM   1406 C CG2 . ILE B 1 90  ? -10.927 3.762   11.002  1.00 29.06 ? 70  ILE B CG2 1 
ATOM   1407 C CD1 . ILE B 1 90  ? -13.997 2.087   12.457  1.00 30.10 ? 70  ILE B CD1 1 
ATOM   1408 N N   . MET B 1 91  ? -10.113 5.714   13.667  1.00 30.92 ? 71  MET B N   1 
ATOM   1409 C CA  . MET B 1 91  ? -9.040  6.682   13.783  1.00 30.50 ? 71  MET B CA  1 
ATOM   1410 C C   . MET B 1 91  ? -8.013  6.280   14.850  1.00 30.64 ? 71  MET B C   1 
ATOM   1411 O O   . MET B 1 91  ? -6.820  6.373   14.631  1.00 30.51 ? 71  MET B O   1 
ATOM   1412 C CB  . MET B 1 91  ? -9.636  8.047   14.058  1.00 29.99 ? 71  MET B CB  1 
ATOM   1413 C CG  . MET B 1 91  ? -10.173 8.726   12.774  1.00 29.63 ? 71  MET B CG  1 
ATOM   1414 S SD  . MET B 1 91  ? -11.334 10.066  13.114  1.00 30.64 ? 71  MET B SD  1 
ATOM   1415 C CE  . MET B 1 91  ? -10.376 11.035  14.301  1.00 25.83 ? 71  MET B CE  1 
ATOM   1416 N N   . THR B 1 92  ? -8.472  5.798   15.993  1.00 31.10 ? 72  THR B N   1 
ATOM   1417 C CA  . THR B 1 92  ? -7.541  5.417   17.046  1.00 31.52 ? 72  THR B CA  1 
ATOM   1418 C C   . THR B 1 92  ? -6.732  4.171   16.676  1.00 31.57 ? 72  THR B C   1 
ATOM   1419 O O   . THR B 1 92  ? -5.521  4.108   16.906  1.00 31.90 ? 72  THR B O   1 
ATOM   1420 C CB  . THR B 1 92  ? -8.260  5.298   18.418  1.00 31.67 ? 72  THR B CB  1 
ATOM   1421 O OG1 . THR B 1 92  ? -8.746  6.597   18.775  1.00 31.23 ? 72  THR B OG1 1 
ATOM   1422 C CG2 . THR B 1 92  ? -7.306  4.795   19.533  1.00 30.26 ? 72  THR B CG2 1 
ATOM   1423 N N   . VAL B 1 93  ? -7.387  3.208   16.056  1.00 31.62 ? 73  VAL B N   1 
ATOM   1424 C CA  . VAL B 1 93  ? -6.730  1.954   15.742  1.00 31.84 ? 73  VAL B CA  1 
ATOM   1425 C C   . VAL B 1 93  ? -5.727  2.071   14.584  1.00 31.74 ? 73  VAL B C   1 
ATOM   1426 O O   . VAL B 1 93  ? -4.600  1.581   14.689  1.00 31.60 ? 73  VAL B O   1 
ATOM   1427 C CB  . VAL B 1 93  ? -7.748  0.820   15.505  1.00 31.77 ? 73  VAL B CB  1 
ATOM   1428 C CG1 . VAL B 1 93  ? -7.028  -0.534  15.370  1.00 31.62 ? 73  VAL B CG1 1 
ATOM   1429 C CG2 . VAL B 1 93  ? -8.698  0.747   16.660  1.00 32.13 ? 73  VAL B CG2 1 
ATOM   1430 N N   . ARG B 1 94  ? -6.133  2.713   13.493  1.00 31.92 ? 74  ARG B N   1 
ATOM   1431 C CA  . ARG B 1 94  ? -5.256  2.893   12.315  1.00 31.92 ? 74  ARG B CA  1 
ATOM   1432 C C   . ARG B 1 94  ? -3.947  3.597   12.728  1.00 32.24 ? 74  ARG B C   1 
ATOM   1433 O O   . ARG B 1 94  ? -2.882  3.369   12.169  1.00 32.56 ? 74  ARG B O   1 
ATOM   1434 C CB  . ARG B 1 94  ? -5.983  3.698   11.233  1.00 30.92 ? 74  ARG B CB  1 
ATOM   1435 C CG  . ARG B 1 94  ? -5.965  5.173   11.518  1.00 30.25 ? 74  ARG B CG  1 
ATOM   1436 C CD  . ARG B 1 94  ? -7.140  5.894   10.959  1.00 25.68 ? 74  ARG B CD  1 
ATOM   1437 N NE  . ARG B 1 94  ? -6.929  6.170   9.567   1.00 22.24 ? 74  ARG B NE  1 
ATOM   1438 C CZ  . ARG B 1 94  ? -6.989  7.377   9.013   1.00 18.67 ? 74  ARG B CZ  1 
ATOM   1439 N NH1 . ARG B 1 94  ? -7.281  8.438   9.757   1.00 13.81 ? 74  ARG B NH1 1 
ATOM   1440 N NH2 . ARG B 1 94  ? -6.798  7.496   7.690   1.00 15.12 ? 74  ARG B NH2 1 
ATOM   1441 N N   . GLU B 1 95  ? -4.042  4.435   13.740  1.00 32.46 ? 75  GLU B N   1 
ATOM   1442 C CA  . GLU B 1 95  ? -2.923  5.243   14.156  1.00 33.26 ? 75  GLU B CA  1 
ATOM   1443 C C   . GLU B 1 95  ? -2.043  4.449   15.154  1.00 32.96 ? 75  GLU B C   1 
ATOM   1444 O O   . GLU B 1 95  ? -0.815  4.526   15.118  1.00 32.68 ? 75  GLU B O   1 
ATOM   1445 C CB  . GLU B 1 95  ? -3.512  6.512   14.756  1.00 33.61 ? 75  GLU B CB  1 
ATOM   1446 C CG  . GLU B 1 95  ? -2.610  7.679   14.809  1.00 36.89 ? 75  GLU B CG  1 
ATOM   1447 C CD  . GLU B 1 95  ? -2.316  8.033   16.219  1.00 41.29 ? 75  GLU B CD  1 
ATOM   1448 O OE1 . GLU B 1 95  ? -1.922  7.104   16.966  1.00 42.26 ? 75  GLU B OE1 1 
ATOM   1449 O OE2 . GLU B 1 95  ? -2.527  9.218   16.585  1.00 45.48 ? 75  GLU B OE2 1 
ATOM   1450 N N   . HIS B 1 96  ? -2.684  3.670   16.019  1.00 32.72 ? 76  HIS B N   1 
ATOM   1451 C CA  . HIS B 1 96  ? -1.982  2.748   16.891  1.00 33.09 ? 76  HIS B CA  1 
ATOM   1452 C C   . HIS B 1 96  ? -1.262  1.635   16.105  1.00 32.80 ? 76  HIS B C   1 
ATOM   1453 O O   . HIS B 1 96  ? -0.130  1.258   16.444  1.00 33.86 ? 76  HIS B O   1 
ATOM   1454 C CB  . HIS B 1 96  ? -2.936  2.169   17.938  1.00 33.54 ? 76  HIS B CB  1 
ATOM   1455 C CG  . HIS B 1 96  ? -2.323  1.091   18.775  1.00 36.02 ? 76  HIS B CG  1 
ATOM   1456 N ND1 . HIS B 1 96  ? -1.340  1.341   19.711  1.00 39.39 ? 76  HIS B ND1 1 
ATOM   1457 C CD2 . HIS B 1 96  ? -2.531  -0.247  18.797  1.00 38.63 ? 76  HIS B CD2 1 
ATOM   1458 C CE1 . HIS B 1 96  ? -0.979  0.206   20.284  1.00 39.71 ? 76  HIS B CE1 1 
ATOM   1459 N NE2 . HIS B 1 96  ? -1.686  -0.774  19.746  1.00 40.18 ? 76  HIS B NE2 1 
ATOM   1460 N N   . ILE B 1 97  ? -1.901  1.128   15.052  1.00 31.62 ? 77  ILE B N   1 
ATOM   1461 C CA  . ILE B 1 97  ? -1.277  0.174   14.150  1.00 30.65 ? 77  ILE B CA  1 
ATOM   1462 C C   . ILE B 1 97  ? -0.077  0.773   13.411  1.00 30.78 ? 77  ILE B C   1 
ATOM   1463 O O   . ILE B 1 97  ? 1.009   0.171   13.404  1.00 30.34 ? 77  ILE B O   1 
ATOM   1464 C CB  . ILE B 1 97  ? -2.264  -0.372  13.100  1.00 30.87 ? 77  ILE B CB  1 
ATOM   1465 C CG1 . ILE B 1 97  ? -3.308  -1.293  13.759  1.00 30.74 ? 77  ILE B CG1 1 
ATOM   1466 C CG2 . ILE B 1 97  ? -1.499  -1.138  12.027  1.00 30.86 ? 77  ILE B CG2 1 
ATOM   1467 C CD1 . ILE B 1 97  ? -4.448  -1.701  12.826  1.00 30.07 ? 77  ILE B CD1 1 
ATOM   1468 N N   . ALA B 1 98  ? -0.277  1.940   12.784  1.00 29.86 ? 78  ALA B N   1 
ATOM   1469 C CA  . ALA B 1 98  ? 0.807   2.598   12.089  1.00 30.05 ? 78  ALA B CA  1 
ATOM   1470 C C   . ALA B 1 98  ? 1.989   2.848   13.045  1.00 30.82 ? 78  ALA B C   1 
ATOM   1471 O O   . ALA B 1 98  ? 3.139   2.558   12.715  1.00 31.02 ? 78  ALA B O   1 
ATOM   1472 C CB  . ALA B 1 98  ? 0.343   3.886   11.475  1.00 29.42 ? 78  ALA B CB  1 
ATOM   1473 N N   . GLU B 1 99  ? 1.699   3.366   14.230  1.00 31.13 ? 79  GLU B N   1 
ATOM   1474 C CA  . GLU B 1 99  ? 2.744   3.722   15.172  1.00 32.13 ? 79  GLU B CA  1 
ATOM   1475 C C   . GLU B 1 99  ? 3.515   2.501   15.620  1.00 31.60 ? 79  GLU B C   1 
ATOM   1476 O O   . GLU B 1 99  ? 4.666   2.598   15.946  1.00 31.12 ? 79  GLU B O   1 
ATOM   1477 C CB  . GLU B 1 99  ? 2.166   4.430   16.390  1.00 32.59 ? 79  GLU B CB  1 
ATOM   1478 C CG  . GLU B 1 99  ? 1.820   5.874   16.112  1.00 36.07 ? 79  GLU B CG  1 
ATOM   1479 C CD  . GLU B 1 99  ? 1.239   6.594   17.324  1.00 41.05 ? 79  GLU B CD  1 
ATOM   1480 O OE1 . GLU B 1 99  ? 0.663   7.678   17.125  1.00 43.28 ? 79  GLU B OE1 1 
ATOM   1481 O OE2 . GLU B 1 99  ? 1.365   6.091   18.466  1.00 42.92 ? 79  GLU B OE2 1 
ATOM   1482 N N   . GLU B 1 100 ? 2.876   1.348   15.612  1.00 31.88 ? 80  GLU B N   1 
ATOM   1483 C CA  . GLU B 1 100 ? 3.573   0.135   15.976  1.00 32.36 ? 80  GLU B CA  1 
ATOM   1484 C C   . GLU B 1 100 ? 4.384   -0.540  14.862  1.00 31.90 ? 80  GLU B C   1 
ATOM   1485 O O   . GLU B 1 100 ? 5.443   -1.110  15.149  1.00 31.52 ? 80  GLU B O   1 
ATOM   1486 C CB  . GLU B 1 100 ? 2.613   -0.849  16.636  1.00 32.66 ? 80  GLU B CB  1 
ATOM   1487 C CG  . GLU B 1 100 ? 2.510   -0.611  18.118  1.00 35.67 ? 80  GLU B CG  1 
ATOM   1488 C CD  . GLU B 1 100 ? 2.495   -1.903  18.901  1.00 40.87 ? 80  GLU B CD  1 
ATOM   1489 O OE1 . GLU B 1 100 ? 3.514   -2.655  18.880  1.00 40.97 ? 80  GLU B OE1 1 
ATOM   1490 O OE2 . GLU B 1 100 ? 1.457   -2.164  19.554  1.00 44.93 ? 80  GLU B OE2 1 
ATOM   1491 N N   . ILE B 1 101 ? 3.911   -0.472  13.613  1.00 31.52 ? 81  ILE B N   1 
ATOM   1492 C CA  . ILE B 1 101 ? 4.584   -1.194  12.518  1.00 31.46 ? 81  ILE B CA  1 
ATOM   1493 C C   . ILE B 1 101 ? 5.501   -0.333  11.672  1.00 31.70 ? 81  ILE B C   1 
ATOM   1494 O O   . ILE B 1 101 ? 6.395   -0.849  11.039  1.00 32.25 ? 81  ILE B O   1 
ATOM   1495 C CB  . ILE B 1 101 ? 3.600   -1.992  11.554  1.00 30.94 ? 81  ILE B CB  1 
ATOM   1496 C CG1 . ILE B 1 101 ? 2.833   -1.041  10.623  1.00 30.49 ? 81  ILE B CG1 1 
ATOM   1497 C CG2 . ILE B 1 101 ? 2.677   -2.936  12.336  1.00 29.82 ? 81  ILE B CG2 1 
ATOM   1498 C CD1 . ILE B 1 101 ? 1.997   -1.738  9.584   1.00 31.23 ? 81  ILE B CD1 1 
ATOM   1499 N N   . ALA B 1 102 ? 5.268   0.968   11.658  1.00 32.21 ? 82  ALA B N   1 
ATOM   1500 C CA  . ALA B 1 102 ? 5.975   1.890   10.774  1.00 32.44 ? 82  ALA B CA  1 
ATOM   1501 C C   . ALA B 1 102 ? 7.491   1.667   10.726  1.00 32.99 ? 82  ALA B C   1 
ATOM   1502 O O   . ALA B 1 102 ? 8.071   1.553   9.636   1.00 32.66 ? 82  ALA B O   1 
ATOM   1503 C CB  . ALA B 1 102 ? 5.667   3.310   11.159  1.00 32.07 ? 82  ALA B CB  1 
ATOM   1504 N N   . GLU B 1 103 ? 8.118   1.570   11.901  1.00 33.24 ? 83  GLU B N   1 
ATOM   1505 C CA  . GLU B 1 103 ? 9.579   1.525   12.018  1.00 33.61 ? 83  GLU B CA  1 
ATOM   1506 C C   . GLU B 1 103 ? 10.181  0.315   11.281  1.00 32.65 ? 83  GLU B C   1 
ATOM   1507 O O   . GLU B 1 103 ? 11.364  0.329   10.918  1.00 32.87 ? 83  GLU B O   1 
ATOM   1508 C CB  . GLU B 1 103 ? 10.001  1.545   13.503  1.00 33.04 ? 83  GLU B CB  1 
ATOM   1509 C CG  . GLU B 1 103 ? 9.698   0.225   14.247  1.00 36.55 ? 83  GLU B CG  1 
ATOM   1510 C CD  . GLU B 1 103 ? 9.885   0.288   15.769  1.00 36.85 ? 83  GLU B CD  1 
ATOM   1511 O OE1 . GLU B 1 103 ? 8.890   0.552   16.485  1.00 42.20 ? 83  GLU B OE1 1 
ATOM   1512 O OE2 . GLU B 1 103 ? 11.011  0.029   16.257  1.00 40.96 ? 83  GLU B OE2 1 
ATOM   1513 N N   . PHE B 1 104 ? 9.372   -0.727  11.084  1.00 31.57 ? 84  PHE B N   1 
ATOM   1514 C CA  . PHE B 1 104 ? 9.806   -1.948  10.396  1.00 31.05 ? 84  PHE B CA  1 
ATOM   1515 C C   . PHE B 1 104 ? 9.603   -1.913  8.860   1.00 30.06 ? 84  PHE B C   1 
ATOM   1516 O O   . PHE B 1 104 ? 10.222  -2.671  8.127   1.00 28.91 ? 84  PHE B O   1 
ATOM   1517 C CB  . PHE B 1 104 ? 9.112   -3.185  10.989  1.00 30.85 ? 84  PHE B CB  1 
ATOM   1518 C CG  . PHE B 1 104 ? 9.443   -3.427  12.427  1.00 33.19 ? 84  PHE B CG  1 
ATOM   1519 C CD1 . PHE B 1 104 ? 10.750  -3.773  12.815  1.00 34.30 ? 84  PHE B CD1 1 
ATOM   1520 C CD2 . PHE B 1 104 ? 8.459   -3.291  13.419  1.00 34.31 ? 84  PHE B CD2 1 
ATOM   1521 C CE1 . PHE B 1 104 ? 11.068  -3.977  14.169  1.00 31.69 ? 84  PHE B CE1 1 
ATOM   1522 C CE2 . PHE B 1 104 ? 8.769   -3.484  14.771  1.00 31.91 ? 84  PHE B CE2 1 
ATOM   1523 C CZ  . PHE B 1 104 ? 10.071  -3.838  15.140  1.00 33.36 ? 84  PHE B CZ  1 
ATOM   1524 N N   . LEU B 1 105 ? 8.731   -1.036  8.389   1.00 29.92 ? 85  LEU B N   1 
ATOM   1525 C CA  . LEU B 1 105 ? 8.400   -0.973  6.956   1.00 30.03 ? 85  LEU B CA  1 
ATOM   1526 C C   . LEU B 1 105 ? 9.596   -0.839  5.988   1.00 29.43 ? 85  LEU B C   1 
ATOM   1527 O O   . LEU B 1 105 ? 9.709   -1.626  5.058   1.00 28.78 ? 85  LEU B O   1 
ATOM   1528 C CB  . LEU B 1 105 ? 7.316   0.082   6.683   1.00 29.25 ? 85  LEU B CB  1 
ATOM   1529 C CG  . LEU B 1 105 ? 5.943   -0.480  7.009   1.00 30.24 ? 85  LEU B CG  1 
ATOM   1530 C CD1 . LEU B 1 105 ? 4.858   0.534   6.687   1.00 32.24 ? 85  LEU B CD1 1 
ATOM   1531 C CD2 . LEU B 1 105 ? 5.722   -1.799  6.268   1.00 29.60 ? 85  LEU B CD2 1 
ATOM   1532 N N   . PRO B 1 106 ? 10.479  0.149   6.204   1.00 29.49 ? 86  PRO B N   1 
ATOM   1533 C CA  . PRO B 1 106 ? 11.599  0.321   5.279   1.00 30.04 ? 86  PRO B CA  1 
ATOM   1534 C C   . PRO B 1 106 ? 12.449  -0.938  5.045   1.00 30.73 ? 86  PRO B C   1 
ATOM   1535 O O   . PRO B 1 106 ? 12.698  -1.331  3.900   1.00 30.37 ? 86  PRO B O   1 
ATOM   1536 C CB  . PRO B 1 106 ? 12.436  1.410   5.965   1.00 30.37 ? 86  PRO B CB  1 
ATOM   1537 C CG  . PRO B 1 106 ? 11.435  2.213   6.733   1.00 29.78 ? 86  PRO B CG  1 
ATOM   1538 C CD  . PRO B 1 106 ? 10.494  1.170   7.268   1.00 29.11 ? 86  PRO B CD  1 
ATOM   1539 N N   . GLU B 1 107 ? 12.900  -1.561  6.127   1.00 31.59 ? 87  GLU B N   1 
ATOM   1540 C CA  . GLU B 1 107 ? 13.724  -2.749  6.043   1.00 32.29 ? 87  GLU B CA  1 
ATOM   1541 C C   . GLU B 1 107 ? 12.963  -3.898  5.412   1.00 32.35 ? 87  GLU B C   1 
ATOM   1542 O O   . GLU B 1 107 ? 13.503  -4.616  4.580   1.00 32.71 ? 87  GLU B O   1 
ATOM   1543 C CB  . GLU B 1 107 ? 14.206  -3.152  7.417   1.00 32.50 ? 87  GLU B CB  1 
ATOM   1544 C CG  . GLU B 1 107 ? 14.688  -1.964  8.258   1.00 36.48 ? 87  GLU B CG  1 
ATOM   1545 C CD  . GLU B 1 107 ? 13.531  -1.183  8.902   1.00 37.22 ? 87  GLU B CD  1 
ATOM   1546 O OE1 . GLU B 1 107 ? 12.568  -1.836  9.335   1.00 37.31 ? 87  GLU B OE1 1 
ATOM   1547 O OE2 . GLU B 1 107 ? 13.577  0.068   8.947   1.00 36.89 ? 87  GLU B OE2 1 
ATOM   1548 N N   . MET B 1 108 ? 11.710  -4.076  5.797   1.00 32.12 ? 88  MET B N   1 
ATOM   1549 C CA  . MET B 1 108 ? 10.941  -5.171  5.254   1.00 32.52 ? 88  MET B CA  1 
ATOM   1550 C C   . MET B 1 108 ? 10.811  -5.027  3.761   1.00 32.39 ? 88  MET B C   1 
ATOM   1551 O O   . MET B 1 108 ? 10.932  -6.010  3.058   1.00 32.84 ? 88  MET B O   1 
ATOM   1552 C CB  . MET B 1 108 ? 9.554   -5.245  5.876   1.00 32.78 ? 88  MET B CB  1 
ATOM   1553 C CG  . MET B 1 108 ? 9.524   -5.859  7.247   1.00 32.83 ? 88  MET B CG  1 
ATOM   1554 S SD  . MET B 1 108 ? 7.864   -5.700  7.909   1.00 33.89 ? 88  MET B SD  1 
ATOM   1555 C CE  . MET B 1 108 ? 7.941   -6.889  9.250   1.00 35.35 ? 88  MET B CE  1 
ATOM   1556 N N   . VAL B 1 109 ? 10.567  -3.806  3.290   1.00 31.87 ? 89  VAL B N   1 
ATOM   1557 C CA  . VAL B 1 109 ? 10.282  -3.586  1.896   1.00 32.16 ? 89  VAL B CA  1 
ATOM   1558 C C   . VAL B 1 109 ? 11.564  -3.540  1.077   1.00 31.58 ? 89  VAL B C   1 
ATOM   1559 O O   . VAL B 1 109 ? 11.635  -4.176  0.028   1.00 32.27 ? 89  VAL B O   1 
ATOM   1560 C CB  . VAL B 1 109 ? 9.402   -2.325  1.662   1.00 32.68 ? 89  VAL B CB  1 
ATOM   1561 C CG1 . VAL B 1 109 ? 9.126   -2.131  0.182   1.00 31.72 ? 89  VAL B CG1 1 
ATOM   1562 C CG2 . VAL B 1 109 ? 8.086   -2.493  2.379   1.00 34.12 ? 89  VAL B CG2 1 
ATOM   1563 N N   . VAL B 1 110 ? 12.573  -2.802  1.539   1.00 30.66 ? 90  VAL B N   1 
ATOM   1564 C CA  . VAL B 1 110 ? 13.879  -2.803  0.859   1.00 30.05 ? 90  VAL B CA  1 
ATOM   1565 C C   . VAL B 1 110 ? 14.457  -4.233  0.809   1.00 30.12 ? 90  VAL B C   1 
ATOM   1566 O O   . VAL B 1 110 ? 14.676  -4.753  -0.276  1.00 30.44 ? 90  VAL B O   1 
ATOM   1567 C CB  . VAL B 1 110 ? 14.877  -1.753  1.454   1.00 30.04 ? 90  VAL B CB  1 
ATOM   1568 C CG1 . VAL B 1 110 ? 16.271  -1.938  0.918   1.00 28.89 ? 90  VAL B CG1 1 
ATOM   1569 C CG2 . VAL B 1 110 ? 14.407  -0.337  1.151   1.00 29.88 ? 90  VAL B CG2 1 
ATOM   1570 N N   . THR B 1 111 ? 14.630  -4.897  1.952   1.00 29.76 ? 91  THR B N   1 
ATOM   1571 C CA  . THR B 1 111 ? 15.128  -6.293  1.933   1.00 29.70 ? 91  THR B CA  1 
ATOM   1572 C C   . THR B 1 111 ? 14.177  -7.296  1.268   1.00 29.89 ? 91  THR B C   1 
ATOM   1573 O O   . THR B 1 111 ? 14.620  -8.322  0.729   1.00 30.55 ? 91  THR B O   1 
ATOM   1574 C CB  . THR B 1 111 ? 15.495  -6.842  3.342   1.00 29.85 ? 91  THR B CB  1 
ATOM   1575 O OG1 . THR B 1 111 ? 14.303  -7.090  4.084   1.00 30.75 ? 91  THR B OG1 1 
ATOM   1576 C CG2 . THR B 1 111 ? 16.453  -5.896  4.141   1.00 27.83 ? 91  THR B CG2 1 
ATOM   1577 N N   . GLY B 1 112 ? 12.875  -7.021  1.309   1.00 29.60 ? 92  GLY B N   1 
ATOM   1578 C CA  . GLY B 1 112 ? 11.897  -7.908  0.682   1.00 29.07 ? 92  GLY B CA  1 
ATOM   1579 C C   . GLY B 1 112 ? 12.047  -7.871  -0.834  1.00 29.47 ? 92  GLY B C   1 
ATOM   1580 O O   . GLY B 1 112 ? 11.956  -8.900  -1.498  1.00 29.29 ? 92  GLY B O   1 
ATOM   1581 N N   . ILE B 1 113 ? 12.292  -6.681  -1.380  1.00 29.09 ? 93  ILE B N   1 
ATOM   1582 C CA  . ILE B 1 113 ? 12.431  -6.535  -2.816  1.00 29.21 ? 93  ILE B CA  1 
ATOM   1583 C C   . ILE B 1 113 ? 13.764  -7.134  -3.254  1.00 29.98 ? 93  ILE B C   1 
ATOM   1584 O O   . ILE B 1 113 ? 13.820  -7.917  -4.196  1.00 30.12 ? 93  ILE B O   1 
ATOM   1585 C CB  . ILE B 1 113 ? 12.305  -5.047  -3.281  1.00 29.49 ? 93  ILE B CB  1 
ATOM   1586 C CG1 . ILE B 1 113 ? 10.869  -4.539  -3.114  1.00 28.04 ? 93  ILE B CG1 1 
ATOM   1587 C CG2 . ILE B 1 113 ? 12.710  -4.906  -4.727  1.00 27.87 ? 93  ILE B CG2 1 
ATOM   1588 C CD1 . ILE B 1 113 ? 10.644  -3.120  -3.617  1.00 27.92 ? 93  ILE B CD1 1 
ATOM   1589 N N   . GLN B 1 114 ? 14.825  -6.782  -2.538  1.00 30.41 ? 94  GLN B N   1 
ATOM   1590 C CA  . GLN B 1 114 ? 16.133  -7.363  -2.754  1.00 30.54 ? 94  GLN B CA  1 
ATOM   1591 C C   . GLN B 1 114 ? 16.198  -8.881  -2.711  1.00 31.03 ? 94  GLN B C   1 
ATOM   1592 O O   . GLN B 1 114 ? 16.860  -9.483  -3.574  1.00 31.09 ? 94  GLN B O   1 
ATOM   1593 C CB  . GLN B 1 114 ? 17.128  -6.795  -1.771  1.00 30.53 ? 94  GLN B CB  1 
ATOM   1594 C CG  . GLN B 1 114 ? 17.438  -5.341  -1.998  1.00 29.17 ? 94  GLN B CG  1 
ATOM   1595 C CD  . GLN B 1 114 ? 18.309  -4.808  -0.901  1.00 30.00 ? 94  GLN B CD  1 
ATOM   1596 O OE1 . GLN B 1 114 ? 18.213  -5.245  0.247   1.00 32.36 ? 94  GLN B OE1 1 
ATOM   1597 N NE2 . GLN B 1 114 ? 19.174  -3.876  -1.236  1.00 29.79 ? 94  GLN B NE2 1 
ATOM   1598 N N   . GLN B 1 115 ? 15.545  -9.508  -1.734  1.00 31.97 ? 95  GLN B N   1 
ATOM   1599 C CA  . GLN B 1 115 ? 15.506  -10.980 -1.705  1.00 32.42 ? 95  GLN B CA  1 
ATOM   1600 C C   . GLN B 1 115 ? 14.670  -11.523 -2.879  1.00 32.53 ? 95  GLN B C   1 
ATOM   1601 O O   . GLN B 1 115 ? 15.081  -12.471 -3.561  1.00 32.73 ? 95  GLN B O   1 
ATOM   1602 C CB  . GLN B 1 115 ? 15.012  -11.533 -0.352  1.00 32.47 ? 95  GLN B CB  1 
ATOM   1603 C CG  . GLN B 1 115 ? 15.186  -13.085 -0.116  1.00 33.91 ? 95  GLN B CG  1 
ATOM   1604 C CD  . GLN B 1 115 ? 16.703  -13.614 -0.020  1.00 38.72 ? 95  GLN B CD  1 
ATOM   1605 O OE1 . GLN B 1 115 ? 17.492  -13.492 -0.975  1.00 40.03 ? 95  GLN B OE1 1 
ATOM   1606 N NE2 . GLN B 1 115 ? 17.052  -14.242 1.111   1.00 36.03 ? 95  GLN B NE2 1 
ATOM   1607 N N   . ALA B 1 116 ? 13.519  -10.906 -3.135  1.00 32.21 ? 96  ALA B N   1 
ATOM   1608 C CA  . ALA B 1 116 ? 12.635  -11.394 -4.184  1.00 31.89 ? 96  ALA B CA  1 
ATOM   1609 C C   . ALA B 1 116 ? 13.283  -11.207 -5.544  1.00 31.59 ? 96  ALA B C   1 
ATOM   1610 O O   . ALA B 1 116 ? 13.182  -12.088 -6.382  1.00 32.00 ? 96  ALA B O   1 
ATOM   1611 C CB  . ALA B 1 116 ? 11.258  -10.735 -4.114  1.00 31.64 ? 96  ALA B CB  1 
ATOM   1612 N N   . ASN B 1 117 ? 13.966  -10.079 -5.744  1.00 31.66 ? 97  ASN B N   1 
ATOM   1613 C CA  . ASN B 1 117 ? 14.820  -9.877  -6.914  1.00 32.22 ? 97  ASN B CA  1 
ATOM   1614 C C   . ASN B 1 117 ? 15.802  -11.043 -7.129  1.00 33.50 ? 97  ASN B C   1 
ATOM   1615 O O   . ASN B 1 117 ? 15.991  -11.511 -8.263  1.00 33.25 ? 97  ASN B O   1 
ATOM   1616 C CB  . ASN B 1 117 ? 15.576  -8.542  -6.837  1.00 31.31 ? 97  ASN B CB  1 
ATOM   1617 C CG  . ASN B 1 117 ? 14.727  -7.354  -7.301  1.00 29.77 ? 97  ASN B CG  1 
ATOM   1618 O OD1 . ASN B 1 117 ? 13.549  -7.514  -7.600  1.00 28.98 ? 97  ASN B OD1 1 
ATOM   1619 N ND2 . ASN B 1 117 ? 15.323  -6.172  -7.369  1.00 23.26 ? 97  ASN B ND2 1 
ATOM   1620 N N   . MET B 1 118 ? 16.389  -11.500 -6.019  1.00 34.64 ? 98  MET B N   1 
ATOM   1621 C CA  . MET B 1 118 ? 17.350  -12.595 -5.973  1.00 36.23 ? 98  MET B CA  1 
ATOM   1622 C C   . MET B 1 118 ? 16.771  -14.010 -6.106  1.00 36.74 ? 98  MET B C   1 
ATOM   1623 O O   . MET B 1 118 ? 17.445  -14.895 -6.601  1.00 36.38 ? 98  MET B O   1 
ATOM   1624 C CB  . MET B 1 118 ? 18.146  -12.516 -4.671  1.00 36.40 ? 98  MET B CB  1 
ATOM   1625 C CG  . MET B 1 118 ? 19.558  -12.078 -4.843  1.00 39.55 ? 98  MET B CG  1 
ATOM   1626 S SD  . MET B 1 118 ? 20.553  -13.438 -5.495  1.00 48.74 ? 98  MET B SD  1 
ATOM   1627 C CE  . MET B 1 118 ? 20.473  -13.174 -7.260  1.00 47.13 ? 98  MET B CE  1 
ATOM   1628 N N   . GLU B 1 119 ? 15.557  -14.249 -5.610  1.00 38.00 ? 99  GLU B N   1 
ATOM   1629 C CA  . GLU B 1 119 ? 14.916  -15.532 -5.874  1.00 39.19 ? 99  GLU B CA  1 
ATOM   1630 C C   . GLU B 1 119 ? 14.827  -15.685 -7.387  1.00 38.61 ? 99  GLU B C   1 
ATOM   1631 O O   . GLU B 1 119 ? 15.147  -16.742 -7.915  1.00 38.42 ? 99  GLU B O   1 
ATOM   1632 C CB  . GLU B 1 119 ? 13.501  -15.629 -5.293  1.00 39.83 ? 99  GLU B CB  1 
ATOM   1633 C CG  . GLU B 1 119 ? 13.370  -15.363 -3.800  1.00 43.98 ? 99  GLU B CG  1 
ATOM   1634 C CD  . GLU B 1 119 ? 13.828  -16.522 -2.935  1.00 48.60 ? 99  GLU B CD  1 
ATOM   1635 O OE1 . GLU B 1 119 ? 14.243  -17.576 -3.489  1.00 50.20 ? 99  GLU B OE1 1 
ATOM   1636 O OE2 . GLU B 1 119 ? 13.772  -16.359 -1.689  1.00 50.72 ? 99  GLU B OE2 1 
ATOM   1637 N N   . LYS B 1 120 ? 14.401  -14.625 -8.078  1.00 38.16 ? 100 LYS B N   1 
ATOM   1638 C CA  . LYS B 1 120 ? 14.182  -14.722 -9.507  1.00 37.93 ? 100 LYS B CA  1 
ATOM   1639 C C   . LYS B 1 120 ? 15.452  -15.036 -10.271 1.00 37.68 ? 100 LYS B C   1 
ATOM   1640 O O   . LYS B 1 120 ? 15.458  -15.963 -11.089 1.00 37.26 ? 100 LYS B O   1 
ATOM   1641 C CB  . LYS B 1 120 ? 13.436  -13.515 -10.055 1.00 37.93 ? 100 LYS B CB  1 
ATOM   1642 C CG  . LYS B 1 120 ? 11.998  -13.857 -10.483 1.00 39.54 ? 100 LYS B CG  1 
ATOM   1643 C CD  . LYS B 1 120 ? 10.954  -13.041 -9.727  1.00 40.12 ? 100 LYS B CD  1 
ATOM   1644 C CE  . LYS B 1 120 ? 10.586  -13.703 -8.406  1.00 40.94 ? 100 LYS B CE  1 
ATOM   1645 N NZ  . LYS B 1 120 ? 10.433  -12.668 -7.347  1.00 42.35 ? 100 LYS B NZ  1 
ATOM   1646 N N   . ARG B 1 121 ? 16.537  -14.326 -9.970  1.00 37.94 ? 101 ARG B N   1 
ATOM   1647 C CA  . ARG B 1 121 ? 17.812  -14.606 -10.634 1.00 38.69 ? 101 ARG B CA  1 
ATOM   1648 C C   . ARG B 1 121 ? 18.349  -16.010 -10.346 1.00 38.60 ? 101 ARG B C   1 
ATOM   1649 O O   . ARG B 1 121 ? 18.890  -16.662 -11.240 1.00 38.25 ? 101 ARG B O   1 
ATOM   1650 C CB  . ARG B 1 121 ? 18.848  -13.557 -10.285 1.00 38.66 ? 101 ARG B CB  1 
ATOM   1651 C CG  . ARG B 1 121 ? 18.723  -12.284 -11.055 1.00 40.53 ? 101 ARG B CG  1 
ATOM   1652 C CD  . ARG B 1 121 ? 18.984  -11.063 -10.182 1.00 44.45 ? 101 ARG B CD  1 
ATOM   1653 N NE  . ARG B 1 121 ? 20.379  -10.668 -9.879  1.00 47.62 ? 101 ARG B NE  1 
ATOM   1654 C CZ  . ARG B 1 121 ? 21.511  -11.365 -10.066 1.00 49.70 ? 101 ARG B CZ  1 
ATOM   1655 N NH1 . ARG B 1 121 ? 21.527  -12.584 -10.604 1.00 49.25 ? 101 ARG B NH1 1 
ATOM   1656 N NH2 . ARG B 1 121 ? 22.674  -10.815 -9.700  1.00 50.69 ? 101 ARG B NH2 1 
ATOM   1657 N N   . ARG B 1 122 ? 18.180  -16.473 -9.109  1.00 38.90 ? 102 ARG B N   1 
ATOM   1658 C CA  . ARG B 1 122 ? 18.547  -17.844 -8.733  1.00 40.24 ? 102 ARG B CA  1 
ATOM   1659 C C   . ARG B 1 122 ? 17.675  -18.923 -9.350  1.00 40.85 ? 102 ARG B C   1 
ATOM   1660 O O   . ARG B 1 122 ? 18.184  -19.985 -9.693  1.00 41.11 ? 102 ARG B O   1 
ATOM   1661 C CB  . ARG B 1 122 ? 18.606  -18.044 -7.216  1.00 40.18 ? 102 ARG B CB  1 
ATOM   1662 C CG  . ARG B 1 122 ? 19.997  -17.786 -6.671  1.00 41.65 ? 102 ARG B CG  1 
ATOM   1663 C CD  . ARG B 1 122 ? 20.305  -18.591 -5.403  1.00 44.83 ? 102 ARG B CD  1 
ATOM   1664 N NE  . ARG B 1 122 ? 21.162  -19.768 -5.638  1.00 44.89 ? 102 ARG B NE  1 
ATOM   1665 C CZ  . ARG B 1 122 ? 22.468  -19.728 -5.894  1.00 46.20 ? 102 ARG B CZ  1 
ATOM   1666 N NH1 . ARG B 1 122 ? 23.118  -18.580 -5.999  1.00 46.14 ? 102 ARG B NH1 1 
ATOM   1667 N NH2 . ARG B 1 122 ? 23.137  -20.854 -6.060  1.00 49.58 ? 102 ARG B NH2 1 
ATOM   1668 N N   . GLN B 1 123 ? 16.373  -18.661 -9.470  1.00 41.51 ? 103 GLN B N   1 
ATOM   1669 C CA  . GLN B 1 123 ? 15.470  -19.529 -10.218 1.00 42.77 ? 103 GLN B CA  1 
ATOM   1670 C C   . GLN B 1 123 ? 15.917  -19.682 -11.675 1.00 42.57 ? 103 GLN B C   1 
ATOM   1671 O O   . GLN B 1 123 ? 16.017  -20.803 -12.194 1.00 42.79 ? 103 GLN B O   1 
ATOM   1672 C CB  . GLN B 1 123 ? 14.035  -19.012 -10.154 1.00 42.67 ? 103 GLN B CB  1 
ATOM   1673 C CG  . GLN B 1 123 ? 13.395  -19.142 -8.760  1.00 44.49 ? 103 GLN B CG  1 
ATOM   1674 C CD  . GLN B 1 123 ? 11.887  -18.942 -8.787  1.00 44.87 ? 103 GLN B CD  1 
ATOM   1675 O OE1 . GLN B 1 123 ? 11.362  -17.942 -8.272  1.00 48.45 ? 103 GLN B OE1 1 
ATOM   1676 N NE2 . GLN B 1 123 ? 11.183  -19.886 -9.406  1.00 47.75 ? 103 GLN B NE2 1 
ATOM   1677 N N   . HIS B 1 124 ? 16.201  -18.551 -12.309 1.00 42.33 ? 104 HIS B N   1 
ATOM   1678 C CA  . HIS B 1 124 ? 16.724  -18.508 -13.665 1.00 42.54 ? 104 HIS B CA  1 
ATOM   1679 C C   . HIS B 1 124 ? 18.054  -19.266 -13.846 1.00 42.74 ? 104 HIS B C   1 
ATOM   1680 O O   . HIS B 1 124 ? 18.278  -19.903 -14.880 1.00 42.40 ? 104 HIS B O   1 
ATOM   1681 C CB  . HIS B 1 124 ? 16.895  -17.063 -14.095 1.00 42.29 ? 104 HIS B CB  1 
ATOM   1682 C CG  . HIS B 1 124 ? 17.480  -16.915 -15.461 1.00 45.00 ? 104 HIS B CG  1 
ATOM   1683 N ND1 . HIS B 1 124 ? 16.704  -16.905 -16.603 1.00 45.85 ? 104 HIS B ND1 1 
ATOM   1684 C CD2 . HIS B 1 124 ? 18.765  -16.793 -15.873 1.00 45.91 ? 104 HIS B CD2 1 
ATOM   1685 C CE1 . HIS B 1 124 ? 17.486  -16.774 -17.658 1.00 45.65 ? 104 HIS B CE1 1 
ATOM   1686 N NE2 . HIS B 1 124 ? 18.741  -16.702 -17.242 1.00 46.67 ? 104 HIS B NE2 1 
ATOM   1687 N N   . LEU B 1 125 ? 18.924  -19.183 -12.839 1.00 42.87 ? 105 LEU B N   1 
ATOM   1688 C CA  . LEU B 1 125 ? 20.207  -19.873 -12.838 1.00 42.72 ? 105 LEU B CA  1 
ATOM   1689 C C   . LEU B 1 125 ? 20.054  -21.382 -12.662 1.00 43.31 ? 105 LEU B C   1 
ATOM   1690 O O   . LEU B 1 125 ? 20.792  -22.134 -13.277 1.00 43.55 ? 105 LEU B O   1 
ATOM   1691 C CB  . LEU B 1 125 ? 21.110  -19.300 -11.746 1.00 42.45 ? 105 LEU B CB  1 
ATOM   1692 C CG  . LEU B 1 125 ? 22.507  -19.891 -11.537 1.00 43.04 ? 105 LEU B CG  1 
ATOM   1693 C CD1 . LEU B 1 125 ? 23.458  -19.630 -12.740 1.00 42.23 ? 105 LEU B CD1 1 
ATOM   1694 C CD2 . LEU B 1 125 ? 23.093  -19.338 -10.246 1.00 42.35 ? 105 LEU B CD2 1 
ATOM   1695 N N   . GLU B 1 126 ? 19.115  -21.824 -11.820 1.00 43.93 ? 106 GLU B N   1 
ATOM   1696 C CA  . GLU B 1 126 ? 18.812  -23.246 -11.682 1.00 44.86 ? 106 GLU B CA  1 
ATOM   1697 C C   . GLU B 1 126 ? 18.281  -23.799 -12.998 1.00 44.36 ? 106 GLU B C   1 
ATOM   1698 O O   . GLU B 1 126 ? 18.834  -24.748 -13.538 1.00 44.48 ? 106 GLU B O   1 
ATOM   1699 C CB  . GLU B 1 126 ? 17.794  -23.528 -10.566 1.00 45.46 ? 106 GLU B CB  1 
ATOM   1700 C CG  . GLU B 1 126 ? 18.148  -22.989 -9.195  1.00 49.44 ? 106 GLU B CG  1 
ATOM   1701 C CD  . GLU B 1 126 ? 19.624  -23.179 -8.793  1.00 54.98 ? 106 GLU B CD  1 
ATOM   1702 O OE1 . GLU B 1 126 ? 20.244  -24.210 -9.176  1.00 56.80 ? 106 GLU B OE1 1 
ATOM   1703 O OE2 . GLU B 1 126 ? 20.157  -22.297 -8.067  1.00 56.13 ? 106 GLU B OE2 1 
ATOM   1704 N N   . ARG B 1 127 ? 17.209  -23.205 -13.517 1.00 44.03 ? 107 ARG B N   1 
ATOM   1705 C CA  . ARG B 1 127 ? 16.675  -23.629 -14.806 1.00 43.44 ? 107 ARG B CA  1 
ATOM   1706 C C   . ARG B 1 127 ? 17.829  -23.713 -15.825 1.00 43.18 ? 107 ARG B C   1 
ATOM   1707 O O   . ARG B 1 127 ? 17.921  -24.675 -16.573 1.00 43.09 ? 107 ARG B O   1 
ATOM   1708 C CB  . ARG B 1 127 ? 15.530  -22.714 -15.286 1.00 42.74 ? 107 ARG B CB  1 
ATOM   1709 N N   . MET B 1 128 ? 18.722  -22.729 -15.830 1.00 43.04 ? 108 MET B N   1 
ATOM   1710 C CA  . MET B 1 128 ? 19.792  -22.695 -16.828 1.00 43.78 ? 108 MET B CA  1 
ATOM   1711 C C   . MET B 1 128 ? 20.762  -23.861 -16.610 1.00 43.84 ? 108 MET B C   1 
ATOM   1712 O O   . MET B 1 128 ? 21.182  -24.527 -17.562 1.00 43.68 ? 108 MET B O   1 
ATOM   1713 C CB  . MET B 1 128 ? 20.516  -21.335 -16.826 1.00 43.94 ? 108 MET B CB  1 
ATOM   1714 C CG  . MET B 1 128 ? 21.633  -21.183 -17.874 1.00 46.16 ? 108 MET B CG  1 
ATOM   1715 S SD  . MET B 1 128 ? 21.150  -21.437 -19.622 1.00 50.83 ? 108 MET B SD  1 
ATOM   1716 C CE  . MET B 1 128 ? 20.684  -19.780 -20.119 1.00 49.39 ? 108 MET B CE  1 
ATOM   1717 N N   . THR B 1 129 ? 21.080  -24.099 -15.345 1.00 44.13 ? 109 THR B N   1 
ATOM   1718 C CA  . THR B 1 129 ? 21.978  -25.154 -14.912 1.00 44.65 ? 109 THR B CA  1 
ATOM   1719 C C   . THR B 1 129 ? 21.369  -26.566 -15.062 1.00 45.14 ? 109 THR B C   1 
ATOM   1720 O O   . THR B 1 129 ? 22.082  -27.508 -15.412 1.00 44.83 ? 109 THR B O   1 
ATOM   1721 C CB  . THR B 1 129 ? 22.447  -24.849 -13.467 1.00 44.59 ? 109 THR B CB  1 
ATOM   1722 O OG1 . THR B 1 129 ? 23.571  -23.947 -13.521 1.00 44.25 ? 109 THR B OG1 1 
ATOM   1723 C CG2 . THR B 1 129 ? 22.834  -26.108 -12.702 1.00 45.61 ? 109 THR B CG2 1 
ATOM   1724 N N   . GLN B 1 130 ? 20.062  -26.700 -14.797 1.00 45.80 ? 110 GLN B N   1 
ATOM   1725 C CA  . GLN B 1 130 ? 19.333  -27.958 -15.006 1.00 46.49 ? 110 GLN B CA  1 
ATOM   1726 C C   . GLN B 1 130 ? 19.392  -28.367 -16.482 1.00 47.16 ? 110 GLN B C   1 
ATOM   1727 O O   . GLN B 1 130 ? 19.565  -29.535 -16.814 1.00 47.29 ? 110 GLN B O   1 
ATOM   1728 C CB  . GLN B 1 130 ? 17.880  -27.846 -14.538 1.00 45.99 ? 110 GLN B CB  1 
ATOM   1729 N N   . VAL B 1 131 ? 19.291  -27.389 -17.367 1.00 48.06 ? 111 VAL B N   1 
ATOM   1730 C CA  . VAL B 1 131 ? 19.340  -27.668 -18.793 1.00 48.87 ? 111 VAL B CA  1 
ATOM   1731 C C   . VAL B 1 131 ? 20.763  -28.067 -19.233 1.00 49.33 ? 111 VAL B C   1 
ATOM   1732 O O   . VAL B 1 131 ? 20.982  -29.209 -19.642 1.00 49.50 ? 111 VAL B O   1 
ATOM   1733 C CB  . VAL B 1 131 ? 18.708  -26.501 -19.626 1.00 48.53 ? 111 VAL B CB  1 
ATOM   1734 C CG1 . VAL B 1 131 ? 19.123  -26.559 -21.061 1.00 48.83 ? 111 VAL B CG1 1 
ATOM   1735 C CG2 . VAL B 1 131 ? 17.194  -26.572 -19.534 1.00 48.57 ? 111 VAL B CG2 1 
ATOM   1736 N N   . SER B 1 132 ? 21.716  -27.147 -19.096 1.00 49.71 ? 112 SER B N   1 
ATOM   1737 C CA  . SER B 1 132 ? 23.080  -27.338 -19.599 1.00 50.56 ? 112 SER B CA  1 
ATOM   1738 C C   . SER B 1 132 ? 23.818  -28.570 -19.069 1.00 50.76 ? 112 SER B C   1 
ATOM   1739 O O   . SER B 1 132 ? 24.615  -29.170 -19.780 1.00 50.71 ? 112 SER B O   1 
ATOM   1740 C CB  . SER B 1 132 ? 23.925  -26.097 -19.307 1.00 50.40 ? 112 SER B CB  1 
ATOM   1741 O OG  . SER B 1 132 ? 23.096  -24.948 -19.294 1.00 51.77 ? 112 SER B OG  1 
ATOM   1742 N N   . LEU B 1 133 ? 23.550  -28.940 -17.825 1.00 51.29 ? 113 LEU B N   1 
ATOM   1743 C CA  . LEU B 1 133 ? 24.336  -29.971 -17.167 1.00 51.91 ? 113 LEU B CA  1 
ATOM   1744 C C   . LEU B 1 133 ? 23.639  -31.336 -17.144 1.00 52.80 ? 113 LEU B C   1 
ATOM   1745 O O   . LEU B 1 133 ? 24.113  -32.275 -16.487 1.00 53.22 ? 113 LEU B O   1 
ATOM   1746 C CB  . LEU B 1 133 ? 24.754  -29.510 -15.756 1.00 51.54 ? 113 LEU B CB  1 
ATOM   1747 C CG  . LEU B 1 133 ? 25.462  -28.152 -15.577 1.00 50.02 ? 113 LEU B CG  1 
ATOM   1748 C CD1 . LEU B 1 133 ? 25.876  -27.949 -14.130 1.00 49.90 ? 113 LEU B CD1 1 
ATOM   1749 C CD2 . LEU B 1 133 ? 26.673  -27.955 -16.480 1.00 48.72 ? 113 LEU B CD2 1 
ATOM   1750 N N   . SER B 1 134 ? 22.533  -31.458 -17.879 1.00 53.42 ? 114 SER B N   1 
ATOM   1751 C CA  . SER B 1 134 ? 21.788  -32.715 -17.923 1.00 53.86 ? 114 SER B CA  1 
ATOM   1752 C C   . SER B 1 134 ? 21.865  -33.372 -19.289 1.00 54.22 ? 114 SER B C   1 
ATOM   1753 O O   . SER B 1 134 ? 22.933  -33.847 -19.692 1.00 54.79 ? 114 SER B O   1 
ATOM   1754 C CB  . SER B 1 134 ? 20.334  -32.500 -17.498 1.00 54.00 ? 114 SER B CB  1 
ATOM   1755 O OG  . SER B 1 134 ? 20.283  -32.063 -16.145 1.00 53.98 ? 114 SER B OG  1 
HETATM 1756 O O   . HOH C 2 .   ? 17.890  -5.284  -17.877 1.00 32.19 ? 136 HOH A O   1 
HETATM 1757 O O   . HOH C 2 .   ? -4.012  -3.027  17.485  1.00 46.16 ? 137 HOH A O   1 
HETATM 1758 O O   . HOH C 2 .   ? -4.124  12.606  15.959  1.00 40.90 ? 138 HOH A O   1 
HETATM 1759 O O   . HOH C 2 .   ? 19.129  -4.308  -15.076 1.00 48.74 ? 139 HOH A O   1 
HETATM 1760 O O   . HOH C 2 .   ? -13.827 17.294  17.425  1.00 34.46 ? 140 HOH A O   1 
HETATM 1761 O O   . HOH C 2 .   ? 3.149   -13.670 10.270  1.00 56.18 ? 141 HOH A O   1 
HETATM 1762 O O   . HOH C 2 .   ? -5.252  -9.006  13.216  1.00 44.58 ? 142 HOH A O   1 
HETATM 1763 O O   . HOH D 2 .   ? 10.239  9.116   -15.885 1.00 39.46 ? 136 HOH B O   1 
HETATM 1764 O O   . HOH D 2 .   ? 18.647  -8.511  -9.664  1.00 39.83 ? 137 HOH B O   1 
HETATM 1765 O O   . HOH D 2 .   ? 12.923  8.877   -15.883 1.00 41.47 ? 138 HOH B O   1 
HETATM 1766 O O   . HOH D 2 .   ? 6.764   8.836   -11.962 1.00 46.57 ? 139 HOH B O   1 
HETATM 1767 O O   . HOH D 2 .   ? -14.682 6.029   19.997  1.00 47.27 ? 140 HOH B O   1 
HETATM 1768 O O   . HOH D 2 .   ? 19.010  -8.113  -4.877  1.00 39.60 ? 141 HOH B O   1 
HETATM 1769 O O   . HOH D 2 .   ? -17.439 13.580  8.417   1.00 42.97 ? 142 HOH B O   1 
# 
loop_
_pdbx_poly_seq_scheme.asym_id 
_pdbx_poly_seq_scheme.entity_id 
_pdbx_poly_seq_scheme.seq_id 
_pdbx_poly_seq_scheme.mon_id 
_pdbx_poly_seq_scheme.ndb_seq_num 
_pdbx_poly_seq_scheme.pdb_seq_num 
_pdbx_poly_seq_scheme.auth_seq_num 
_pdbx_poly_seq_scheme.pdb_mon_id 
_pdbx_poly_seq_scheme.auth_mon_id 
_pdbx_poly_seq_scheme.pdb_strand_id 
_pdbx_poly_seq_scheme.pdb_ins_code 
_pdbx_poly_seq_scheme.hetero 
A 1 1   MET 1   -19 ?   ?   ?   A . n 
A 1 2   GLY 2   -18 ?   ?   ?   A . n 
A 1 3   SER 3   -17 ?   ?   ?   A . n 
A 1 4   SER 4   -16 ?   ?   ?   A . n 
A 1 5   HIS 5   -15 ?   ?   ?   A . n 
A 1 6   HIS 6   -14 ?   ?   ?   A . n 
A 1 7   HIS 7   -13 ?   ?   ?   A . n 
A 1 8   HIS 8   -12 ?   ?   ?   A . n 
A 1 9   HIS 9   -11 ?   ?   ?   A . n 
A 1 10  HIS 10  -10 ?   ?   ?   A . n 
A 1 11  SER 11  -9  ?   ?   ?   A . n 
A 1 12  SER 12  -8  ?   ?   ?   A . n 
A 1 13  GLY 13  -7  ?   ?   ?   A . n 
A 1 14  LEU 14  -6  ?   ?   ?   A . n 
A 1 15  VAL 15  -5  ?   ?   ?   A . n 
A 1 16  PRO 16  -4  ?   ?   ?   A . n 
A 1 17  ARG 17  -3  ?   ?   ?   A . n 
A 1 18  GLY 18  -2  ?   ?   ?   A . n 
A 1 19  SER 19  -1  ?   ?   ?   A . n 
A 1 20  HIS 20  0   ?   ?   ?   A . n 
A 1 21  MET 21  1   1   MET MET A . n 
A 1 22  ASN 22  2   2   ASN ASN A . n 
A 1 23  LEU 23  3   3   LEU LEU A . n 
A 1 24  LYS 24  4   4   LYS LYS A . n 
A 1 25  GLN 25  5   5   GLN GLN A . n 
A 1 26  ILE 26  6   6   ILE ILE A . n 
A 1 27  ALA 27  7   7   ALA ALA A . n 
A 1 28  LYS 28  8   8   LYS LYS A . n 
A 1 29  ASP 29  9   9   ASP ASP A . n 
A 1 30  THR 30  10  10  THR THR A . n 
A 1 31  ALA 31  11  11  ALA ALA A . n 
A 1 32  LYS 32  12  12  LYS LYS A . n 
A 1 33  THR 33  13  13  THR THR A . n 
A 1 34  LEU 34  14  14  LEU LEU A . n 
A 1 35  GLN 35  15  15  GLN GLN A . n 
A 1 36  SER 36  16  16  SER SER A . n 
A 1 37  TYR 37  17  17  TYR TYR A . n 
A 1 38  LEU 38  18  18  LEU LEU A . n 
A 1 39  THR 39  19  19  THR THR A . n 
A 1 40  TYR 40  20  20  TYR TYR A . n 
A 1 41  GLN 41  21  21  GLN GLN A . n 
A 1 42  ALA 42  22  22  ALA ALA A . n 
A 1 43  LEU 43  23  23  LEU LEU A . n 
A 1 44  ARG 44  24  24  ARG ARG A . n 
A 1 45  THR 45  25  25  THR THR A . n 
A 1 46  VAL 46  26  26  VAL VAL A . n 
A 1 47  LEU 47  27  27  LEU LEU A . n 
A 1 48  ALA 48  28  28  ALA ALA A . n 
A 1 49  GLN 49  29  29  GLN GLN A . n 
A 1 50  LEU 50  30  30  LEU LEU A . n 
A 1 51  GLY 51  31  31  GLY GLY A . n 
A 1 52  GLU 52  32  32  GLU GLU A . n 
A 1 53  THR 53  33  33  THR THR A . n 
A 1 54  ASN 54  34  34  ASN ASN A . n 
A 1 55  PRO 55  35  35  PRO PRO A . n 
A 1 56  PRO 56  36  36  PRO PRO A . n 
A 1 57  LEU 57  37  37  LEU LEU A . n 
A 1 58  ALA 58  38  38  ALA ALA A . n 
A 1 59  LEU 59  39  39  LEU LEU A . n 
A 1 60  TRP 60  40  40  TRP TRP A . n 
A 1 61  LEU 61  41  41  LEU LEU A . n 
A 1 62  HIS 62  42  42  HIS HIS A . n 
A 1 63  ASN 63  43  43  ASN ASN A . n 
A 1 64  PHE 64  44  44  PHE PHE A . n 
A 1 65  SER 65  45  45  SER SER A . n 
A 1 66  ALA 66  46  46  ALA ALA A . n 
A 1 67  GLY 67  47  47  GLY GLY A . n 
A 1 68  LYS 68  48  ?   ?   ?   A . n 
A 1 69  VAL 69  49  ?   ?   ?   A . n 
A 1 70  GLN 70  50  50  GLN GLN A . n 
A 1 71  ASP 71  51  51  ASP ASP A . n 
A 1 72  GLY 72  52  52  GLY GLY A . n 
A 1 73  GLU 73  53  53  GLU GLU A . n 
A 1 74  LYS 74  54  54  LYS LYS A . n 
A 1 75  TYR 75  55  55  TYR TYR A . n 
A 1 76  ILE 76  56  56  ILE ILE A . n 
A 1 77  GLU 77  57  57  GLU GLU A . n 
A 1 78  GLU 78  58  58  GLU GLU A . n 
A 1 79  LEU 79  59  59  LEU LEU A . n 
A 1 80  PHE 80  60  60  PHE PHE A . n 
A 1 81  LEU 81  61  61  LEU LEU A . n 
A 1 82  GLU 82  62  62  GLU GLU A . n 
A 1 83  LYS 83  63  63  LYS LYS A . n 
A 1 84  PRO 84  64  64  PRO PRO A . n 
A 1 85  ASP 85  65  65  ASP ASP A . n 
A 1 86  LEU 86  66  66  LEU LEU A . n 
A 1 87  ALA 87  67  67  ALA ALA A . n 
A 1 88  LEU 88  68  68  LEU LEU A . n 
A 1 89  ARG 89  69  69  ARG ARG A . n 
A 1 90  ILE 90  70  70  ILE ILE A . n 
A 1 91  MET 91  71  71  MET MET A . n 
A 1 92  THR 92  72  72  THR THR A . n 
A 1 93  VAL 93  73  73  VAL VAL A . n 
A 1 94  ARG 94  74  74  ARG ARG A . n 
A 1 95  GLU 95  75  75  GLU GLU A . n 
A 1 96  HIS 96  76  76  HIS HIS A . n 
A 1 97  ILE 97  77  77  ILE ILE A . n 
A 1 98  ALA 98  78  78  ALA ALA A . n 
A 1 99  GLU 99  79  79  GLU GLU A . n 
A 1 100 GLU 100 80  80  GLU GLU A . n 
A 1 101 ILE 101 81  81  ILE ILE A . n 
A 1 102 ALA 102 82  82  ALA ALA A . n 
A 1 103 GLU 103 83  83  GLU GLU A . n 
A 1 104 PHE 104 84  84  PHE PHE A . n 
A 1 105 LEU 105 85  85  LEU LEU A . n 
A 1 106 PRO 106 86  86  PRO PRO A . n 
A 1 107 GLU 107 87  87  GLU GLU A . n 
A 1 108 MET 108 88  88  MET MET A . n 
A 1 109 VAL 109 89  89  VAL VAL A . n 
A 1 110 VAL 110 90  90  VAL VAL A . n 
A 1 111 THR 111 91  91  THR THR A . n 
A 1 112 GLY 112 92  92  GLY GLY A . n 
A 1 113 ILE 113 93  93  ILE ILE A . n 
A 1 114 GLN 114 94  94  GLN GLN A . n 
A 1 115 GLN 115 95  95  GLN GLN A . n 
A 1 116 ALA 116 96  96  ALA ALA A . n 
A 1 117 ASN 117 97  97  ASN ASN A . n 
A 1 118 MET 118 98  98  MET MET A . n 
A 1 119 GLU 119 99  99  GLU GLU A . n 
A 1 120 LYS 120 100 100 LYS LYS A . n 
A 1 121 ARG 121 101 101 ARG ARG A . n 
A 1 122 ARG 122 102 102 ARG ARG A . n 
A 1 123 GLN 123 103 103 GLN GLN A . n 
A 1 124 HIS 124 104 104 HIS HIS A . n 
A 1 125 LEU 125 105 105 LEU LEU A . n 
A 1 126 GLU 126 106 106 GLU GLU A . n 
A 1 127 ARG 127 107 107 ARG ARG A . n 
A 1 128 MET 128 108 108 MET MET A . n 
A 1 129 THR 129 109 109 THR THR A . n 
A 1 130 GLN 130 110 110 GLN GLN A . n 
A 1 131 VAL 131 111 111 VAL VAL A . n 
A 1 132 SER 132 112 112 SER SER A . n 
A 1 133 LEU 133 113 113 LEU LEU A . n 
A 1 134 SER 134 114 114 SER SER A . n 
A 1 135 HIS 135 115 115 HIS HIS A . n 
A 1 136 PRO 136 116 ?   ?   ?   A . n 
A 1 137 SER 137 117 ?   ?   ?   A . n 
A 1 138 PRO 138 118 ?   ?   ?   A . n 
A 1 139 GLU 139 119 ?   ?   ?   A . n 
A 1 140 SER 140 120 ?   ?   ?   A . n 
A 1 141 GLU 141 121 ?   ?   ?   A . n 
A 1 142 GLN 142 122 ?   ?   ?   A . n 
A 1 143 GLN 143 123 ?   ?   ?   A . n 
A 1 144 GLN 144 124 ?   ?   ?   A . n 
A 1 145 PHE 145 125 ?   ?   ?   A . n 
A 1 146 SER 146 126 ?   ?   ?   A . n 
A 1 147 ASP 147 127 ?   ?   ?   A . n 
A 1 148 PRO 148 128 ?   ?   ?   A . n 
A 1 149 ASP 149 129 ?   ?   ?   A . n 
A 1 150 TRP 150 130 ?   ?   ?   A . n 
A 1 151 ASP 151 131 ?   ?   ?   A . n 
A 1 152 ASN 152 132 ?   ?   ?   A . n 
A 1 153 LEU 153 133 ?   ?   ?   A . n 
A 1 154 ALA 154 134 ?   ?   ?   A . n 
A 1 155 SER 155 135 ?   ?   ?   A . n 
B 1 1   MET 1   -19 ?   ?   ?   B . n 
B 1 2   GLY 2   -18 ?   ?   ?   B . n 
B 1 3   SER 3   -17 ?   ?   ?   B . n 
B 1 4   SER 4   -16 ?   ?   ?   B . n 
B 1 5   HIS 5   -15 ?   ?   ?   B . n 
B 1 6   HIS 6   -14 ?   ?   ?   B . n 
B 1 7   HIS 7   -13 ?   ?   ?   B . n 
B 1 8   HIS 8   -12 ?   ?   ?   B . n 
B 1 9   HIS 9   -11 ?   ?   ?   B . n 
B 1 10  HIS 10  -10 ?   ?   ?   B . n 
B 1 11  SER 11  -9  ?   ?   ?   B . n 
B 1 12  SER 12  -8  ?   ?   ?   B . n 
B 1 13  GLY 13  -7  ?   ?   ?   B . n 
B 1 14  LEU 14  -6  ?   ?   ?   B . n 
B 1 15  VAL 15  -5  ?   ?   ?   B . n 
B 1 16  PRO 16  -4  ?   ?   ?   B . n 
B 1 17  ARG 17  -3  ?   ?   ?   B . n 
B 1 18  GLY 18  -2  ?   ?   ?   B . n 
B 1 19  SER 19  -1  ?   ?   ?   B . n 
B 1 20  HIS 20  0   ?   ?   ?   B . n 
B 1 21  MET 21  1   1   MET MET B . n 
B 1 22  ASN 22  2   2   ASN ASN B . n 
B 1 23  LEU 23  3   3   LEU LEU B . n 
B 1 24  LYS 24  4   4   LYS LYS B . n 
B 1 25  GLN 25  5   5   GLN GLN B . n 
B 1 26  ILE 26  6   6   ILE ILE B . n 
B 1 27  ALA 27  7   7   ALA ALA B . n 
B 1 28  LYS 28  8   8   LYS LYS B . n 
B 1 29  ASP 29  9   9   ASP ASP B . n 
B 1 30  THR 30  10  10  THR THR B . n 
B 1 31  ALA 31  11  11  ALA ALA B . n 
B 1 32  LYS 32  12  12  LYS LYS B . n 
B 1 33  THR 33  13  13  THR THR B . n 
B 1 34  LEU 34  14  14  LEU LEU B . n 
B 1 35  GLN 35  15  15  GLN GLN B . n 
B 1 36  SER 36  16  16  SER SER B . n 
B 1 37  TYR 37  17  17  TYR TYR B . n 
B 1 38  LEU 38  18  18  LEU LEU B . n 
B 1 39  THR 39  19  19  THR THR B . n 
B 1 40  TYR 40  20  20  TYR TYR B . n 
B 1 41  GLN 41  21  21  GLN GLN B . n 
B 1 42  ALA 42  22  22  ALA ALA B . n 
B 1 43  LEU 43  23  23  LEU LEU B . n 
B 1 44  ARG 44  24  24  ARG ARG B . n 
B 1 45  THR 45  25  25  THR THR B . n 
B 1 46  VAL 46  26  26  VAL VAL B . n 
B 1 47  LEU 47  27  27  LEU LEU B . n 
B 1 48  ALA 48  28  28  ALA ALA B . n 
B 1 49  GLN 49  29  29  GLN GLN B . n 
B 1 50  LEU 50  30  30  LEU LEU B . n 
B 1 51  GLY 51  31  31  GLY GLY B . n 
B 1 52  GLU 52  32  32  GLU GLU B . n 
B 1 53  THR 53  33  33  THR THR B . n 
B 1 54  ASN 54  34  34  ASN ASN B . n 
B 1 55  PRO 55  35  35  PRO PRO B . n 
B 1 56  PRO 56  36  36  PRO PRO B . n 
B 1 57  LEU 57  37  37  LEU LEU B . n 
B 1 58  ALA 58  38  38  ALA ALA B . n 
B 1 59  LEU 59  39  39  LEU LEU B . n 
B 1 60  TRP 60  40  40  TRP TRP B . n 
B 1 61  LEU 61  41  41  LEU LEU B . n 
B 1 62  HIS 62  42  42  HIS HIS B . n 
B 1 63  ASN 63  43  43  ASN ASN B . n 
B 1 64  PHE 64  44  44  PHE PHE B . n 
B 1 65  SER 65  45  45  SER SER B . n 
B 1 66  ALA 66  46  46  ALA ALA B . n 
B 1 67  GLY 67  47  47  GLY GLY B . n 
B 1 68  LYS 68  48  ?   ?   ?   B . n 
B 1 69  VAL 69  49  ?   ?   ?   B . n 
B 1 70  GLN 70  50  50  GLN GLN B . n 
B 1 71  ASP 71  51  51  ASP ASP B . n 
B 1 72  GLY 72  52  52  GLY GLY B . n 
B 1 73  GLU 73  53  53  GLU GLU B . n 
B 1 74  LYS 74  54  54  LYS LYS B . n 
B 1 75  TYR 75  55  55  TYR TYR B . n 
B 1 76  ILE 76  56  56  ILE ILE B . n 
B 1 77  GLU 77  57  57  GLU GLU B . n 
B 1 78  GLU 78  58  58  GLU GLU B . n 
B 1 79  LEU 79  59  59  LEU LEU B . n 
B 1 80  PHE 80  60  60  PHE PHE B . n 
B 1 81  LEU 81  61  61  LEU LEU B . n 
B 1 82  GLU 82  62  62  GLU GLU B . n 
B 1 83  LYS 83  63  63  LYS LYS B . n 
B 1 84  PRO 84  64  64  PRO PRO B . n 
B 1 85  ASP 85  65  65  ASP ASP B . n 
B 1 86  LEU 86  66  66  LEU LEU B . n 
B 1 87  ALA 87  67  67  ALA ALA B . n 
B 1 88  LEU 88  68  68  LEU LEU B . n 
B 1 89  ARG 89  69  69  ARG ARG B . n 
B 1 90  ILE 90  70  70  ILE ILE B . n 
B 1 91  MET 91  71  71  MET MET B . n 
B 1 92  THR 92  72  72  THR THR B . n 
B 1 93  VAL 93  73  73  VAL VAL B . n 
B 1 94  ARG 94  74  74  ARG ARG B . n 
B 1 95  GLU 95  75  75  GLU GLU B . n 
B 1 96  HIS 96  76  76  HIS HIS B . n 
B 1 97  ILE 97  77  77  ILE ILE B . n 
B 1 98  ALA 98  78  78  ALA ALA B . n 
B 1 99  GLU 99  79  79  GLU GLU B . n 
B 1 100 GLU 100 80  80  GLU GLU B . n 
B 1 101 ILE 101 81  81  ILE ILE B . n 
B 1 102 ALA 102 82  82  ALA ALA B . n 
B 1 103 GLU 103 83  83  GLU GLU B . n 
B 1 104 PHE 104 84  84  PHE PHE B . n 
B 1 105 LEU 105 85  85  LEU LEU B . n 
B 1 106 PRO 106 86  86  PRO PRO B . n 
B 1 107 GLU 107 87  87  GLU GLU B . n 
B 1 108 MET 108 88  88  MET MET B . n 
B 1 109 VAL 109 89  89  VAL VAL B . n 
B 1 110 VAL 110 90  90  VAL VAL B . n 
B 1 111 THR 111 91  91  THR THR B . n 
B 1 112 GLY 112 92  92  GLY GLY B . n 
B 1 113 ILE 113 93  93  ILE ILE B . n 
B 1 114 GLN 114 94  94  GLN GLN B . n 
B 1 115 GLN 115 95  95  GLN GLN B . n 
B 1 116 ALA 116 96  96  ALA ALA B . n 
B 1 117 ASN 117 97  97  ASN ASN B . n 
B 1 118 MET 118 98  98  MET MET B . n 
B 1 119 GLU 119 99  99  GLU GLU B . n 
B 1 120 LYS 120 100 100 LYS LYS B . n 
B 1 121 ARG 121 101 101 ARG ARG B . n 
B 1 122 ARG 122 102 102 ARG ARG B . n 
B 1 123 GLN 123 103 103 GLN GLN B . n 
B 1 124 HIS 124 104 104 HIS HIS B . n 
B 1 125 LEU 125 105 105 LEU LEU B . n 
B 1 126 GLU 126 106 106 GLU GLU B . n 
B 1 127 ARG 127 107 107 ARG ARG B . n 
B 1 128 MET 128 108 108 MET MET B . n 
B 1 129 THR 129 109 109 THR THR B . n 
B 1 130 GLN 130 110 110 GLN GLN B . n 
B 1 131 VAL 131 111 111 VAL VAL B . n 
B 1 132 SER 132 112 112 SER SER B . n 
B 1 133 LEU 133 113 113 LEU LEU B . n 
B 1 134 SER 134 114 114 SER SER B . n 
B 1 135 HIS 135 115 ?   ?   ?   B . n 
B 1 136 PRO 136 116 ?   ?   ?   B . n 
B 1 137 SER 137 117 ?   ?   ?   B . n 
B 1 138 PRO 138 118 ?   ?   ?   B . n 
B 1 139 GLU 139 119 ?   ?   ?   B . n 
B 1 140 SER 140 120 ?   ?   ?   B . n 
B 1 141 GLU 141 121 ?   ?   ?   B . n 
B 1 142 GLN 142 122 ?   ?   ?   B . n 
B 1 143 GLN 143 123 ?   ?   ?   B . n 
B 1 144 GLN 144 124 ?   ?   ?   B . n 
B 1 145 PHE 145 125 ?   ?   ?   B . n 
B 1 146 SER 146 126 ?   ?   ?   B . n 
B 1 147 ASP 147 127 ?   ?   ?   B . n 
B 1 148 PRO 148 128 ?   ?   ?   B . n 
B 1 149 ASP 149 129 ?   ?   ?   B . n 
B 1 150 TRP 150 130 ?   ?   ?   B . n 
B 1 151 ASP 151 131 ?   ?   ?   B . n 
B 1 152 ASN 152 132 ?   ?   ?   B . n 
B 1 153 LEU 153 133 ?   ?   ?   B . n 
B 1 154 ALA 154 134 ?   ?   ?   B . n 
B 1 155 SER 155 135 ?   ?   ?   B . n 
# 
loop_
_pdbx_nonpoly_scheme.asym_id 
_pdbx_nonpoly_scheme.entity_id 
_pdbx_nonpoly_scheme.mon_id 
_pdbx_nonpoly_scheme.ndb_seq_num 
_pdbx_nonpoly_scheme.pdb_seq_num 
_pdbx_nonpoly_scheme.auth_seq_num 
_pdbx_nonpoly_scheme.pdb_mon_id 
_pdbx_nonpoly_scheme.auth_mon_id 
_pdbx_nonpoly_scheme.pdb_strand_id 
_pdbx_nonpoly_scheme.pdb_ins_code 
C 2 HOH 1 136 3  HOH HOH A . 
C 2 HOH 2 137 5  HOH HOH A . 
C 2 HOH 3 138 7  HOH HOH A . 
C 2 HOH 4 139 8  HOH HOH A . 
C 2 HOH 5 140 11 HOH HOH A . 
C 2 HOH 6 141 13 HOH HOH A . 
C 2 HOH 7 142 14 HOH HOH A . 
D 2 HOH 1 136 1  HOH HOH B . 
D 2 HOH 2 137 2  HOH HOH B . 
D 2 HOH 3 138 4  HOH HOH B . 
D 2 HOH 4 139 6  HOH HOH B . 
D 2 HOH 5 140 9  HOH HOH B . 
D 2 HOH 6 141 10 HOH HOH B . 
D 2 HOH 7 142 12 HOH HOH B . 
# 
_pdbx_struct_assembly.id                   1 
_pdbx_struct_assembly.details              author_and_software_defined_assembly 
_pdbx_struct_assembly.method_details       PISA 
_pdbx_struct_assembly.oligomeric_details   dimeric 
_pdbx_struct_assembly.oligomeric_count     2 
# 
_pdbx_struct_assembly_gen.assembly_id       1 
_pdbx_struct_assembly_gen.oper_expression   1 
_pdbx_struct_assembly_gen.asym_id_list      A,B,C,D 
# 
loop_
_pdbx_struct_assembly_prop.biol_id 
_pdbx_struct_assembly_prop.type 
_pdbx_struct_assembly_prop.value 
_pdbx_struct_assembly_prop.details 
1 'ABSA (A^2)' 4420  ? 
1 MORE         -42   ? 
1 'SSA (A^2)'  12780 ? 
# 
_pdbx_struct_oper_list.id                   1 
_pdbx_struct_oper_list.type                 'identity operation' 
_pdbx_struct_oper_list.name                 1_555 
_pdbx_struct_oper_list.symmetry_operation   x,y,z 
_pdbx_struct_oper_list.matrix[1][1]         1.0000000000 
_pdbx_struct_oper_list.matrix[1][2]         0.0000000000 
_pdbx_struct_oper_list.matrix[1][3]         0.0000000000 
_pdbx_struct_oper_list.vector[1]            0.0000000000 
_pdbx_struct_oper_list.matrix[2][1]         0.0000000000 
_pdbx_struct_oper_list.matrix[2][2]         1.0000000000 
_pdbx_struct_oper_list.matrix[2][3]         0.0000000000 
_pdbx_struct_oper_list.vector[2]            0.0000000000 
_pdbx_struct_oper_list.matrix[3][1]         0.0000000000 
_pdbx_struct_oper_list.matrix[3][2]         0.0000000000 
_pdbx_struct_oper_list.matrix[3][3]         1.0000000000 
_pdbx_struct_oper_list.vector[3]            0.0000000000 
# 
loop_
_pdbx_audit_revision_history.ordinal 
_pdbx_audit_revision_history.data_content_type 
_pdbx_audit_revision_history.major_revision 
_pdbx_audit_revision_history.minor_revision 
_pdbx_audit_revision_history.revision_date 
1 'Structure model' 1 0 2007-07-10 
2 'Structure model' 1 1 2008-05-01 
3 'Structure model' 1 2 2011-07-13 
4 'Structure model' 1 3 2017-10-18 
5 'Structure model' 1 4 2023-08-30 
# 
_pdbx_audit_revision_details.ordinal             1 
_pdbx_audit_revision_details.revision_ordinal    1 
_pdbx_audit_revision_details.data_content_type   'Structure model' 
_pdbx_audit_revision_details.provider            repository 
_pdbx_audit_revision_details.type                'Initial release' 
_pdbx_audit_revision_details.description         ? 
_pdbx_audit_revision_details.details             ? 
# 
loop_
_pdbx_audit_revision_group.ordinal 
_pdbx_audit_revision_group.revision_ordinal 
_pdbx_audit_revision_group.data_content_type 
_pdbx_audit_revision_group.group 
1 2 'Structure model' 'Version format compliance' 
2 3 'Structure model' 'Source and taxonomy'       
3 3 'Structure model' 'Version format compliance' 
4 4 'Structure model' 'Refinement description'    
5 5 'Structure model' 'Data collection'           
6 5 'Structure model' 'Database references'       
7 5 'Structure model' 'Refinement description'    
# 
loop_
_pdbx_audit_revision_category.ordinal 
_pdbx_audit_revision_category.revision_ordinal 
_pdbx_audit_revision_category.data_content_type 
_pdbx_audit_revision_category.category 
1 4 'Structure model' software                      
2 5 'Structure model' chem_comp_atom                
3 5 'Structure model' chem_comp_bond                
4 5 'Structure model' database_2                    
5 5 'Structure model' pdbx_initial_refinement_model 
6 5 'Structure model' struct_ref_seq_dif            
# 
loop_
_pdbx_audit_revision_item.ordinal 
_pdbx_audit_revision_item.revision_ordinal 
_pdbx_audit_revision_item.data_content_type 
_pdbx_audit_revision_item.item 
1 4 'Structure model' '_software.name'                      
2 5 'Structure model' '_database_2.pdbx_DOI'                
3 5 'Structure model' '_database_2.pdbx_database_accession' 
4 5 'Structure model' '_struct_ref_seq_dif.details'         
# 
loop_
_software.name 
_software.version 
_software.date 
_software.type 
_software.contact_author 
_software.contact_author_email 
_software.classification 
_software.location 
_software.language 
_software.citation_id 
_software.pdbx_ordinal 
SCALA       .        ?                other   'Phil Evans'      pre@mrc-lmb.cam.ac.uk    'data scaling'    
http://www.ccp4.ac.uk/dist/html/INDEX.html Fortran_77 ? 1 
REFMAC      5.2.0005 ?                program 'Murshudov, G.N.' ccp4@dl.ac.uk            refinement        
http://www.ccp4.ac.uk/main.html            Fortran_77 ? 2 
PDB_EXTRACT 2.000    'April. 3, 2006' package PDB               sw-help@rcsb.rutgers.edu 'data extraction' 
http://pdb.rutgers.edu/software/           C++        ? 3 
MAR345      CCD      ?                ?       ?                 ?                        'data collection' ? ?          ? 4 
MOSFLM      .        ?                ?       ?                 ?                        'data reduction'  ? ?          ? 5 
MOLREP      .        ?                ?       ?                 ?                        phasing           ? ?          ? 6 
# 
loop_
_pdbx_validate_torsion.id 
_pdbx_validate_torsion.PDB_model_num 
_pdbx_validate_torsion.auth_comp_id 
_pdbx_validate_torsion.auth_asym_id 
_pdbx_validate_torsion.auth_seq_id 
_pdbx_validate_torsion.PDB_ins_code 
_pdbx_validate_torsion.label_alt_id 
_pdbx_validate_torsion.phi 
_pdbx_validate_torsion.psi 
1 1 GLU A 32 ? ? -67.18 -82.17 
2 1 THR A 33 ? ? -82.49 38.13  
3 1 ASN A 34 ? ? 154.74 80.09  
# 
_pdbx_validate_peptide_omega.id               1 
_pdbx_validate_peptide_omega.PDB_model_num    1 
_pdbx_validate_peptide_omega.auth_comp_id_1   GLN 
_pdbx_validate_peptide_omega.auth_asym_id_1   B 
_pdbx_validate_peptide_omega.auth_seq_id_1    50 
_pdbx_validate_peptide_omega.PDB_ins_code_1   ? 
_pdbx_validate_peptide_omega.label_alt_id_1   ? 
_pdbx_validate_peptide_omega.auth_comp_id_2   ASP 
_pdbx_validate_peptide_omega.auth_asym_id_2   B 
_pdbx_validate_peptide_omega.auth_seq_id_2    51 
_pdbx_validate_peptide_omega.PDB_ins_code_2   ? 
_pdbx_validate_peptide_omega.label_alt_id_2   ? 
_pdbx_validate_peptide_omega.omega            136.22 
# 
loop_
_pdbx_unobs_or_zero_occ_atoms.id 
_pdbx_unobs_or_zero_occ_atoms.PDB_model_num 
_pdbx_unobs_or_zero_occ_atoms.polymer_flag 
_pdbx_unobs_or_zero_occ_atoms.occupancy_flag 
_pdbx_unobs_or_zero_occ_atoms.auth_asym_id 
_pdbx_unobs_or_zero_occ_atoms.auth_comp_id 
_pdbx_unobs_or_zero_occ_atoms.auth_seq_id 
_pdbx_unobs_or_zero_occ_atoms.PDB_ins_code 
_pdbx_unobs_or_zero_occ_atoms.auth_atom_id 
_pdbx_unobs_or_zero_occ_atoms.label_alt_id 
_pdbx_unobs_or_zero_occ_atoms.label_asym_id 
_pdbx_unobs_or_zero_occ_atoms.label_comp_id 
_pdbx_unobs_or_zero_occ_atoms.label_seq_id 
_pdbx_unobs_or_zero_occ_atoms.label_atom_id 
1  1 Y 1 A LYS 4   ? CG  ? A LYS 24  CG  
2  1 Y 1 A LYS 4   ? CD  ? A LYS 24  CD  
3  1 Y 1 A LYS 4   ? CE  ? A LYS 24  CE  
4  1 Y 1 A LYS 4   ? NZ  ? A LYS 24  NZ  
5  1 Y 1 A LYS 12  ? CG  ? A LYS 32  CG  
6  1 Y 1 A LYS 12  ? CD  ? A LYS 32  CD  
7  1 Y 1 A LYS 12  ? CE  ? A LYS 32  CE  
8  1 Y 1 A LYS 12  ? NZ  ? A LYS 32  NZ  
9  1 Y 1 A LEU 39  ? CG  ? A LEU 59  CG  
10 1 Y 1 A LEU 39  ? CD1 ? A LEU 59  CD1 
11 1 Y 1 A LEU 39  ? CD2 ? A LEU 59  CD2 
12 1 Y 1 A ASN 43  ? CG  ? A ASN 63  CG  
13 1 Y 1 A ASN 43  ? OD1 ? A ASN 63  OD1 
14 1 Y 1 A ASN 43  ? ND2 ? A ASN 63  ND2 
15 1 Y 1 A LYS 54  ? CG  ? A LYS 74  CG  
16 1 Y 1 A LYS 54  ? CD  ? A LYS 74  CD  
17 1 Y 1 A LYS 54  ? CE  ? A LYS 74  CE  
18 1 Y 1 A LYS 54  ? NZ  ? A LYS 74  NZ  
19 1 Y 1 A GLU 57  ? CG  ? A GLU 77  CG  
20 1 Y 1 A GLU 57  ? CD  ? A GLU 77  CD  
21 1 Y 1 A GLU 57  ? OE1 ? A GLU 77  OE1 
22 1 Y 1 A GLU 57  ? OE2 ? A GLU 77  OE2 
23 1 Y 1 A GLU 106 ? CG  ? A GLU 126 CG  
24 1 Y 1 A GLU 106 ? CD  ? A GLU 126 CD  
25 1 Y 1 A GLU 106 ? OE1 ? A GLU 126 OE1 
26 1 Y 1 A GLU 106 ? OE2 ? A GLU 126 OE2 
27 1 Y 1 A GLN 110 ? CG  ? A GLN 130 CG  
28 1 Y 1 A GLN 110 ? CD  ? A GLN 130 CD  
29 1 Y 1 A GLN 110 ? OE1 ? A GLN 130 OE1 
30 1 Y 1 A GLN 110 ? NE2 ? A GLN 130 NE2 
31 1 Y 1 B GLU 32  ? CG  ? B GLU 52  CG  
32 1 Y 1 B GLU 32  ? CD  ? B GLU 52  CD  
33 1 Y 1 B GLU 32  ? OE1 ? B GLU 52  OE1 
34 1 Y 1 B GLU 32  ? OE2 ? B GLU 52  OE2 
35 1 Y 1 B LEU 37  ? CG  ? B LEU 57  CG  
36 1 Y 1 B LEU 37  ? CD1 ? B LEU 57  CD1 
37 1 Y 1 B LEU 37  ? CD2 ? B LEU 57  CD2 
38 1 Y 1 B LEU 39  ? CG  ? B LEU 59  CG  
39 1 Y 1 B LEU 39  ? CD1 ? B LEU 59  CD1 
40 1 Y 1 B LEU 39  ? CD2 ? B LEU 59  CD2 
41 1 Y 1 B ASN 43  ? CG  ? B ASN 63  CG  
42 1 Y 1 B ASN 43  ? OD1 ? B ASN 63  OD1 
43 1 Y 1 B ASN 43  ? ND2 ? B ASN 63  ND2 
44 1 Y 1 B SER 45  ? OG  ? B SER 65  OG  
45 1 Y 1 B ASP 51  ? CG  ? B ASP 71  CG  
46 1 Y 1 B ASP 51  ? OD1 ? B ASP 71  OD1 
47 1 Y 1 B ASP 51  ? OD2 ? B ASP 71  OD2 
48 1 Y 1 B LYS 63  ? CG  ? B LYS 83  CG  
49 1 Y 1 B LYS 63  ? CD  ? B LYS 83  CD  
50 1 Y 1 B LYS 63  ? CE  ? B LYS 83  CE  
51 1 Y 1 B LYS 63  ? NZ  ? B LYS 83  NZ  
52 1 Y 1 B ARG 107 ? CG  ? B ARG 127 CG  
53 1 Y 1 B ARG 107 ? CD  ? B ARG 127 CD  
54 1 Y 1 B ARG 107 ? NE  ? B ARG 127 NE  
55 1 Y 1 B ARG 107 ? CZ  ? B ARG 127 CZ  
56 1 Y 1 B ARG 107 ? NH1 ? B ARG 127 NH1 
57 1 Y 1 B ARG 107 ? NH2 ? B ARG 127 NH2 
58 1 Y 1 B GLN 110 ? CG  ? B GLN 130 CG  
59 1 Y 1 B GLN 110 ? CD  ? B GLN 130 CD  
60 1 Y 1 B GLN 110 ? OE1 ? B GLN 130 OE1 
61 1 Y 1 B GLN 110 ? NE2 ? B GLN 130 NE2 
# 
loop_
_pdbx_unobs_or_zero_occ_residues.id 
_pdbx_unobs_or_zero_occ_residues.PDB_model_num 
_pdbx_unobs_or_zero_occ_residues.polymer_flag 
_pdbx_unobs_or_zero_occ_residues.occupancy_flag 
_pdbx_unobs_or_zero_occ_residues.auth_asym_id 
_pdbx_unobs_or_zero_occ_residues.auth_comp_id 
_pdbx_unobs_or_zero_occ_residues.auth_seq_id 
_pdbx_unobs_or_zero_occ_residues.PDB_ins_code 
_pdbx_unobs_or_zero_occ_residues.label_asym_id 
_pdbx_unobs_or_zero_occ_residues.label_comp_id 
_pdbx_unobs_or_zero_occ_residues.label_seq_id 
1  1 Y 1 A MET -19 ? A MET 1   
2  1 Y 1 A GLY -18 ? A GLY 2   
3  1 Y 1 A SER -17 ? A SER 3   
4  1 Y 1 A SER -16 ? A SER 4   
5  1 Y 1 A HIS -15 ? A HIS 5   
6  1 Y 1 A HIS -14 ? A HIS 6   
7  1 Y 1 A HIS -13 ? A HIS 7   
8  1 Y 1 A HIS -12 ? A HIS 8   
9  1 Y 1 A HIS -11 ? A HIS 9   
10 1 Y 1 A HIS -10 ? A HIS 10  
11 1 Y 1 A SER -9  ? A SER 11  
12 1 Y 1 A SER -8  ? A SER 12  
13 1 Y 1 A GLY -7  ? A GLY 13  
14 1 Y 1 A LEU -6  ? A LEU 14  
15 1 Y 1 A VAL -5  ? A VAL 15  
16 1 Y 1 A PRO -4  ? A PRO 16  
17 1 Y 1 A ARG -3  ? A ARG 17  
18 1 Y 1 A GLY -2  ? A GLY 18  
19 1 Y 1 A SER -1  ? A SER 19  
20 1 Y 1 A HIS 0   ? A HIS 20  
21 1 Y 1 A LYS 48  ? A LYS 68  
22 1 Y 1 A VAL 49  ? A VAL 69  
23 1 Y 1 A PRO 116 ? A PRO 136 
24 1 Y 1 A SER 117 ? A SER 137 
25 1 Y 1 A PRO 118 ? A PRO 138 
26 1 Y 1 A GLU 119 ? A GLU 139 
27 1 Y 1 A SER 120 ? A SER 140 
28 1 Y 1 A GLU 121 ? A GLU 141 
29 1 Y 1 A GLN 122 ? A GLN 142 
30 1 Y 1 A GLN 123 ? A GLN 143 
31 1 Y 1 A GLN 124 ? A GLN 144 
32 1 Y 1 A PHE 125 ? A PHE 145 
33 1 Y 1 A SER 126 ? A SER 146 
34 1 Y 1 A ASP 127 ? A ASP 147 
35 1 Y 1 A PRO 128 ? A PRO 148 
36 1 Y 1 A ASP 129 ? A ASP 149 
37 1 Y 1 A TRP 130 ? A TRP 150 
38 1 Y 1 A ASP 131 ? A ASP 151 
39 1 Y 1 A ASN 132 ? A ASN 152 
40 1 Y 1 A LEU 133 ? A LEU 153 
41 1 Y 1 A ALA 134 ? A ALA 154 
42 1 Y 1 A SER 135 ? A SER 155 
43 1 Y 1 B MET -19 ? B MET 1   
44 1 Y 1 B GLY -18 ? B GLY 2   
45 1 Y 1 B SER -17 ? B SER 3   
46 1 Y 1 B SER -16 ? B SER 4   
47 1 Y 1 B HIS -15 ? B HIS 5   
48 1 Y 1 B HIS -14 ? B HIS 6   
49 1 Y 1 B HIS -13 ? B HIS 7   
50 1 Y 1 B HIS -12 ? B HIS 8   
51 1 Y 1 B HIS -11 ? B HIS 9   
52 1 Y 1 B HIS -10 ? B HIS 10  
53 1 Y 1 B SER -9  ? B SER 11  
54 1 Y 1 B SER -8  ? B SER 12  
55 1 Y 1 B GLY -7  ? B GLY 13  
56 1 Y 1 B LEU -6  ? B LEU 14  
57 1 Y 1 B VAL -5  ? B VAL 15  
58 1 Y 1 B PRO -4  ? B PRO 16  
59 1 Y 1 B ARG -3  ? B ARG 17  
60 1 Y 1 B GLY -2  ? B GLY 18  
61 1 Y 1 B SER -1  ? B SER 19  
62 1 Y 1 B HIS 0   ? B HIS 20  
63 1 Y 1 B LYS 48  ? B LYS 68  
64 1 Y 1 B VAL 49  ? B VAL 69  
65 1 Y 1 B HIS 115 ? B HIS 135 
66 1 Y 1 B PRO 116 ? B PRO 136 
67 1 Y 1 B SER 117 ? B SER 137 
68 1 Y 1 B PRO 118 ? B PRO 138 
69 1 Y 1 B GLU 119 ? B GLU 139 
70 1 Y 1 B SER 120 ? B SER 140 
71 1 Y 1 B GLU 121 ? B GLU 141 
72 1 Y 1 B GLN 122 ? B GLN 142 
73 1 Y 1 B GLN 123 ? B GLN 143 
74 1 Y 1 B GLN 124 ? B GLN 144 
75 1 Y 1 B PHE 125 ? B PHE 145 
76 1 Y 1 B SER 126 ? B SER 146 
77 1 Y 1 B ASP 127 ? B ASP 147 
78 1 Y 1 B PRO 128 ? B PRO 148 
79 1 Y 1 B ASP 129 ? B ASP 149 
80 1 Y 1 B TRP 130 ? B TRP 150 
81 1 Y 1 B ASP 131 ? B ASP 151 
82 1 Y 1 B ASN 132 ? B ASN 152 
83 1 Y 1 B LEU 133 ? B LEU 153 
84 1 Y 1 B ALA 134 ? B ALA 154 
85 1 Y 1 B SER 135 ? B SER 155 
# 
loop_
_chem_comp_atom.comp_id 
_chem_comp_atom.atom_id 
_chem_comp_atom.type_symbol 
_chem_comp_atom.pdbx_aromatic_flag 
_chem_comp_atom.pdbx_stereo_config 
_chem_comp_atom.pdbx_ordinal 
ALA N    N N N 1   
ALA CA   C N S 2   
ALA C    C N N 3   
ALA O    O N N 4   
ALA CB   C N N 5   
ALA OXT  O N N 6   
ALA H    H N N 7   
ALA H2   H N N 8   
ALA HA   H N N 9   
ALA HB1  H N N 10  
ALA HB2  H N N 11  
ALA HB3  H N N 12  
ALA HXT  H N N 13  
ARG N    N N N 14  
ARG CA   C N S 15  
ARG C    C N N 16  
ARG O    O N N 17  
ARG CB   C N N 18  
ARG CG   C N N 19  
ARG CD   C N N 20  
ARG NE   N N N 21  
ARG CZ   C N N 22  
ARG NH1  N N N 23  
ARG NH2  N N N 24  
ARG OXT  O N N 25  
ARG H    H N N 26  
ARG H2   H N N 27  
ARG HA   H N N 28  
ARG HB2  H N N 29  
ARG HB3  H N N 30  
ARG HG2  H N N 31  
ARG HG3  H N N 32  
ARG HD2  H N N 33  
ARG HD3  H N N 34  
ARG HE   H N N 35  
ARG HH11 H N N 36  
ARG HH12 H N N 37  
ARG HH21 H N N 38  
ARG HH22 H N N 39  
ARG HXT  H N N 40  
ASN N    N N N 41  
ASN CA   C N S 42  
ASN C    C N N 43  
ASN O    O N N 44  
ASN CB   C N N 45  
ASN CG   C N N 46  
ASN OD1  O N N 47  
ASN ND2  N N N 48  
ASN OXT  O N N 49  
ASN H    H N N 50  
ASN H2   H N N 51  
ASN HA   H N N 52  
ASN HB2  H N N 53  
ASN HB3  H N N 54  
ASN HD21 H N N 55  
ASN HD22 H N N 56  
ASN HXT  H N N 57  
ASP N    N N N 58  
ASP CA   C N S 59  
ASP C    C N N 60  
ASP O    O N N 61  
ASP CB   C N N 62  
ASP CG   C N N 63  
ASP OD1  O N N 64  
ASP OD2  O N N 65  
ASP OXT  O N N 66  
ASP H    H N N 67  
ASP H2   H N N 68  
ASP HA   H N N 69  
ASP HB2  H N N 70  
ASP HB3  H N N 71  
ASP HD2  H N N 72  
ASP HXT  H N N 73  
GLN N    N N N 74  
GLN CA   C N S 75  
GLN C    C N N 76  
GLN O    O N N 77  
GLN CB   C N N 78  
GLN CG   C N N 79  
GLN CD   C N N 80  
GLN OE1  O N N 81  
GLN NE2  N N N 82  
GLN OXT  O N N 83  
GLN H    H N N 84  
GLN H2   H N N 85  
GLN HA   H N N 86  
GLN HB2  H N N 87  
GLN HB3  H N N 88  
GLN HG2  H N N 89  
GLN HG3  H N N 90  
GLN HE21 H N N 91  
GLN HE22 H N N 92  
GLN HXT  H N N 93  
GLU N    N N N 94  
GLU CA   C N S 95  
GLU C    C N N 96  
GLU O    O N N 97  
GLU CB   C N N 98  
GLU CG   C N N 99  
GLU CD   C N N 100 
GLU OE1  O N N 101 
GLU OE2  O N N 102 
GLU OXT  O N N 103 
GLU H    H N N 104 
GLU H2   H N N 105 
GLU HA   H N N 106 
GLU HB2  H N N 107 
GLU HB3  H N N 108 
GLU HG2  H N N 109 
GLU HG3  H N N 110 
GLU HE2  H N N 111 
GLU HXT  H N N 112 
GLY N    N N N 113 
GLY CA   C N N 114 
GLY C    C N N 115 
GLY O    O N N 116 
GLY OXT  O N N 117 
GLY H    H N N 118 
GLY H2   H N N 119 
GLY HA2  H N N 120 
GLY HA3  H N N 121 
GLY HXT  H N N 122 
HIS N    N N N 123 
HIS CA   C N S 124 
HIS C    C N N 125 
HIS O    O N N 126 
HIS CB   C N N 127 
HIS CG   C Y N 128 
HIS ND1  N Y N 129 
HIS CD2  C Y N 130 
HIS CE1  C Y N 131 
HIS NE2  N Y N 132 
HIS OXT  O N N 133 
HIS H    H N N 134 
HIS H2   H N N 135 
HIS HA   H N N 136 
HIS HB2  H N N 137 
HIS HB3  H N N 138 
HIS HD1  H N N 139 
HIS HD2  H N N 140 
HIS HE1  H N N 141 
HIS HE2  H N N 142 
HIS HXT  H N N 143 
HOH O    O N N 144 
HOH H1   H N N 145 
HOH H2   H N N 146 
ILE N    N N N 147 
ILE CA   C N S 148 
ILE C    C N N 149 
ILE O    O N N 150 
ILE CB   C N S 151 
ILE CG1  C N N 152 
ILE CG2  C N N 153 
ILE CD1  C N N 154 
ILE OXT  O N N 155 
ILE H    H N N 156 
ILE H2   H N N 157 
ILE HA   H N N 158 
ILE HB   H N N 159 
ILE HG12 H N N 160 
ILE HG13 H N N 161 
ILE HG21 H N N 162 
ILE HG22 H N N 163 
ILE HG23 H N N 164 
ILE HD11 H N N 165 
ILE HD12 H N N 166 
ILE HD13 H N N 167 
ILE HXT  H N N 168 
LEU N    N N N 169 
LEU CA   C N S 170 
LEU C    C N N 171 
LEU O    O N N 172 
LEU CB   C N N 173 
LEU CG   C N N 174 
LEU CD1  C N N 175 
LEU CD2  C N N 176 
LEU OXT  O N N 177 
LEU H    H N N 178 
LEU H2   H N N 179 
LEU HA   H N N 180 
LEU HB2  H N N 181 
LEU HB3  H N N 182 
LEU HG   H N N 183 
LEU HD11 H N N 184 
LEU HD12 H N N 185 
LEU HD13 H N N 186 
LEU HD21 H N N 187 
LEU HD22 H N N 188 
LEU HD23 H N N 189 
LEU HXT  H N N 190 
LYS N    N N N 191 
LYS CA   C N S 192 
LYS C    C N N 193 
LYS O    O N N 194 
LYS CB   C N N 195 
LYS CG   C N N 196 
LYS CD   C N N 197 
LYS CE   C N N 198 
LYS NZ   N N N 199 
LYS OXT  O N N 200 
LYS H    H N N 201 
LYS H2   H N N 202 
LYS HA   H N N 203 
LYS HB2  H N N 204 
LYS HB3  H N N 205 
LYS HG2  H N N 206 
LYS HG3  H N N 207 
LYS HD2  H N N 208 
LYS HD3  H N N 209 
LYS HE2  H N N 210 
LYS HE3  H N N 211 
LYS HZ1  H N N 212 
LYS HZ2  H N N 213 
LYS HZ3  H N N 214 
LYS HXT  H N N 215 
MET N    N N N 216 
MET CA   C N S 217 
MET C    C N N 218 
MET O    O N N 219 
MET CB   C N N 220 
MET CG   C N N 221 
MET SD   S N N 222 
MET CE   C N N 223 
MET OXT  O N N 224 
MET H    H N N 225 
MET H2   H N N 226 
MET HA   H N N 227 
MET HB2  H N N 228 
MET HB3  H N N 229 
MET HG2  H N N 230 
MET HG3  H N N 231 
MET HE1  H N N 232 
MET HE2  H N N 233 
MET HE3  H N N 234 
MET HXT  H N N 235 
PHE N    N N N 236 
PHE CA   C N S 237 
PHE C    C N N 238 
PHE O    O N N 239 
PHE CB   C N N 240 
PHE CG   C Y N 241 
PHE CD1  C Y N 242 
PHE CD2  C Y N 243 
PHE CE1  C Y N 244 
PHE CE2  C Y N 245 
PHE CZ   C Y N 246 
PHE OXT  O N N 247 
PHE H    H N N 248 
PHE H2   H N N 249 
PHE HA   H N N 250 
PHE HB2  H N N 251 
PHE HB3  H N N 252 
PHE HD1  H N N 253 
PHE HD2  H N N 254 
PHE HE1  H N N 255 
PHE HE2  H N N 256 
PHE HZ   H N N 257 
PHE HXT  H N N 258 
PRO N    N N N 259 
PRO CA   C N S 260 
PRO C    C N N 261 
PRO O    O N N 262 
PRO CB   C N N 263 
PRO CG   C N N 264 
PRO CD   C N N 265 
PRO OXT  O N N 266 
PRO H    H N N 267 
PRO HA   H N N 268 
PRO HB2  H N N 269 
PRO HB3  H N N 270 
PRO HG2  H N N 271 
PRO HG3  H N N 272 
PRO HD2  H N N 273 
PRO HD3  H N N 274 
PRO HXT  H N N 275 
SER N    N N N 276 
SER CA   C N S 277 
SER C    C N N 278 
SER O    O N N 279 
SER CB   C N N 280 
SER OG   O N N 281 
SER OXT  O N N 282 
SER H    H N N 283 
SER H2   H N N 284 
SER HA   H N N 285 
SER HB2  H N N 286 
SER HB3  H N N 287 
SER HG   H N N 288 
SER HXT  H N N 289 
THR N    N N N 290 
THR CA   C N S 291 
THR C    C N N 292 
THR O    O N N 293 
THR CB   C N R 294 
THR OG1  O N N 295 
THR CG2  C N N 296 
THR OXT  O N N 297 
THR H    H N N 298 
THR H2   H N N 299 
THR HA   H N N 300 
THR HB   H N N 301 
THR HG1  H N N 302 
THR HG21 H N N 303 
THR HG22 H N N 304 
THR HG23 H N N 305 
THR HXT  H N N 306 
TRP N    N N N 307 
TRP CA   C N S 308 
TRP C    C N N 309 
TRP O    O N N 310 
TRP CB   C N N 311 
TRP CG   C Y N 312 
TRP CD1  C Y N 313 
TRP CD2  C Y N 314 
TRP NE1  N Y N 315 
TRP CE2  C Y N 316 
TRP CE3  C Y N 317 
TRP CZ2  C Y N 318 
TRP CZ3  C Y N 319 
TRP CH2  C Y N 320 
TRP OXT  O N N 321 
TRP H    H N N 322 
TRP H2   H N N 323 
TRP HA   H N N 324 
TRP HB2  H N N 325 
TRP HB3  H N N 326 
TRP HD1  H N N 327 
TRP HE1  H N N 328 
TRP HE3  H N N 329 
TRP HZ2  H N N 330 
TRP HZ3  H N N 331 
TRP HH2  H N N 332 
TRP HXT  H N N 333 
TYR N    N N N 334 
TYR CA   C N S 335 
TYR C    C N N 336 
TYR O    O N N 337 
TYR CB   C N N 338 
TYR CG   C Y N 339 
TYR CD1  C Y N 340 
TYR CD2  C Y N 341 
TYR CE1  C Y N 342 
TYR CE2  C Y N 343 
TYR CZ   C Y N 344 
TYR OH   O N N 345 
TYR OXT  O N N 346 
TYR H    H N N 347 
TYR H2   H N N 348 
TYR HA   H N N 349 
TYR HB2  H N N 350 
TYR HB3  H N N 351 
TYR HD1  H N N 352 
TYR HD2  H N N 353 
TYR HE1  H N N 354 
TYR HE2  H N N 355 
TYR HH   H N N 356 
TYR HXT  H N N 357 
VAL N    N N N 358 
VAL CA   C N S 359 
VAL C    C N N 360 
VAL O    O N N 361 
VAL CB   C N N 362 
VAL CG1  C N N 363 
VAL CG2  C N N 364 
VAL OXT  O N N 365 
VAL H    H N N 366 
VAL H2   H N N 367 
VAL HA   H N N 368 
VAL HB   H N N 369 
VAL HG11 H N N 370 
VAL HG12 H N N 371 
VAL HG13 H N N 372 
VAL HG21 H N N 373 
VAL HG22 H N N 374 
VAL HG23 H N N 375 
VAL HXT  H N N 376 
# 
loop_
_chem_comp_bond.comp_id 
_chem_comp_bond.atom_id_1 
_chem_comp_bond.atom_id_2 
_chem_comp_bond.value_order 
_chem_comp_bond.pdbx_aromatic_flag 
_chem_comp_bond.pdbx_stereo_config 
_chem_comp_bond.pdbx_ordinal 
ALA N   CA   sing N N 1   
ALA N   H    sing N N 2   
ALA N   H2   sing N N 3   
ALA CA  C    sing N N 4   
ALA CA  CB   sing N N 5   
ALA CA  HA   sing N N 6   
ALA C   O    doub N N 7   
ALA C   OXT  sing N N 8   
ALA CB  HB1  sing N N 9   
ALA CB  HB2  sing N N 10  
ALA CB  HB3  sing N N 11  
ALA OXT HXT  sing N N 12  
ARG N   CA   sing N N 13  
ARG N   H    sing N N 14  
ARG N   H2   sing N N 15  
ARG CA  C    sing N N 16  
ARG CA  CB   sing N N 17  
ARG CA  HA   sing N N 18  
ARG C   O    doub N N 19  
ARG C   OXT  sing N N 20  
ARG CB  CG   sing N N 21  
ARG CB  HB2  sing N N 22  
ARG CB  HB3  sing N N 23  
ARG CG  CD   sing N N 24  
ARG CG  HG2  sing N N 25  
ARG CG  HG3  sing N N 26  
ARG CD  NE   sing N N 27  
ARG CD  HD2  sing N N 28  
ARG CD  HD3  sing N N 29  
ARG NE  CZ   sing N N 30  
ARG NE  HE   sing N N 31  
ARG CZ  NH1  sing N N 32  
ARG CZ  NH2  doub N N 33  
ARG NH1 HH11 sing N N 34  
ARG NH1 HH12 sing N N 35  
ARG NH2 HH21 sing N N 36  
ARG NH2 HH22 sing N N 37  
ARG OXT HXT  sing N N 38  
ASN N   CA   sing N N 39  
ASN N   H    sing N N 40  
ASN N   H2   sing N N 41  
ASN CA  C    sing N N 42  
ASN CA  CB   sing N N 43  
ASN CA  HA   sing N N 44  
ASN C   O    doub N N 45  
ASN C   OXT  sing N N 46  
ASN CB  CG   sing N N 47  
ASN CB  HB2  sing N N 48  
ASN CB  HB3  sing N N 49  
ASN CG  OD1  doub N N 50  
ASN CG  ND2  sing N N 51  
ASN ND2 HD21 sing N N 52  
ASN ND2 HD22 sing N N 53  
ASN OXT HXT  sing N N 54  
ASP N   CA   sing N N 55  
ASP N   H    sing N N 56  
ASP N   H2   sing N N 57  
ASP CA  C    sing N N 58  
ASP CA  CB   sing N N 59  
ASP CA  HA   sing N N 60  
ASP C   O    doub N N 61  
ASP C   OXT  sing N N 62  
ASP CB  CG   sing N N 63  
ASP CB  HB2  sing N N 64  
ASP CB  HB3  sing N N 65  
ASP CG  OD1  doub N N 66  
ASP CG  OD2  sing N N 67  
ASP OD2 HD2  sing N N 68  
ASP OXT HXT  sing N N 69  
GLN N   CA   sing N N 70  
GLN N   H    sing N N 71  
GLN N   H2   sing N N 72  
GLN CA  C    sing N N 73  
GLN CA  CB   sing N N 74  
GLN CA  HA   sing N N 75  
GLN C   O    doub N N 76  
GLN C   OXT  sing N N 77  
GLN CB  CG   sing N N 78  
GLN CB  HB2  sing N N 79  
GLN CB  HB3  sing N N 80  
GLN CG  CD   sing N N 81  
GLN CG  HG2  sing N N 82  
GLN CG  HG3  sing N N 83  
GLN CD  OE1  doub N N 84  
GLN CD  NE2  sing N N 85  
GLN NE2 HE21 sing N N 86  
GLN NE2 HE22 sing N N 87  
GLN OXT HXT  sing N N 88  
GLU N   CA   sing N N 89  
GLU N   H    sing N N 90  
GLU N   H2   sing N N 91  
GLU CA  C    sing N N 92  
GLU CA  CB   sing N N 93  
GLU CA  HA   sing N N 94  
GLU C   O    doub N N 95  
GLU C   OXT  sing N N 96  
GLU CB  CG   sing N N 97  
GLU CB  HB2  sing N N 98  
GLU CB  HB3  sing N N 99  
GLU CG  CD   sing N N 100 
GLU CG  HG2  sing N N 101 
GLU CG  HG3  sing N N 102 
GLU CD  OE1  doub N N 103 
GLU CD  OE2  sing N N 104 
GLU OE2 HE2  sing N N 105 
GLU OXT HXT  sing N N 106 
GLY N   CA   sing N N 107 
GLY N   H    sing N N 108 
GLY N   H2   sing N N 109 
GLY CA  C    sing N N 110 
GLY CA  HA2  sing N N 111 
GLY CA  HA3  sing N N 112 
GLY C   O    doub N N 113 
GLY C   OXT  sing N N 114 
GLY OXT HXT  sing N N 115 
HIS N   CA   sing N N 116 
HIS N   H    sing N N 117 
HIS N   H2   sing N N 118 
HIS CA  C    sing N N 119 
HIS CA  CB   sing N N 120 
HIS CA  HA   sing N N 121 
HIS C   O    doub N N 122 
HIS C   OXT  sing N N 123 
HIS CB  CG   sing N N 124 
HIS CB  HB2  sing N N 125 
HIS CB  HB3  sing N N 126 
HIS CG  ND1  sing Y N 127 
HIS CG  CD2  doub Y N 128 
HIS ND1 CE1  doub Y N 129 
HIS ND1 HD1  sing N N 130 
HIS CD2 NE2  sing Y N 131 
HIS CD2 HD2  sing N N 132 
HIS CE1 NE2  sing Y N 133 
HIS CE1 HE1  sing N N 134 
HIS NE2 HE2  sing N N 135 
HIS OXT HXT  sing N N 136 
HOH O   H1   sing N N 137 
HOH O   H2   sing N N 138 
ILE N   CA   sing N N 139 
ILE N   H    sing N N 140 
ILE N   H2   sing N N 141 
ILE CA  C    sing N N 142 
ILE CA  CB   sing N N 143 
ILE CA  HA   sing N N 144 
ILE C   O    doub N N 145 
ILE C   OXT  sing N N 146 
ILE CB  CG1  sing N N 147 
ILE CB  CG2  sing N N 148 
ILE CB  HB   sing N N 149 
ILE CG1 CD1  sing N N 150 
ILE CG1 HG12 sing N N 151 
ILE CG1 HG13 sing N N 152 
ILE CG2 HG21 sing N N 153 
ILE CG2 HG22 sing N N 154 
ILE CG2 HG23 sing N N 155 
ILE CD1 HD11 sing N N 156 
ILE CD1 HD12 sing N N 157 
ILE CD1 HD13 sing N N 158 
ILE OXT HXT  sing N N 159 
LEU N   CA   sing N N 160 
LEU N   H    sing N N 161 
LEU N   H2   sing N N 162 
LEU CA  C    sing N N 163 
LEU CA  CB   sing N N 164 
LEU CA  HA   sing N N 165 
LEU C   O    doub N N 166 
LEU C   OXT  sing N N 167 
LEU CB  CG   sing N N 168 
LEU CB  HB2  sing N N 169 
LEU CB  HB3  sing N N 170 
LEU CG  CD1  sing N N 171 
LEU CG  CD2  sing N N 172 
LEU CG  HG   sing N N 173 
LEU CD1 HD11 sing N N 174 
LEU CD1 HD12 sing N N 175 
LEU CD1 HD13 sing N N 176 
LEU CD2 HD21 sing N N 177 
LEU CD2 HD22 sing N N 178 
LEU CD2 HD23 sing N N 179 
LEU OXT HXT  sing N N 180 
LYS N   CA   sing N N 181 
LYS N   H    sing N N 182 
LYS N   H2   sing N N 183 
LYS CA  C    sing N N 184 
LYS CA  CB   sing N N 185 
LYS CA  HA   sing N N 186 
LYS C   O    doub N N 187 
LYS C   OXT  sing N N 188 
LYS CB  CG   sing N N 189 
LYS CB  HB2  sing N N 190 
LYS CB  HB3  sing N N 191 
LYS CG  CD   sing N N 192 
LYS CG  HG2  sing N N 193 
LYS CG  HG3  sing N N 194 
LYS CD  CE   sing N N 195 
LYS CD  HD2  sing N N 196 
LYS CD  HD3  sing N N 197 
LYS CE  NZ   sing N N 198 
LYS CE  HE2  sing N N 199 
LYS CE  HE3  sing N N 200 
LYS NZ  HZ1  sing N N 201 
LYS NZ  HZ2  sing N N 202 
LYS NZ  HZ3  sing N N 203 
LYS OXT HXT  sing N N 204 
MET N   CA   sing N N 205 
MET N   H    sing N N 206 
MET N   H2   sing N N 207 
MET CA  C    sing N N 208 
MET CA  CB   sing N N 209 
MET CA  HA   sing N N 210 
MET C   O    doub N N 211 
MET C   OXT  sing N N 212 
MET CB  CG   sing N N 213 
MET CB  HB2  sing N N 214 
MET CB  HB3  sing N N 215 
MET CG  SD   sing N N 216 
MET CG  HG2  sing N N 217 
MET CG  HG3  sing N N 218 
MET SD  CE   sing N N 219 
MET CE  HE1  sing N N 220 
MET CE  HE2  sing N N 221 
MET CE  HE3  sing N N 222 
MET OXT HXT  sing N N 223 
PHE N   CA   sing N N 224 
PHE N   H    sing N N 225 
PHE N   H2   sing N N 226 
PHE CA  C    sing N N 227 
PHE CA  CB   sing N N 228 
PHE CA  HA   sing N N 229 
PHE C   O    doub N N 230 
PHE C   OXT  sing N N 231 
PHE CB  CG   sing N N 232 
PHE CB  HB2  sing N N 233 
PHE CB  HB3  sing N N 234 
PHE CG  CD1  doub Y N 235 
PHE CG  CD2  sing Y N 236 
PHE CD1 CE1  sing Y N 237 
PHE CD1 HD1  sing N N 238 
PHE CD2 CE2  doub Y N 239 
PHE CD2 HD2  sing N N 240 
PHE CE1 CZ   doub Y N 241 
PHE CE1 HE1  sing N N 242 
PHE CE2 CZ   sing Y N 243 
PHE CE2 HE2  sing N N 244 
PHE CZ  HZ   sing N N 245 
PHE OXT HXT  sing N N 246 
PRO N   CA   sing N N 247 
PRO N   CD   sing N N 248 
PRO N   H    sing N N 249 
PRO CA  C    sing N N 250 
PRO CA  CB   sing N N 251 
PRO CA  HA   sing N N 252 
PRO C   O    doub N N 253 
PRO C   OXT  sing N N 254 
PRO CB  CG   sing N N 255 
PRO CB  HB2  sing N N 256 
PRO CB  HB3  sing N N 257 
PRO CG  CD   sing N N 258 
PRO CG  HG2  sing N N 259 
PRO CG  HG3  sing N N 260 
PRO CD  HD2  sing N N 261 
PRO CD  HD3  sing N N 262 
PRO OXT HXT  sing N N 263 
SER N   CA   sing N N 264 
SER N   H    sing N N 265 
SER N   H2   sing N N 266 
SER CA  C    sing N N 267 
SER CA  CB   sing N N 268 
SER CA  HA   sing N N 269 
SER C   O    doub N N 270 
SER C   OXT  sing N N 271 
SER CB  OG   sing N N 272 
SER CB  HB2  sing N N 273 
SER CB  HB3  sing N N 274 
SER OG  HG   sing N N 275 
SER OXT HXT  sing N N 276 
THR N   CA   sing N N 277 
THR N   H    sing N N 278 
THR N   H2   sing N N 279 
THR CA  C    sing N N 280 
THR CA  CB   sing N N 281 
THR CA  HA   sing N N 282 
THR C   O    doub N N 283 
THR C   OXT  sing N N 284 
THR CB  OG1  sing N N 285 
THR CB  CG2  sing N N 286 
THR CB  HB   sing N N 287 
THR OG1 HG1  sing N N 288 
THR CG2 HG21 sing N N 289 
THR CG2 HG22 sing N N 290 
THR CG2 HG23 sing N N 291 
THR OXT HXT  sing N N 292 
TRP N   CA   sing N N 293 
TRP N   H    sing N N 294 
TRP N   H2   sing N N 295 
TRP CA  C    sing N N 296 
TRP CA  CB   sing N N 297 
TRP CA  HA   sing N N 298 
TRP C   O    doub N N 299 
TRP C   OXT  sing N N 300 
TRP CB  CG   sing N N 301 
TRP CB  HB2  sing N N 302 
TRP CB  HB3  sing N N 303 
TRP CG  CD1  doub Y N 304 
TRP CG  CD2  sing Y N 305 
TRP CD1 NE1  sing Y N 306 
TRP CD1 HD1  sing N N 307 
TRP CD2 CE2  doub Y N 308 
TRP CD2 CE3  sing Y N 309 
TRP NE1 CE2  sing Y N 310 
TRP NE1 HE1  sing N N 311 
TRP CE2 CZ2  sing Y N 312 
TRP CE3 CZ3  doub Y N 313 
TRP CE3 HE3  sing N N 314 
TRP CZ2 CH2  doub Y N 315 
TRP CZ2 HZ2  sing N N 316 
TRP CZ3 CH2  sing Y N 317 
TRP CZ3 HZ3  sing N N 318 
TRP CH2 HH2  sing N N 319 
TRP OXT HXT  sing N N 320 
TYR N   CA   sing N N 321 
TYR N   H    sing N N 322 
TYR N   H2   sing N N 323 
TYR CA  C    sing N N 324 
TYR CA  CB   sing N N 325 
TYR CA  HA   sing N N 326 
TYR C   O    doub N N 327 
TYR C   OXT  sing N N 328 
TYR CB  CG   sing N N 329 
TYR CB  HB2  sing N N 330 
TYR CB  HB3  sing N N 331 
TYR CG  CD1  doub Y N 332 
TYR CG  CD2  sing Y N 333 
TYR CD1 CE1  sing Y N 334 
TYR CD1 HD1  sing N N 335 
TYR CD2 CE2  doub Y N 336 
TYR CD2 HD2  sing N N 337 
TYR CE1 CZ   doub Y N 338 
TYR CE1 HE1  sing N N 339 
TYR CE2 CZ   sing Y N 340 
TYR CE2 HE2  sing N N 341 
TYR CZ  OH   sing N N 342 
TYR OH  HH   sing N N 343 
TYR OXT HXT  sing N N 344 
VAL N   CA   sing N N 345 
VAL N   H    sing N N 346 
VAL N   H2   sing N N 347 
VAL CA  C    sing N N 348 
VAL CA  CB   sing N N 349 
VAL CA  HA   sing N N 350 
VAL C   O    doub N N 351 
VAL C   OXT  sing N N 352 
VAL CB  CG1  sing N N 353 
VAL CB  CG2  sing N N 354 
VAL CB  HB   sing N N 355 
VAL CG1 HG11 sing N N 356 
VAL CG1 HG12 sing N N 357 
VAL CG1 HG13 sing N N 358 
VAL CG2 HG21 sing N N 359 
VAL CG2 HG22 sing N N 360 
VAL CG2 HG23 sing N N 361 
VAL OXT HXT  sing N N 362 
# 
_pdbx_entity_nonpoly.entity_id   2 
_pdbx_entity_nonpoly.name        water 
_pdbx_entity_nonpoly.comp_id     HOH 
# 
_pdbx_initial_refinement_model.id               1 
_pdbx_initial_refinement_model.entity_id_list   ? 
_pdbx_initial_refinement_model.type             'experimental model' 
_pdbx_initial_refinement_model.source_name      PDB 
_pdbx_initial_refinement_model.accession_code   2PEN 
_pdbx_initial_refinement_model.details          'PDB entry 2PEN' 
# 
